data_2Z35
# 
_entry.id   2Z35 
# 
_audit_conform.dict_name       mmcif_pdbx.dic 
_audit_conform.dict_version    5.398 
_audit_conform.dict_location   http://mmcif.pdb.org/dictionaries/ascii/mmcif_pdbx.dic 
# 
loop_
_database_2.database_id 
_database_2.database_code 
_database_2.pdbx_database_accession 
_database_2.pdbx_DOI 
PDB   2Z35         pdb_00002z35 10.2210/pdb2z35/pdb 
RCSB  RCSB027461   ?            ?                   
WWPDB D_1000027461 ?            ?                   
# 
loop_
_pdbx_audit_revision_history.ordinal 
_pdbx_audit_revision_history.data_content_type 
_pdbx_audit_revision_history.major_revision 
_pdbx_audit_revision_history.minor_revision 
_pdbx_audit_revision_history.revision_date 
1 'Structure model' 1 0 2007-10-09 
2 'Structure model' 1 1 2011-07-13 
3 'Structure model' 1 2 2024-10-30 
# 
_pdbx_audit_revision_details.ordinal             1 
_pdbx_audit_revision_details.revision_ordinal    1 
_pdbx_audit_revision_details.data_content_type   'Structure model' 
_pdbx_audit_revision_details.provider            repository 
_pdbx_audit_revision_details.type                'Initial release' 
_pdbx_audit_revision_details.description         ? 
_pdbx_audit_revision_details.details             ? 
# 
loop_
_pdbx_audit_revision_group.ordinal 
_pdbx_audit_revision_group.revision_ordinal 
_pdbx_audit_revision_group.data_content_type 
_pdbx_audit_revision_group.group 
1 2 'Structure model' 'Version format compliance' 
2 3 'Structure model' 'Data collection'           
3 3 'Structure model' 'Database references'       
4 3 'Structure model' 'Structure summary'         
# 
loop_
_pdbx_audit_revision_category.ordinal 
_pdbx_audit_revision_category.revision_ordinal 
_pdbx_audit_revision_category.data_content_type 
_pdbx_audit_revision_category.category 
1 3 'Structure model' chem_comp_atom            
2 3 'Structure model' chem_comp_bond            
3 3 'Structure model' database_2                
4 3 'Structure model' pdbx_entry_details        
5 3 'Structure model' pdbx_modification_feature 
# 
loop_
_pdbx_audit_revision_item.ordinal 
_pdbx_audit_revision_item.revision_ordinal 
_pdbx_audit_revision_item.data_content_type 
_pdbx_audit_revision_item.item 
1 3 'Structure model' '_database_2.pdbx_DOI'                
2 3 'Structure model' '_database_2.pdbx_database_accession' 
# 
_pdbx_database_status.status_code                     REL 
_pdbx_database_status.entry_id                        2Z35 
_pdbx_database_status.recvd_initial_deposition_date   2007-06-01 
_pdbx_database_status.deposit_site                    PDBJ 
_pdbx_database_status.process_site                    PDBJ 
_pdbx_database_status.status_code_sf                  REL 
_pdbx_database_status.status_code_mr                  ? 
_pdbx_database_status.SG_entry                        ? 
_pdbx_database_status.pdb_format_compatible           Y 
_pdbx_database_status.status_code_cs                  ? 
_pdbx_database_status.status_code_nmr_data            ? 
_pdbx_database_status.methods_development_category    ? 
# 
loop_
_audit_author.name 
_audit_author.pdbx_ordinal 
'Feng, D.'     1 
'Bond, C.J.'   2 
'Ely, L.K.'    3 
'Garcia, K.C.' 4 
# 
_citation.id                        primary 
_citation.title                     
;Structural evidence for a germline-encoded T cell receptor-major histocompatibility complex interaction 'codon'
;
_citation.journal_abbrev            Nat.Immunol. 
_citation.journal_volume            8 
_citation.page_first                975 
_citation.page_last                 983 
_citation.year                      2007 
_citation.journal_id_ASTM           ? 
_citation.country                   UK 
_citation.journal_id_ISSN           1529-2908 
_citation.journal_id_CSD            ? 
_citation.book_publisher            ? 
_citation.pdbx_database_id_PubMed   17694060 
_citation.pdbx_database_id_DOI      10.1038/ni1502 
# 
loop_
_citation_author.citation_id 
_citation_author.name 
_citation_author.ordinal 
_citation_author.identifier_ORCID 
primary 'Feng, D.'     1 ? 
primary 'Bond, C.J.'   2 ? 
primary 'Ely, L.K.'    3 ? 
primary 'Maynard, J.'  4 ? 
primary 'Garcia, K.C.' 5 ? 
# 
loop_
_entity.id 
_entity.type 
_entity.src_method 
_entity.pdbx_description 
_entity.formula_weight 
_entity.pdbx_number_of_molecules 
_entity.pdbx_ec 
_entity.pdbx_mutation 
_entity.pdbx_fragment 
_entity.details 
1 polymer man 'T-cell receptor alpha-chain' 12396.562 1  ? ? ? ? 
2 polymer man 'T-cell receptor beta-chain'  12079.190 1  ? ? ? ? 
3 water   nat water                         18.015    25 ? ? ? ? 
# 
loop_
_entity_poly.entity_id 
_entity_poly.type 
_entity_poly.nstd_linkage 
_entity_poly.nstd_monomer 
_entity_poly.pdbx_seq_one_letter_code 
_entity_poly.pdbx_seq_one_letter_code_can 
_entity_poly.pdbx_strand_id 
_entity_poly.pdbx_target_identifier 
1 'polypeptide(L)' no no 
;DSVTQTGGQVALSEEDFLTIHCNYSASGYPALFWYVQYPGEGPQFLFRASRDKEKGSSRGFEATYNKEATSFHLQKASVQ
ESDSAVYYCALSENYGNEKITFGAGTKLTIKP
;
;DSVTQTGGQVALSEEDFLTIHCNYSASGYPALFWYVQYPGEGPQFLFRASRDKEKGSSRGFEATYNKEATSFHLQKASVQ
ESDSAVYYCALSENYGNEKITFGAGTKLTIKP
;
A ? 
2 'polypeptide(L)' no no 
;AVTQSPRNKVAVTGEKVTLSCNQTNNHNNMYWYRQDTGHGLRLIYYSYGAGSTEKGDIPDGYKASRPSQENFSLTLESAT
PSQTSVYFCASGDASGAETLYFGPGTRLTVL
;
;AVTQSPRNKVAVTGEKVTLSCNQTNNHNNMYWYRQDTGHGLRLIYYSYGAGSTEKGDIPDGYKASRPSQENFSLTLESAT
PSQTSVYFCASGDASGAETLYFGPGTRLTVL
;
B ? 
# 
_pdbx_entity_nonpoly.entity_id   3 
_pdbx_entity_nonpoly.name        water 
_pdbx_entity_nonpoly.comp_id     HOH 
# 
loop_
_entity_poly_seq.entity_id 
_entity_poly_seq.num 
_entity_poly_seq.mon_id 
_entity_poly_seq.hetero 
1 1   ASP n 
1 2   SER n 
1 3   VAL n 
1 4   THR n 
1 5   GLN n 
1 6   THR n 
1 7   GLY n 
1 8   GLY n 
1 9   GLN n 
1 10  VAL n 
1 11  ALA n 
1 12  LEU n 
1 13  SER n 
1 14  GLU n 
1 15  GLU n 
1 16  ASP n 
1 17  PHE n 
1 18  LEU n 
1 19  THR n 
1 20  ILE n 
1 21  HIS n 
1 22  CYS n 
1 23  ASN n 
1 24  TYR n 
1 25  SER n 
1 26  ALA n 
1 27  SER n 
1 28  GLY n 
1 29  TYR n 
1 30  PRO n 
1 31  ALA n 
1 32  LEU n 
1 33  PHE n 
1 34  TRP n 
1 35  TYR n 
1 36  VAL n 
1 37  GLN n 
1 38  TYR n 
1 39  PRO n 
1 40  GLY n 
1 41  GLU n 
1 42  GLY n 
1 43  PRO n 
1 44  GLN n 
1 45  PHE n 
1 46  LEU n 
1 47  PHE n 
1 48  ARG n 
1 49  ALA n 
1 50  SER n 
1 51  ARG n 
1 52  ASP n 
1 53  LYS n 
1 54  GLU n 
1 55  LYS n 
1 56  GLY n 
1 57  SER n 
1 58  SER n 
1 59  ARG n 
1 60  GLY n 
1 61  PHE n 
1 62  GLU n 
1 63  ALA n 
1 64  THR n 
1 65  TYR n 
1 66  ASN n 
1 67  LYS n 
1 68  GLU n 
1 69  ALA n 
1 70  THR n 
1 71  SER n 
1 72  PHE n 
1 73  HIS n 
1 74  LEU n 
1 75  GLN n 
1 76  LYS n 
1 77  ALA n 
1 78  SER n 
1 79  VAL n 
1 80  GLN n 
1 81  GLU n 
1 82  SER n 
1 83  ASP n 
1 84  SER n 
1 85  ALA n 
1 86  VAL n 
1 87  TYR n 
1 88  TYR n 
1 89  CYS n 
1 90  ALA n 
1 91  LEU n 
1 92  SER n 
1 93  GLU n 
1 94  ASN n 
1 95  TYR n 
1 96  GLY n 
1 97  ASN n 
1 98  GLU n 
1 99  LYS n 
1 100 ILE n 
1 101 THR n 
1 102 PHE n 
1 103 GLY n 
1 104 ALA n 
1 105 GLY n 
1 106 THR n 
1 107 LYS n 
1 108 LEU n 
1 109 THR n 
1 110 ILE n 
1 111 LYS n 
1 112 PRO n 
2 1   ALA n 
2 2   VAL n 
2 3   THR n 
2 4   GLN n 
2 5   SER n 
2 6   PRO n 
2 7   ARG n 
2 8   ASN n 
2 9   LYS n 
2 10  VAL n 
2 11  ALA n 
2 12  VAL n 
2 13  THR n 
2 14  GLY n 
2 15  GLU n 
2 16  LYS n 
2 17  VAL n 
2 18  THR n 
2 19  LEU n 
2 20  SER n 
2 21  CYS n 
2 22  ASN n 
2 23  GLN n 
2 24  THR n 
2 25  ASN n 
2 26  ASN n 
2 27  HIS n 
2 28  ASN n 
2 29  ASN n 
2 30  MET n 
2 31  TYR n 
2 32  TRP n 
2 33  TYR n 
2 34  ARG n 
2 35  GLN n 
2 36  ASP n 
2 37  THR n 
2 38  GLY n 
2 39  HIS n 
2 40  GLY n 
2 41  LEU n 
2 42  ARG n 
2 43  LEU n 
2 44  ILE n 
2 45  TYR n 
2 46  TYR n 
2 47  SER n 
2 48  TYR n 
2 49  GLY n 
2 50  ALA n 
2 51  GLY n 
2 52  SER n 
2 53  THR n 
2 54  GLU n 
2 55  LYS n 
2 56  GLY n 
2 57  ASP n 
2 58  ILE n 
2 59  PRO n 
2 60  ASP n 
2 61  GLY n 
2 62  TYR n 
2 63  LYS n 
2 64  ALA n 
2 65  SER n 
2 66  ARG n 
2 67  PRO n 
2 68  SER n 
2 69  GLN n 
2 70  GLU n 
2 71  ASN n 
2 72  PHE n 
2 73  SER n 
2 74  LEU n 
2 75  THR n 
2 76  LEU n 
2 77  GLU n 
2 78  SER n 
2 79  ALA n 
2 80  THR n 
2 81  PRO n 
2 82  SER n 
2 83  GLN n 
2 84  THR n 
2 85  SER n 
2 86  VAL n 
2 87  TYR n 
2 88  PHE n 
2 89  CYS n 
2 90  ALA n 
2 91  SER n 
2 92  GLY n 
2 93  ASP n 
2 94  ALA n 
2 95  SER n 
2 96  GLY n 
2 97  ALA n 
2 98  GLU n 
2 99  THR n 
2 100 LEU n 
2 101 TYR n 
2 102 PHE n 
2 103 GLY n 
2 104 PRO n 
2 105 GLY n 
2 106 THR n 
2 107 ARG n 
2 108 LEU n 
2 109 THR n 
2 110 VAL n 
2 111 LEU n 
# 
loop_
_entity_src_gen.entity_id 
_entity_src_gen.pdbx_src_id 
_entity_src_gen.pdbx_alt_source_flag 
_entity_src_gen.pdbx_seq_type 
_entity_src_gen.pdbx_beg_seq_num 
_entity_src_gen.pdbx_end_seq_num 
_entity_src_gen.gene_src_common_name 
_entity_src_gen.gene_src_genus 
_entity_src_gen.pdbx_gene_src_gene 
_entity_src_gen.gene_src_species 
_entity_src_gen.gene_src_strain 
_entity_src_gen.gene_src_tissue 
_entity_src_gen.gene_src_tissue_fraction 
_entity_src_gen.gene_src_details 
_entity_src_gen.pdbx_gene_src_fragment 
_entity_src_gen.pdbx_gene_src_scientific_name 
_entity_src_gen.pdbx_gene_src_ncbi_taxonomy_id 
_entity_src_gen.pdbx_gene_src_variant 
_entity_src_gen.pdbx_gene_src_cell_line 
_entity_src_gen.pdbx_gene_src_atcc 
_entity_src_gen.pdbx_gene_src_organ 
_entity_src_gen.pdbx_gene_src_organelle 
_entity_src_gen.pdbx_gene_src_cell 
_entity_src_gen.pdbx_gene_src_cellular_location 
_entity_src_gen.host_org_common_name 
_entity_src_gen.pdbx_host_org_scientific_name 
_entity_src_gen.pdbx_host_org_ncbi_taxonomy_id 
_entity_src_gen.host_org_genus 
_entity_src_gen.pdbx_host_org_gene 
_entity_src_gen.pdbx_host_org_organ 
_entity_src_gen.host_org_species 
_entity_src_gen.pdbx_host_org_tissue 
_entity_src_gen.pdbx_host_org_tissue_fraction 
_entity_src_gen.pdbx_host_org_strain 
_entity_src_gen.pdbx_host_org_variant 
_entity_src_gen.pdbx_host_org_cell_line 
_entity_src_gen.pdbx_host_org_atcc 
_entity_src_gen.pdbx_host_org_culture_collection 
_entity_src_gen.pdbx_host_org_cell 
_entity_src_gen.pdbx_host_org_organelle 
_entity_src_gen.pdbx_host_org_cellular_location 
_entity_src_gen.pdbx_host_org_vector_type 
_entity_src_gen.pdbx_host_org_vector 
_entity_src_gen.host_org_details 
_entity_src_gen.expression_system_id 
_entity_src_gen.plasmid_name 
_entity_src_gen.plasmid_details 
_entity_src_gen.pdbx_description 
1 1 sample ? ? ? 'house mouse' Mus ? ? ? ? ? ? ? 'Mus musculus' 10090 ? ? ? ? ? ? ? ? 'Escherichia coli' 562 Escherichia ? ? ? ? ? 
? ? ? ? ? ? ? ? ? ? ? ? ? ? ? 
2 1 sample ? ? ? 'house mouse' Mus ? ? ? ? ? ? ? 'Mus musculus' 10090 ? ? ? ? ? ? ? ? 'Escherichia coli' 562 Escherichia ? ? ? ? ? 
? ? ? ? ? ? ? ? ? ? ? ? ? ? ? 
# 
loop_
_chem_comp.id 
_chem_comp.type 
_chem_comp.mon_nstd_flag 
_chem_comp.name 
_chem_comp.pdbx_synonyms 
_chem_comp.formula 
_chem_comp.formula_weight 
ALA 'L-peptide linking' y ALANINE         ? 'C3 H7 N O2'     89.093  
ARG 'L-peptide linking' y ARGININE        ? 'C6 H15 N4 O2 1' 175.209 
ASN 'L-peptide linking' y ASPARAGINE      ? 'C4 H8 N2 O3'    132.118 
ASP 'L-peptide linking' y 'ASPARTIC ACID' ? 'C4 H7 N O4'     133.103 
CYS 'L-peptide linking' y CYSTEINE        ? 'C3 H7 N O2 S'   121.158 
GLN 'L-peptide linking' y GLUTAMINE       ? 'C5 H10 N2 O3'   146.144 
GLU 'L-peptide linking' y 'GLUTAMIC ACID' ? 'C5 H9 N O4'     147.129 
GLY 'peptide linking'   y GLYCINE         ? 'C2 H5 N O2'     75.067  
HIS 'L-peptide linking' y HISTIDINE       ? 'C6 H10 N3 O2 1' 156.162 
HOH non-polymer         . WATER           ? 'H2 O'           18.015  
ILE 'L-peptide linking' y ISOLEUCINE      ? 'C6 H13 N O2'    131.173 
LEU 'L-peptide linking' y LEUCINE         ? 'C6 H13 N O2'    131.173 
LYS 'L-peptide linking' y LYSINE          ? 'C6 H15 N2 O2 1' 147.195 
MET 'L-peptide linking' y METHIONINE      ? 'C5 H11 N O2 S'  149.211 
PHE 'L-peptide linking' y PHENYLALANINE   ? 'C9 H11 N O2'    165.189 
PRO 'L-peptide linking' y PROLINE         ? 'C5 H9 N O2'     115.130 
SER 'L-peptide linking' y SERINE          ? 'C3 H7 N O3'     105.093 
THR 'L-peptide linking' y THREONINE       ? 'C4 H9 N O3'     119.119 
TRP 'L-peptide linking' y TRYPTOPHAN      ? 'C11 H12 N2 O2'  204.225 
TYR 'L-peptide linking' y TYROSINE        ? 'C9 H11 N O3'    181.189 
VAL 'L-peptide linking' y VALINE          ? 'C5 H11 N O2'    117.146 
# 
loop_
_pdbx_poly_seq_scheme.asym_id 
_pdbx_poly_seq_scheme.entity_id 
_pdbx_poly_seq_scheme.seq_id 
_pdbx_poly_seq_scheme.mon_id 
_pdbx_poly_seq_scheme.ndb_seq_num 
_pdbx_poly_seq_scheme.pdb_seq_num 
_pdbx_poly_seq_scheme.auth_seq_num 
_pdbx_poly_seq_scheme.pdb_mon_id 
_pdbx_poly_seq_scheme.auth_mon_id 
_pdbx_poly_seq_scheme.pdb_strand_id 
_pdbx_poly_seq_scheme.pdb_ins_code 
_pdbx_poly_seq_scheme.hetero 
A 1 1   ASP 1   1   1   ASP ASP A . n 
A 1 2   SER 2   2   2   SER SER A . n 
A 1 3   VAL 3   3   3   VAL VAL A . n 
A 1 4   THR 4   4   4   THR THR A . n 
A 1 5   GLN 5   5   5   GLN GLN A . n 
A 1 6   THR 6   6   6   THR THR A . n 
A 1 7   GLY 7   7   7   GLY GLY A . n 
A 1 8   GLY 8   8   8   GLY GLY A . n 
A 1 9   GLN 9   9   9   GLN GLN A . n 
A 1 10  VAL 10  10  10  VAL VAL A . n 
A 1 11  ALA 11  11  11  ALA ALA A . n 
A 1 12  LEU 12  12  12  LEU LEU A . n 
A 1 13  SER 13  13  13  SER SER A . n 
A 1 14  GLU 14  14  14  GLU GLU A . n 
A 1 15  GLU 15  15  15  GLU GLU A . n 
A 1 16  ASP 16  16  16  ASP ASP A . n 
A 1 17  PHE 17  17  17  PHE PHE A . n 
A 1 18  LEU 18  18  18  LEU LEU A . n 
A 1 19  THR 19  19  19  THR THR A . n 
A 1 20  ILE 20  20  20  ILE ILE A . n 
A 1 21  HIS 21  21  21  HIS HIS A . n 
A 1 22  CYS 22  22  22  CYS CYS A . n 
A 1 23  ASN 23  23  23  ASN ASN A . n 
A 1 24  TYR 24  24  24  TYR TYR A . n 
A 1 25  SER 25  25  25  SER SER A . n 
A 1 26  ALA 26  26  26  ALA ALA A . n 
A 1 27  SER 27  27  27  SER SER A . n 
A 1 28  GLY 28  28  28  GLY GLY A . n 
A 1 29  TYR 29  29  29  TYR TYR A . n 
A 1 30  PRO 30  30  30  PRO PRO A . n 
A 1 31  ALA 31  31  31  ALA ALA A . n 
A 1 32  LEU 32  32  32  LEU LEU A . n 
A 1 33  PHE 33  33  33  PHE PHE A . n 
A 1 34  TRP 34  34  34  TRP TRP A . n 
A 1 35  TYR 35  35  35  TYR TYR A . n 
A 1 36  VAL 36  36  36  VAL VAL A . n 
A 1 37  GLN 37  37  37  GLN GLN A . n 
A 1 38  TYR 38  38  38  TYR TYR A . n 
A 1 39  PRO 39  39  39  PRO PRO A . n 
A 1 40  GLY 40  40  40  GLY GLY A . n 
A 1 41  GLU 41  41  41  GLU GLU A . n 
A 1 42  GLY 42  42  42  GLY GLY A . n 
A 1 43  PRO 43  43  43  PRO PRO A . n 
A 1 44  GLN 44  44  44  GLN GLN A . n 
A 1 45  PHE 45  45  45  PHE PHE A . n 
A 1 46  LEU 46  46  46  LEU LEU A . n 
A 1 47  PHE 47  47  47  PHE PHE A . n 
A 1 48  ARG 48  48  48  ARG ARG A . n 
A 1 49  ALA 49  49  49  ALA ALA A . n 
A 1 50  SER 50  50  50  SER SER A . n 
A 1 51  ARG 51  51  51  ARG ARG A . n 
A 1 52  ASP 52  52  52  ASP ASP A . n 
A 1 53  LYS 53  53  53  LYS LYS A . n 
A 1 54  GLU 54  54  54  GLU GLU A . n 
A 1 55  LYS 55  55  55  LYS LYS A . n 
A 1 56  GLY 56  56  56  GLY GLY A . n 
A 1 57  SER 57  57  57  SER SER A . n 
A 1 58  SER 58  58  58  SER SER A . n 
A 1 59  ARG 59  59  59  ARG ARG A . n 
A 1 60  GLY 60  61  61  GLY GLY A . n 
A 1 61  PHE 61  62  62  PHE PHE A . n 
A 1 62  GLU 62  63  63  GLU GLU A . n 
A 1 63  ALA 63  64  64  ALA ALA A . n 
A 1 64  THR 64  65  65  THR THR A . n 
A 1 65  TYR 65  66  66  TYR TYR A . n 
A 1 66  ASN 66  67  67  ASN ASN A . n 
A 1 67  LYS 67  68  68  LYS LYS A . n 
A 1 68  GLU 68  69  69  GLU GLU A . n 
A 1 69  ALA 69  70  70  ALA ALA A . n 
A 1 70  THR 70  71  71  THR THR A . n 
A 1 71  SER 71  72  72  SER SER A . n 
A 1 72  PHE 72  73  73  PHE PHE A . n 
A 1 73  HIS 73  74  74  HIS HIS A . n 
A 1 74  LEU 74  75  75  LEU LEU A . n 
A 1 75  GLN 75  76  76  GLN GLN A . n 
A 1 76  LYS 76  77  77  LYS LYS A . n 
A 1 77  ALA 77  78  78  ALA ALA A . n 
A 1 78  SER 78  79  79  SER SER A . n 
A 1 79  VAL 79  80  80  VAL VAL A . n 
A 1 80  GLN 80  81  81  GLN GLN A . n 
A 1 81  GLU 81  82  82  GLU GLU A . n 
A 1 82  SER 82  83  83  SER SER A . n 
A 1 83  ASP 83  84  84  ASP ASP A . n 
A 1 84  SER 84  85  85  SER SER A . n 
A 1 85  ALA 85  86  86  ALA ALA A . n 
A 1 86  VAL 86  87  87  VAL VAL A . n 
A 1 87  TYR 87  88  88  TYR TYR A . n 
A 1 88  TYR 88  89  89  TYR TYR A . n 
A 1 89  CYS 89  90  90  CYS CYS A . n 
A 1 90  ALA 90  91  91  ALA ALA A . n 
A 1 91  LEU 91  92  92  LEU LEU A . n 
A 1 92  SER 92  93  93  SER SER A . n 
A 1 93  GLU 93  98  98  GLU GLU A . n 
A 1 94  ASN 94  99  99  ASN ASN A . n 
A 1 95  TYR 95  100 100 TYR TYR A . n 
A 1 96  GLY 96  101 101 GLY GLY A . n 
A 1 97  ASN 97  101 101 ASN ASN A A n 
A 1 98  GLU 98  102 102 GLU GLU A . n 
A 1 99  LYS 99  103 103 LYS LYS A . n 
A 1 100 ILE 100 104 104 ILE ILE A . n 
A 1 101 THR 101 105 105 THR THR A . n 
A 1 102 PHE 102 106 106 PHE PHE A . n 
A 1 103 GLY 103 107 107 GLY GLY A . n 
A 1 104 ALA 104 108 108 ALA ALA A . n 
A 1 105 GLY 105 109 109 GLY GLY A . n 
A 1 106 THR 106 110 110 THR THR A . n 
A 1 107 LYS 107 111 111 LYS LYS A . n 
A 1 108 LEU 108 112 112 LEU LEU A . n 
A 1 109 THR 109 113 113 THR THR A . n 
A 1 110 ILE 110 114 114 ILE ILE A . n 
A 1 111 LYS 111 115 115 LYS LYS A . n 
A 1 112 PRO 112 116 116 PRO PRO A . n 
B 2 1   ALA 1   3   3   ALA ALA B . n 
B 2 2   VAL 2   4   4   VAL VAL B . n 
B 2 3   THR 3   5   5   THR THR B . n 
B 2 4   GLN 4   6   6   GLN GLN B . n 
B 2 5   SER 5   7   7   SER SER B . n 
B 2 6   PRO 6   8   8   PRO PRO B . n 
B 2 7   ARG 7   9   9   ARG ARG B . n 
B 2 8   ASN 8   10  10  ASN ASN B . n 
B 2 9   LYS 9   11  11  LYS LYS B . n 
B 2 10  VAL 10  12  12  VAL VAL B . n 
B 2 11  ALA 11  13  13  ALA ALA B . n 
B 2 12  VAL 12  14  14  VAL VAL B . n 
B 2 13  THR 13  15  15  THR THR B . n 
B 2 14  GLY 14  16  16  GLY GLY B . n 
B 2 15  GLU 15  17  17  GLU GLU B . n 
B 2 16  LYS 16  18  18  LYS LYS B . n 
B 2 17  VAL 17  19  19  VAL VAL B . n 
B 2 18  THR 18  20  20  THR THR B . n 
B 2 19  LEU 19  21  21  LEU LEU B . n 
B 2 20  SER 20  22  22  SER SER B . n 
B 2 21  CYS 21  23  23  CYS CYS B . n 
B 2 22  ASN 22  24  24  ASN ASN B . n 
B 2 23  GLN 23  25  25  GLN GLN B . n 
B 2 24  THR 24  26  26  THR THR B . n 
B 2 25  ASN 25  27  27  ASN ASN B . n 
B 2 26  ASN 26  28  28  ASN ASN B . n 
B 2 27  HIS 27  29  29  HIS HIS B . n 
B 2 28  ASN 28  30  30  ASN ASN B . n 
B 2 29  ASN 29  31  31  ASN ASN B . n 
B 2 30  MET 30  32  32  MET MET B . n 
B 2 31  TYR 31  33  33  TYR TYR B . n 
B 2 32  TRP 32  34  34  TRP TRP B . n 
B 2 33  TYR 33  35  35  TYR TYR B . n 
B 2 34  ARG 34  36  36  ARG ARG B . n 
B 2 35  GLN 35  37  37  GLN GLN B . n 
B 2 36  ASP 36  38  38  ASP ASP B . n 
B 2 37  THR 37  39  39  THR THR B . n 
B 2 38  GLY 38  40  40  GLY GLY B . n 
B 2 39  HIS 39  41  41  HIS HIS B . n 
B 2 40  GLY 40  42  42  GLY GLY B . n 
B 2 41  LEU 41  43  43  LEU LEU B . n 
B 2 42  ARG 42  44  44  ARG ARG B . n 
B 2 43  LEU 43  45  45  LEU LEU B . n 
B 2 44  ILE 44  46  46  ILE ILE B . n 
B 2 45  TYR 45  47  47  TYR TYR B . n 
B 2 46  TYR 46  48  48  TYR TYR B . n 
B 2 47  SER 47  49  49  SER SER B . n 
B 2 48  TYR 48  50  50  TYR TYR B . n 
B 2 49  GLY 49  51  51  GLY GLY B . n 
B 2 50  ALA 50  52  52  ALA ALA B . n 
B 2 51  GLY 51  53  53  GLY GLY B . n 
B 2 52  SER 52  54  54  SER SER B . n 
B 2 53  THR 53  55  55  THR THR B . n 
B 2 54  GLU 54  56  56  GLU GLU B . n 
B 2 55  LYS 55  57  57  LYS LYS B . n 
B 2 56  GLY 56  58  58  GLY GLY B . n 
B 2 57  ASP 57  59  59  ASP ASP B . n 
B 2 58  ILE 58  60  60  ILE ILE B . n 
B 2 59  PRO 59  61  61  PRO PRO B . n 
B 2 60  ASP 60  62  62  ASP ASP B . n 
B 2 61  GLY 61  63  63  GLY GLY B . n 
B 2 62  TYR 62  65  65  TYR TYR B . n 
B 2 63  LYS 63  66  66  LYS LYS B . n 
B 2 64  ALA 64  67  67  ALA ALA B . n 
B 2 65  SER 65  68  68  SER SER B . n 
B 2 66  ARG 66  69  69  ARG ARG B . n 
B 2 67  PRO 67  70  70  PRO PRO B . n 
B 2 68  SER 68  71  71  SER SER B . n 
B 2 69  GLN 69  72  72  GLN GLN B . n 
B 2 70  GLU 70  73  73  GLU GLU B . n 
B 2 71  ASN 71  74  74  ASN ASN B . n 
B 2 72  PHE 72  75  75  PHE PHE B . n 
B 2 73  SER 73  76  76  SER SER B . n 
B 2 74  LEU 74  77  77  LEU LEU B . n 
B 2 75  THR 75  78  78  THR THR B . n 
B 2 76  LEU 76  79  79  LEU LEU B . n 
B 2 77  GLU 77  80  80  GLU GLU B . n 
B 2 78  SER 78  81  81  SER SER B . n 
B 2 79  ALA 79  82  82  ALA ALA B . n 
B 2 80  THR 80  83  83  THR THR B . n 
B 2 81  PRO 81  84  84  PRO PRO B . n 
B 2 82  SER 82  85  85  SER SER B . n 
B 2 83  GLN 83  86  86  GLN GLN B . n 
B 2 84  THR 84  87  87  THR THR B . n 
B 2 85  SER 85  88  88  SER SER B . n 
B 2 86  VAL 86  89  89  VAL VAL B . n 
B 2 87  TYR 87  90  90  TYR TYR B . n 
B 2 88  PHE 88  91  91  PHE PHE B . n 
B 2 89  CYS 89  92  92  CYS CYS B . n 
B 2 90  ALA 90  93  93  ALA ALA B . n 
B 2 91  SER 91  94  94  SER SER B . n 
B 2 92  GLY 92  95  95  GLY GLY B . n 
B 2 93  ASP 93  96  96  ASP ASP B . n 
B 2 94  ALA 94  97  97  ALA ALA B . n 
B 2 95  SER 95  98  98  SER SER B . n 
B 2 96  GLY 96  99  99  GLY GLY B . n 
B 2 97  ALA 97  100 100 ALA ALA B . n 
B 2 98  GLU 98  104 104 GLU GLU B . n 
B 2 99  THR 99  105 105 THR THR B . n 
B 2 100 LEU 100 106 106 LEU LEU B . n 
B 2 101 TYR 101 107 107 TYR TYR B . n 
B 2 102 PHE 102 108 108 PHE PHE B . n 
B 2 103 GLY 103 109 109 GLY GLY B . n 
B 2 104 PRO 104 110 110 PRO PRO B . n 
B 2 105 GLY 105 111 111 GLY GLY B . n 
B 2 106 THR 106 112 112 THR THR B . n 
B 2 107 ARG 107 113 113 ARG ARG B . n 
B 2 108 LEU 108 114 114 LEU LEU B . n 
B 2 109 THR 109 115 115 THR THR B . n 
B 2 110 VAL 110 116 116 VAL VAL B . n 
B 2 111 LEU 111 117 117 LEU LEU B . n 
# 
loop_
_pdbx_nonpoly_scheme.asym_id 
_pdbx_nonpoly_scheme.entity_id 
_pdbx_nonpoly_scheme.mon_id 
_pdbx_nonpoly_scheme.ndb_seq_num 
_pdbx_nonpoly_scheme.pdb_seq_num 
_pdbx_nonpoly_scheme.auth_seq_num 
_pdbx_nonpoly_scheme.pdb_mon_id 
_pdbx_nonpoly_scheme.auth_mon_id 
_pdbx_nonpoly_scheme.pdb_strand_id 
_pdbx_nonpoly_scheme.pdb_ins_code 
C 3 HOH 1  117 2  HOH TIP A . 
C 3 HOH 2  118 5  HOH TIP A . 
C 3 HOH 3  119 8  HOH TIP A . 
C 3 HOH 4  120 13 HOH TIP A . 
C 3 HOH 5  121 14 HOH TIP A . 
C 3 HOH 6  122 18 HOH TIP A . 
C 3 HOH 7  123 19 HOH TIP A . 
C 3 HOH 8  124 20 HOH TIP A . 
C 3 HOH 9  125 21 HOH TIP A . 
C 3 HOH 10 126 25 HOH TIP A . 
D 3 HOH 1  118 1  HOH TIP B . 
D 3 HOH 2  119 3  HOH TIP B . 
D 3 HOH 3  120 4  HOH TIP B . 
D 3 HOH 4  121 6  HOH TIP B . 
D 3 HOH 5  122 7  HOH TIP B . 
D 3 HOH 6  123 9  HOH TIP B . 
D 3 HOH 7  124 10 HOH TIP B . 
D 3 HOH 8  125 11 HOH TIP B . 
D 3 HOH 9  126 12 HOH TIP B . 
D 3 HOH 10 127 15 HOH TIP B . 
D 3 HOH 11 128 16 HOH TIP B . 
D 3 HOH 12 129 17 HOH TIP B . 
D 3 HOH 13 130 22 HOH TIP B . 
D 3 HOH 14 131 23 HOH TIP B . 
D 3 HOH 15 132 24 HOH TIP B . 
# 
loop_
_software.name 
_software.classification 
_software.version 
_software.citation_id 
_software.pdbx_ordinal 
HKL-2000 'data collection' .   ? 1 
AMoRE    phasing           .   ? 2 
CNS      refinement        1.1 ? 3 
HKL-2000 'data reduction'  .   ? 4 
HKL-2000 'data scaling'    .   ? 5 
# 
_cell.entry_id           2Z35 
_cell.length_a           67.994 
_cell.length_b           73.802 
_cell.length_c           115.374 
_cell.angle_alpha        90.00 
_cell.angle_beta         90.00 
_cell.angle_gamma        90.00 
_cell.Z_PDB              8 
_cell.pdbx_unique_axis   ? 
_cell.length_a_esd       ? 
_cell.length_b_esd       ? 
_cell.length_c_esd       ? 
_cell.angle_alpha_esd    ? 
_cell.angle_beta_esd     ? 
_cell.angle_gamma_esd    ? 
# 
_symmetry.entry_id                         2Z35 
_symmetry.space_group_name_H-M             'I 2 2 2' 
_symmetry.pdbx_full_space_group_name_H-M   ? 
_symmetry.cell_setting                     ? 
_symmetry.Int_Tables_number                23 
_symmetry.space_group_name_Hall            ? 
# 
_exptl.entry_id          2Z35 
_exptl.method            'X-RAY DIFFRACTION' 
_exptl.crystals_number   1 
# 
_exptl_crystal.id                    1 
_exptl_crystal.density_meas          ? 
_exptl_crystal.density_Matthews      2.96 
_exptl_crystal.density_percent_sol   58.39 
_exptl_crystal.description           ? 
_exptl_crystal.F_000                 ? 
_exptl_crystal.preparation           ? 
# 
_exptl_crystal_grow.crystal_id      1 
_exptl_crystal_grow.method          'VAPOR DIFFUSION, SITTING DROP' 
_exptl_crystal_grow.temp            295 
_exptl_crystal_grow.temp_details    ? 
_exptl_crystal_grow.pH              7.5 
_exptl_crystal_grow.pdbx_details    
;0.8M mono-sodium dihydrogen phosphate, 0.8M mono-potassium dihydrogen phosphate and 0.1M HEPES, pH 7.5, VAPOR DIFFUSION, SITTING DROP, temperature 295K
;
_exptl_crystal_grow.pdbx_pH_range   . 
# 
_diffrn.id                     1 
_diffrn.ambient_temp           100 
_diffrn.ambient_temp_details   ? 
_diffrn.crystal_id             1 
# 
_diffrn_radiation.diffrn_id                        1 
_diffrn_radiation.wavelength_id                    1 
_diffrn_radiation.pdbx_monochromatic_or_laue_m_l   M 
_diffrn_radiation.monochromator                    ? 
_diffrn_radiation.pdbx_diffrn_protocol             'SINGLE WAVELENGTH' 
_diffrn_radiation.pdbx_scattering_type             x-ray 
# 
_diffrn_radiation_wavelength.id           1 
_diffrn_radiation_wavelength.wavelength   . 
_diffrn_radiation_wavelength.wt           1.0 
# 
_diffrn_source.diffrn_id                   1 
_diffrn_source.source                      SYNCHROTRON 
_diffrn_source.type                        'SSRL BEAMLINE BL11-1' 
_diffrn_source.pdbx_synchrotron_site       SSRL 
_diffrn_source.pdbx_synchrotron_beamline   BL11-1 
_diffrn_source.pdbx_wavelength             ? 
_diffrn_source.pdbx_wavelength_list        ? 
# 
_reflns.entry_id                     2Z35 
_reflns.observed_criterion_sigma_F   ? 
_reflns.observed_criterion_sigma_I   ? 
_reflns.d_resolution_high            2.2 
_reflns.d_resolution_low             50 
_reflns.number_all                   13532 
_reflns.number_obs                   13532 
_reflns.percent_possible_obs         96.1 
_reflns.pdbx_Rmerge_I_obs            0.066 
_reflns.pdbx_Rsym_value              0.066 
_reflns.pdbx_netI_over_sigmaI        22.2 
_reflns.B_iso_Wilson_estimate        ? 
_reflns.pdbx_redundancy              6.0 
_reflns.R_free_details               ? 
_reflns.limit_h_max                  ? 
_reflns.limit_h_min                  ? 
_reflns.limit_k_max                  ? 
_reflns.limit_k_min                  ? 
_reflns.limit_l_max                  ? 
_reflns.limit_l_min                  ? 
_reflns.observed_criterion_F_max     ? 
_reflns.observed_criterion_F_min     ? 
_reflns.pdbx_chi_squared             ? 
_reflns.pdbx_scaling_rejects         ? 
_reflns.pdbx_diffrn_id               1 
_reflns.pdbx_ordinal                 1 
# 
_reflns_shell.d_res_high             2.2 
_reflns_shell.d_res_low              2.25 
_reflns_shell.percent_possible_all   99.4 
_reflns_shell.Rmerge_I_obs           0.372 
_reflns_shell.pdbx_Rsym_value        0.372 
_reflns_shell.meanI_over_sigI_obs    5.6 
_reflns_shell.pdbx_redundancy        6.1 
_reflns_shell.percent_possible_obs   ? 
_reflns_shell.number_unique_all      13532 
_reflns_shell.number_measured_all    ? 
_reflns_shell.number_measured_obs    ? 
_reflns_shell.number_unique_obs      ? 
_reflns_shell.pdbx_chi_squared       ? 
_reflns_shell.pdbx_diffrn_id         ? 
_reflns_shell.pdbx_ordinal           1 
# 
_refine.entry_id                                 2Z35 
_refine.ls_d_res_high                            2.2 
_refine.ls_d_res_low                             50 
_refine.pdbx_ls_sigma_F                          ? 
_refine.pdbx_ls_sigma_I                          ? 
_refine.ls_number_reflns_all                     13532 
_refine.ls_number_reflns_obs                     13532 
_refine.ls_number_reflns_R_free                  ? 
_refine.ls_percent_reflns_obs                    96.1 
_refine.ls_R_factor_all                          0.263 
_refine.ls_R_factor_obs                          ? 
_refine.ls_R_factor_R_work                       0.263 
_refine.ls_R_factor_R_free                       0.285 
_refine.ls_redundancy_reflns_obs                 ? 
_refine.pdbx_data_cutoff_high_absF               ? 
_refine.pdbx_data_cutoff_low_absF                ? 
_refine.ls_number_parameters                     ? 
_refine.ls_number_restraints                     ? 
_refine.ls_percent_reflns_R_free                 ? 
_refine.ls_R_factor_R_free_error                 ? 
_refine.ls_R_factor_R_free_error_details         ? 
_refine.pdbx_method_to_determine_struct          'MOLECULAR REPLACEMENT' 
_refine.pdbx_starting_model                      ? 
_refine.pdbx_ls_cross_valid_method               ? 
_refine.pdbx_R_Free_selection_details            ? 
_refine.pdbx_stereochem_target_val_spec_case     ? 
_refine.pdbx_stereochemistry_target_values       ? 
_refine.solvent_model_details                    ? 
_refine.solvent_model_param_bsol                 ? 
_refine.solvent_model_param_ksol                 ? 
_refine.occupancy_max                            ? 
_refine.occupancy_min                            ? 
_refine.pdbx_isotropic_thermal_model             ? 
_refine.B_iso_mean                               ? 
_refine.aniso_B[1][1]                            ? 
_refine.aniso_B[1][2]                            ? 
_refine.aniso_B[1][3]                            ? 
_refine.aniso_B[2][2]                            ? 
_refine.aniso_B[2][3]                            ? 
_refine.aniso_B[3][3]                            ? 
_refine.details                                  ? 
_refine.B_iso_min                                ? 
_refine.B_iso_max                                ? 
_refine.correlation_coeff_Fo_to_Fc               ? 
_refine.correlation_coeff_Fo_to_Fc_free          ? 
_refine.pdbx_solvent_vdw_probe_radii             ? 
_refine.pdbx_solvent_ion_probe_radii             ? 
_refine.pdbx_solvent_shrinkage_radii             ? 
_refine.overall_SU_R_Cruickshank_DPI             ? 
_refine.overall_SU_R_free                        ? 
_refine.overall_SU_ML                            ? 
_refine.overall_SU_B                             ? 
_refine.pdbx_overall_ESU_R_Free                  ? 
_refine.pdbx_data_cutoff_high_rms_absF           ? 
_refine.pdbx_overall_ESU_R                       ? 
_refine.ls_wR_factor_R_free                      ? 
_refine.ls_wR_factor_R_work                      ? 
_refine.overall_FOM_free_R_set                   ? 
_refine.overall_FOM_work_R_set                   ? 
_refine.pdbx_refine_id                           'X-RAY DIFFRACTION' 
_refine.pdbx_diffrn_id                           1 
_refine.pdbx_TLS_residual_ADP_flag               ? 
_refine.pdbx_overall_phase_error                 ? 
_refine.pdbx_overall_SU_R_free_Cruickshank_DPI   ? 
_refine.pdbx_overall_SU_R_Blow_DPI               ? 
_refine.pdbx_overall_SU_R_free_Blow_DPI          ? 
# 
_refine_hist.pdbx_refine_id                   'X-RAY DIFFRACTION' 
_refine_hist.cycle_id                         LAST 
_refine_hist.pdbx_number_atoms_protein        1726 
_refine_hist.pdbx_number_atoms_nucleic_acid   0 
_refine_hist.pdbx_number_atoms_ligand         0 
_refine_hist.number_atoms_solvent             25 
_refine_hist.number_atoms_total               1751 
_refine_hist.d_res_high                       2.2 
_refine_hist.d_res_low                        50 
# 
_struct.entry_id                  2Z35 
_struct.title                     'Crystal structure of immune receptor' 
_struct.pdbx_model_details        ? 
_struct.pdbx_CASP_flag            ? 
_struct.pdbx_model_type_details   ? 
# 
_struct_keywords.entry_id        2Z35 
_struct_keywords.pdbx_keywords   'IMMUNE SYSTEM' 
_struct_keywords.text            'immune receptor, IMMUNE SYSTEM' 
# 
loop_
_struct_asym.id 
_struct_asym.pdbx_blank_PDB_chainid_flag 
_struct_asym.pdbx_modified 
_struct_asym.entity_id 
_struct_asym.details 
A N N 1 ? 
B N N 2 ? 
C N N 3 ? 
D N N 3 ? 
# 
loop_
_struct_ref.id 
_struct_ref.entity_id 
_struct_ref.db_name 
_struct_ref.db_code 
_struct_ref.pdbx_db_accession 
_struct_ref.pdbx_db_isoform 
_struct_ref.pdbx_seq_one_letter_code 
_struct_ref.pdbx_align_begin 
1 1 UNP Q5R1F5_MOUSE Q5R1F5 ? ? ? 
2 2 UNP A2NTY6_MOUSE A2NTY6 ? ? ? 
# 
loop_
_struct_ref_seq.align_id 
_struct_ref_seq.ref_id 
_struct_ref_seq.pdbx_PDB_id_code 
_struct_ref_seq.pdbx_strand_id 
_struct_ref_seq.seq_align_beg 
_struct_ref_seq.pdbx_seq_align_beg_ins_code 
_struct_ref_seq.seq_align_end 
_struct_ref_seq.pdbx_seq_align_end_ins_code 
_struct_ref_seq.pdbx_db_accession 
_struct_ref_seq.db_align_beg 
_struct_ref_seq.pdbx_db_align_beg_ins_code 
_struct_ref_seq.db_align_end 
_struct_ref_seq.pdbx_db_align_end_ins_code 
_struct_ref_seq.pdbx_auth_seq_align_beg 
_struct_ref_seq.pdbx_auth_seq_align_end 
1 1 2Z35 A 1 ? 92  ? Q5R1F5 21 ? 112 ? 1 93  
2 2 2Z35 B 1 ? 111 ? A2NTY6 32 ? 144 ? 3 117 
# 
_pdbx_struct_assembly.id                   1 
_pdbx_struct_assembly.details              author_defined_assembly 
_pdbx_struct_assembly.method_details       ? 
_pdbx_struct_assembly.oligomeric_details   dimeric 
_pdbx_struct_assembly.oligomeric_count     2 
# 
_pdbx_struct_assembly_gen.assembly_id       1 
_pdbx_struct_assembly_gen.oper_expression   1 
_pdbx_struct_assembly_gen.asym_id_list      A,B,C,D 
# 
_pdbx_struct_oper_list.id                   1 
_pdbx_struct_oper_list.type                 'identity operation' 
_pdbx_struct_oper_list.name                 1_555 
_pdbx_struct_oper_list.symmetry_operation   x,y,z 
_pdbx_struct_oper_list.matrix[1][1]         1.0000000000 
_pdbx_struct_oper_list.matrix[1][2]         0.0000000000 
_pdbx_struct_oper_list.matrix[1][3]         0.0000000000 
_pdbx_struct_oper_list.vector[1]            0.0000000000 
_pdbx_struct_oper_list.matrix[2][1]         0.0000000000 
_pdbx_struct_oper_list.matrix[2][2]         1.0000000000 
_pdbx_struct_oper_list.matrix[2][3]         0.0000000000 
_pdbx_struct_oper_list.vector[2]            0.0000000000 
_pdbx_struct_oper_list.matrix[3][1]         0.0000000000 
_pdbx_struct_oper_list.matrix[3][2]         0.0000000000 
_pdbx_struct_oper_list.matrix[3][3]         1.0000000000 
_pdbx_struct_oper_list.vector[3]            0.0000000000 
# 
_struct_biol.id        1 
_struct_biol.details   ? 
# 
loop_
_struct_conf.conf_type_id 
_struct_conf.id 
_struct_conf.pdbx_PDB_helix_id 
_struct_conf.beg_label_comp_id 
_struct_conf.beg_label_asym_id 
_struct_conf.beg_label_seq_id 
_struct_conf.pdbx_beg_PDB_ins_code 
_struct_conf.end_label_comp_id 
_struct_conf.end_label_asym_id 
_struct_conf.end_label_seq_id 
_struct_conf.pdbx_end_PDB_ins_code 
_struct_conf.beg_auth_comp_id 
_struct_conf.beg_auth_asym_id 
_struct_conf.beg_auth_seq_id 
_struct_conf.end_auth_comp_id 
_struct_conf.end_auth_asym_id 
_struct_conf.end_auth_seq_id 
_struct_conf.pdbx_PDB_helix_class 
_struct_conf.details 
_struct_conf.pdbx_PDB_helix_length 
HELX_P HELX_P1 1 THR B 80 ? THR B 84 ? THR B 83 THR B 87  5 ? 5 
HELX_P HELX_P2 2 ALA B 94 ? ALA B 97 ? ALA B 97 ALA B 100 5 ? 4 
# 
_struct_conf_type.id          HELX_P 
_struct_conf_type.criteria    ? 
_struct_conf_type.reference   ? 
# 
loop_
_struct_conn.id 
_struct_conn.conn_type_id 
_struct_conn.pdbx_leaving_atom_flag 
_struct_conn.pdbx_PDB_id 
_struct_conn.ptnr1_label_asym_id 
_struct_conn.ptnr1_label_comp_id 
_struct_conn.ptnr1_label_seq_id 
_struct_conn.ptnr1_label_atom_id 
_struct_conn.pdbx_ptnr1_label_alt_id 
_struct_conn.pdbx_ptnr1_PDB_ins_code 
_struct_conn.pdbx_ptnr1_standard_comp_id 
_struct_conn.ptnr1_symmetry 
_struct_conn.ptnr2_label_asym_id 
_struct_conn.ptnr2_label_comp_id 
_struct_conn.ptnr2_label_seq_id 
_struct_conn.ptnr2_label_atom_id 
_struct_conn.pdbx_ptnr2_label_alt_id 
_struct_conn.pdbx_ptnr2_PDB_ins_code 
_struct_conn.ptnr1_auth_asym_id 
_struct_conn.ptnr1_auth_comp_id 
_struct_conn.ptnr1_auth_seq_id 
_struct_conn.ptnr2_auth_asym_id 
_struct_conn.ptnr2_auth_comp_id 
_struct_conn.ptnr2_auth_seq_id 
_struct_conn.ptnr2_symmetry 
_struct_conn.pdbx_ptnr3_label_atom_id 
_struct_conn.pdbx_ptnr3_label_seq_id 
_struct_conn.pdbx_ptnr3_label_comp_id 
_struct_conn.pdbx_ptnr3_label_asym_id 
_struct_conn.pdbx_ptnr3_label_alt_id 
_struct_conn.pdbx_ptnr3_PDB_ins_code 
_struct_conn.details 
_struct_conn.pdbx_dist_value 
_struct_conn.pdbx_value_order 
_struct_conn.pdbx_role 
disulf1 disulf ? ? A CYS 22 SG ? ? ? 1_555 A CYS 89 SG ? ? A CYS 22 A CYS 90 1_555 ? ? ? ? ? ? ? 2.027 ? ? 
disulf2 disulf ? ? B CYS 21 SG ? ? ? 1_555 B CYS 89 SG ? ? B CYS 23 B CYS 92 1_555 ? ? ? ? ? ? ? 2.026 ? ? 
# 
_struct_conn_type.id          disulf 
_struct_conn_type.criteria    ? 
_struct_conn_type.reference   ? 
# 
loop_
_pdbx_modification_feature.ordinal 
_pdbx_modification_feature.label_comp_id 
_pdbx_modification_feature.label_asym_id 
_pdbx_modification_feature.label_seq_id 
_pdbx_modification_feature.label_alt_id 
_pdbx_modification_feature.modified_residue_label_comp_id 
_pdbx_modification_feature.modified_residue_label_asym_id 
_pdbx_modification_feature.modified_residue_label_seq_id 
_pdbx_modification_feature.modified_residue_label_alt_id 
_pdbx_modification_feature.auth_comp_id 
_pdbx_modification_feature.auth_asym_id 
_pdbx_modification_feature.auth_seq_id 
_pdbx_modification_feature.PDB_ins_code 
_pdbx_modification_feature.symmetry 
_pdbx_modification_feature.modified_residue_auth_comp_id 
_pdbx_modification_feature.modified_residue_auth_asym_id 
_pdbx_modification_feature.modified_residue_auth_seq_id 
_pdbx_modification_feature.modified_residue_PDB_ins_code 
_pdbx_modification_feature.modified_residue_symmetry 
_pdbx_modification_feature.comp_id_linking_atom 
_pdbx_modification_feature.modified_residue_id_linking_atom 
_pdbx_modification_feature.modified_residue_id 
_pdbx_modification_feature.ref_pcm_id 
_pdbx_modification_feature.ref_comp_id 
_pdbx_modification_feature.type 
_pdbx_modification_feature.category 
1 CYS A 22 ? CYS A 89 ? CYS A 22 ? 1_555 CYS A 90 ? 1_555 SG SG . . . None 'Disulfide bridge' 
2 CYS B 21 ? CYS B 89 ? CYS B 23 ? 1_555 CYS B 92 ? 1_555 SG SG . . . None 'Disulfide bridge' 
# 
_struct_mon_prot_cis.pdbx_id                1 
_struct_mon_prot_cis.label_comp_id          SER 
_struct_mon_prot_cis.label_seq_id           5 
_struct_mon_prot_cis.label_asym_id          B 
_struct_mon_prot_cis.label_alt_id           . 
_struct_mon_prot_cis.pdbx_PDB_ins_code      ? 
_struct_mon_prot_cis.auth_comp_id           SER 
_struct_mon_prot_cis.auth_seq_id            7 
_struct_mon_prot_cis.auth_asym_id           B 
_struct_mon_prot_cis.pdbx_label_comp_id_2   PRO 
_struct_mon_prot_cis.pdbx_label_seq_id_2    6 
_struct_mon_prot_cis.pdbx_label_asym_id_2   B 
_struct_mon_prot_cis.pdbx_PDB_ins_code_2    ? 
_struct_mon_prot_cis.pdbx_auth_comp_id_2    PRO 
_struct_mon_prot_cis.pdbx_auth_seq_id_2     8 
_struct_mon_prot_cis.pdbx_auth_asym_id_2    B 
_struct_mon_prot_cis.pdbx_PDB_model_num     1 
_struct_mon_prot_cis.pdbx_omega_angle       -0.11 
# 
loop_
_struct_sheet.id 
_struct_sheet.type 
_struct_sheet.number_strands 
_struct_sheet.details 
A ? 2 ? 
B ? 5 ? 
C ? 4 ? 
D ? 2 ? 
E ? 2 ? 
F ? 4 ? 
G ? 6 ? 
H ? 4 ? 
# 
loop_
_struct_sheet_order.sheet_id 
_struct_sheet_order.range_id_1 
_struct_sheet_order.range_id_2 
_struct_sheet_order.offset 
_struct_sheet_order.sense 
A 1 2 ? anti-parallel 
B 1 2 ? parallel      
B 2 3 ? anti-parallel 
B 3 4 ? anti-parallel 
B 4 5 ? anti-parallel 
C 1 2 ? parallel      
C 2 3 ? anti-parallel 
C 3 4 ? anti-parallel 
D 1 2 ? anti-parallel 
E 1 2 ? anti-parallel 
F 1 2 ? anti-parallel 
F 2 3 ? anti-parallel 
F 3 4 ? anti-parallel 
G 1 2 ? parallel      
G 2 3 ? anti-parallel 
G 3 4 ? anti-parallel 
G 4 5 ? anti-parallel 
G 5 6 ? anti-parallel 
H 1 2 ? parallel      
H 2 3 ? anti-parallel 
H 3 4 ? anti-parallel 
# 
loop_
_struct_sheet_range.sheet_id 
_struct_sheet_range.id 
_struct_sheet_range.beg_label_comp_id 
_struct_sheet_range.beg_label_asym_id 
_struct_sheet_range.beg_label_seq_id 
_struct_sheet_range.pdbx_beg_PDB_ins_code 
_struct_sheet_range.end_label_comp_id 
_struct_sheet_range.end_label_asym_id 
_struct_sheet_range.end_label_seq_id 
_struct_sheet_range.pdbx_end_PDB_ins_code 
_struct_sheet_range.beg_auth_comp_id 
_struct_sheet_range.beg_auth_asym_id 
_struct_sheet_range.beg_auth_seq_id 
_struct_sheet_range.end_auth_comp_id 
_struct_sheet_range.end_auth_asym_id 
_struct_sheet_range.end_auth_seq_id 
A 1 SER A 2   ? THR A 4   ? SER A 2   THR A 4   
A 2 ASN A 23  ? SER A 25  ? ASN A 23  SER A 25  
B 1 GLN A 9   ? SER A 13  ? GLN A 9   SER A 13  
B 2 THR A 106 ? LYS A 111 ? THR A 110 LYS A 115 
B 3 VAL A 86  ? SER A 92  ? VAL A 87  SER A 93  
B 4 ALA A 31  ? GLN A 37  ? ALA A 31  GLN A 37  
B 5 GLN A 44  ? ALA A 49  ? GLN A 44  ALA A 49  
C 1 GLN A 9   ? SER A 13  ? GLN A 9   SER A 13  
C 2 THR A 106 ? LYS A 111 ? THR A 110 LYS A 115 
C 3 VAL A 86  ? SER A 92  ? VAL A 87  SER A 93  
C 4 ILE A 100 ? PHE A 102 ? ILE A 104 PHE A 106 
D 1 LEU A 18  ? ILE A 20  ? LEU A 18  ILE A 20  
D 2 LEU A 74  ? LYS A 76  ? LEU A 75  LYS A 77  
E 1 LYS A 55  ? SER A 58  ? LYS A 55  SER A 58  
E 2 PHE A 61  ? THR A 64  ? PHE A 62  THR A 65  
F 1 VAL B 2   ? SER B 5   ? VAL B 4   SER B 7   
F 2 VAL B 17  ? GLN B 23  ? VAL B 19  GLN B 25  
F 3 ASN B 71  ? LEU B 76  ? ASN B 74  LEU B 79  
F 4 LYS B 63  ? SER B 65  ? LYS B 66  SER B 68  
G 1 ASN B 8   ? VAL B 12  ? ASN B 10  VAL B 14  
G 2 THR B 106 ? LEU B 111 ? THR B 112 LEU B 117 
G 3 SER B 85  ? ASP B 93  ? SER B 88  ASP B 96  
G 4 ASN B 29  ? ASP B 36  ? ASN B 31  ASP B 38  
G 5 GLY B 40  ? SER B 47  ? GLY B 42  SER B 49  
G 6 GLU B 54  ? LYS B 55  ? GLU B 56  LYS B 57  
H 1 ASN B 8   ? VAL B 12  ? ASN B 10  VAL B 14  
H 2 THR B 106 ? LEU B 111 ? THR B 112 LEU B 117 
H 3 SER B 85  ? ASP B 93  ? SER B 88  ASP B 96  
H 4 THR B 99  ? PHE B 102 ? THR B 105 PHE B 108 
# 
loop_
_pdbx_struct_sheet_hbond.sheet_id 
_pdbx_struct_sheet_hbond.range_id_1 
_pdbx_struct_sheet_hbond.range_id_2 
_pdbx_struct_sheet_hbond.range_1_label_atom_id 
_pdbx_struct_sheet_hbond.range_1_label_comp_id 
_pdbx_struct_sheet_hbond.range_1_label_asym_id 
_pdbx_struct_sheet_hbond.range_1_label_seq_id 
_pdbx_struct_sheet_hbond.range_1_PDB_ins_code 
_pdbx_struct_sheet_hbond.range_1_auth_atom_id 
_pdbx_struct_sheet_hbond.range_1_auth_comp_id 
_pdbx_struct_sheet_hbond.range_1_auth_asym_id 
_pdbx_struct_sheet_hbond.range_1_auth_seq_id 
_pdbx_struct_sheet_hbond.range_2_label_atom_id 
_pdbx_struct_sheet_hbond.range_2_label_comp_id 
_pdbx_struct_sheet_hbond.range_2_label_asym_id 
_pdbx_struct_sheet_hbond.range_2_label_seq_id 
_pdbx_struct_sheet_hbond.range_2_PDB_ins_code 
_pdbx_struct_sheet_hbond.range_2_auth_atom_id 
_pdbx_struct_sheet_hbond.range_2_auth_comp_id 
_pdbx_struct_sheet_hbond.range_2_auth_asym_id 
_pdbx_struct_sheet_hbond.range_2_auth_seq_id 
A 1 2 N THR A 4   ? N THR A 4   O ASN A 23  ? O ASN A 23  
B 1 2 N VAL A 10  ? N VAL A 10  O LYS A 107 ? O LYS A 111 
B 2 3 O THR A 106 ? O THR A 110 N TYR A 87  ? N TYR A 88  
B 3 4 O ALA A 90  ? O ALA A 91  N PHE A 33  ? N PHE A 33  
B 4 5 N VAL A 36  ? N VAL A 36  O GLN A 44  ? O GLN A 44  
C 1 2 N VAL A 10  ? N VAL A 10  O LYS A 107 ? O LYS A 111 
C 2 3 O THR A 106 ? O THR A 110 N TYR A 87  ? N TYR A 88  
C 3 4 N LEU A 91  ? N LEU A 92  O THR A 101 ? O THR A 105 
D 1 2 N LEU A 18  ? N LEU A 18  O LYS A 76  ? O LYS A 77  
E 1 2 N SER A 58  ? N SER A 58  O PHE A 61  ? O PHE A 62  
F 1 2 N SER B 5   ? N SER B 7   O SER B 20  ? O SER B 22  
F 2 3 N VAL B 17  ? N VAL B 19  O LEU B 76  ? O LEU B 79  
F 3 4 O THR B 75  ? O THR B 78  N LYS B 63  ? N LYS B 66  
G 1 2 N ALA B 11  ? N ALA B 13  O LEU B 111 ? O LEU B 117 
G 2 3 O THR B 106 ? O THR B 112 N TYR B 87  ? N TYR B 90  
G 3 4 O PHE B 88  ? O PHE B 91  N TYR B 33  ? N TYR B 35  
G 4 5 N MET B 30  ? N MET B 32  O SER B 47  ? O SER B 49  
G 5 6 N TYR B 46  ? N TYR B 48  O GLU B 54  ? O GLU B 56  
H 1 2 N ALA B 11  ? N ALA B 13  O LEU B 111 ? O LEU B 117 
H 2 3 O THR B 106 ? O THR B 112 N TYR B 87  ? N TYR B 90  
H 3 4 N ASP B 93  ? N ASP B 96  O THR B 99  ? O THR B 105 
# 
_pdbx_entry_details.entry_id                   2Z35 
_pdbx_entry_details.compound_details           ? 
_pdbx_entry_details.source_details             ? 
_pdbx_entry_details.nonpolymer_details         ? 
_pdbx_entry_details.sequence_details           ? 
_pdbx_entry_details.has_ligand_of_interest     ? 
_pdbx_entry_details.has_protein_modification   Y 
# 
loop_
_pdbx_validate_torsion.id 
_pdbx_validate_torsion.PDB_model_num 
_pdbx_validate_torsion.auth_comp_id 
_pdbx_validate_torsion.auth_asym_id 
_pdbx_validate_torsion.auth_seq_id 
_pdbx_validate_torsion.PDB_ins_code 
_pdbx_validate_torsion.label_alt_id 
_pdbx_validate_torsion.phi 
_pdbx_validate_torsion.psi 
1  1 GLU A 14 ? ? -38.11  131.46  
2  1 SER A 27 ? ? -116.56 56.60   
3  1 TYR A 29 ? ? -54.58  109.85  
4  1 LEU A 46 ? ? -105.36 -60.02  
5  1 LYS A 53 ? ? 74.16   -9.32   
6  1 SER A 58 ? ? 177.32  144.92  
7  1 ARG A 59 ? ? 51.00   16.60   
8  1 THR A 71 ? ? 38.58   55.36   
9  1 PHE A 73 ? ? -158.78 54.37   
10 1 GLN A 81 ? ? -92.58  -158.54 
11 1 SER A 85 ? ? -59.02  102.10  
12 1 ALA A 86 ? ? -167.00 -160.08 
13 1 GLU A 98 ? ? -102.17 50.05   
14 1 ALA B 52 ? ? -39.19  132.59  
# 
_pdbx_database_remark.id     999 
_pdbx_database_remark.text   
;SEQUENCE
The sequnce database for chain A and B 
does not currently exist in UNP.
;
# 
loop_
_chem_comp_atom.comp_id 
_chem_comp_atom.atom_id 
_chem_comp_atom.type_symbol 
_chem_comp_atom.pdbx_aromatic_flag 
_chem_comp_atom.pdbx_stereo_config 
_chem_comp_atom.pdbx_ordinal 
ALA N    N N N 1   
ALA CA   C N S 2   
ALA C    C N N 3   
ALA O    O N N 4   
ALA CB   C N N 5   
ALA OXT  O N N 6   
ALA H    H N N 7   
ALA H2   H N N 8   
ALA HA   H N N 9   
ALA HB1  H N N 10  
ALA HB2  H N N 11  
ALA HB3  H N N 12  
ALA HXT  H N N 13  
ARG N    N N N 14  
ARG CA   C N S 15  
ARG C    C N N 16  
ARG O    O N N 17  
ARG CB   C N N 18  
ARG CG   C N N 19  
ARG CD   C N N 20  
ARG NE   N N N 21  
ARG CZ   C N N 22  
ARG NH1  N N N 23  
ARG NH2  N N N 24  
ARG OXT  O N N 25  
ARG H    H N N 26  
ARG H2   H N N 27  
ARG HA   H N N 28  
ARG HB2  H N N 29  
ARG HB3  H N N 30  
ARG HG2  H N N 31  
ARG HG3  H N N 32  
ARG HD2  H N N 33  
ARG HD3  H N N 34  
ARG HE   H N N 35  
ARG HH11 H N N 36  
ARG HH12 H N N 37  
ARG HH21 H N N 38  
ARG HH22 H N N 39  
ARG HXT  H N N 40  
ASN N    N N N 41  
ASN CA   C N S 42  
ASN C    C N N 43  
ASN O    O N N 44  
ASN CB   C N N 45  
ASN CG   C N N 46  
ASN OD1  O N N 47  
ASN ND2  N N N 48  
ASN OXT  O N N 49  
ASN H    H N N 50  
ASN H2   H N N 51  
ASN HA   H N N 52  
ASN HB2  H N N 53  
ASN HB3  H N N 54  
ASN HD21 H N N 55  
ASN HD22 H N N 56  
ASN HXT  H N N 57  
ASP N    N N N 58  
ASP CA   C N S 59  
ASP C    C N N 60  
ASP O    O N N 61  
ASP CB   C N N 62  
ASP CG   C N N 63  
ASP OD1  O N N 64  
ASP OD2  O N N 65  
ASP OXT  O N N 66  
ASP H    H N N 67  
ASP H2   H N N 68  
ASP HA   H N N 69  
ASP HB2  H N N 70  
ASP HB3  H N N 71  
ASP HD2  H N N 72  
ASP HXT  H N N 73  
CYS N    N N N 74  
CYS CA   C N R 75  
CYS C    C N N 76  
CYS O    O N N 77  
CYS CB   C N N 78  
CYS SG   S N N 79  
CYS OXT  O N N 80  
CYS H    H N N 81  
CYS H2   H N N 82  
CYS HA   H N N 83  
CYS HB2  H N N 84  
CYS HB3  H N N 85  
CYS HG   H N N 86  
CYS HXT  H N N 87  
GLN N    N N N 88  
GLN CA   C N S 89  
GLN C    C N N 90  
GLN O    O N N 91  
GLN CB   C N N 92  
GLN CG   C N N 93  
GLN CD   C N N 94  
GLN OE1  O N N 95  
GLN NE2  N N N 96  
GLN OXT  O N N 97  
GLN H    H N N 98  
GLN H2   H N N 99  
GLN HA   H N N 100 
GLN HB2  H N N 101 
GLN HB3  H N N 102 
GLN HG2  H N N 103 
GLN HG3  H N N 104 
GLN HE21 H N N 105 
GLN HE22 H N N 106 
GLN HXT  H N N 107 
GLU N    N N N 108 
GLU CA   C N S 109 
GLU C    C N N 110 
GLU O    O N N 111 
GLU CB   C N N 112 
GLU CG   C N N 113 
GLU CD   C N N 114 
GLU OE1  O N N 115 
GLU OE2  O N N 116 
GLU OXT  O N N 117 
GLU H    H N N 118 
GLU H2   H N N 119 
GLU HA   H N N 120 
GLU HB2  H N N 121 
GLU HB3  H N N 122 
GLU HG2  H N N 123 
GLU HG3  H N N 124 
GLU HE2  H N N 125 
GLU HXT  H N N 126 
GLY N    N N N 127 
GLY CA   C N N 128 
GLY C    C N N 129 
GLY O    O N N 130 
GLY OXT  O N N 131 
GLY H    H N N 132 
GLY H2   H N N 133 
GLY HA2  H N N 134 
GLY HA3  H N N 135 
GLY HXT  H N N 136 
HIS N    N N N 137 
HIS CA   C N S 138 
HIS C    C N N 139 
HIS O    O N N 140 
HIS CB   C N N 141 
HIS CG   C Y N 142 
HIS ND1  N Y N 143 
HIS CD2  C Y N 144 
HIS CE1  C Y N 145 
HIS NE2  N Y N 146 
HIS OXT  O N N 147 
HIS H    H N N 148 
HIS H2   H N N 149 
HIS HA   H N N 150 
HIS HB2  H N N 151 
HIS HB3  H N N 152 
HIS HD1  H N N 153 
HIS HD2  H N N 154 
HIS HE1  H N N 155 
HIS HE2  H N N 156 
HIS HXT  H N N 157 
HOH O    O N N 158 
HOH H1   H N N 159 
HOH H2   H N N 160 
ILE N    N N N 161 
ILE CA   C N S 162 
ILE C    C N N 163 
ILE O    O N N 164 
ILE CB   C N S 165 
ILE CG1  C N N 166 
ILE CG2  C N N 167 
ILE CD1  C N N 168 
ILE OXT  O N N 169 
ILE H    H N N 170 
ILE H2   H N N 171 
ILE HA   H N N 172 
ILE HB   H N N 173 
ILE HG12 H N N 174 
ILE HG13 H N N 175 
ILE HG21 H N N 176 
ILE HG22 H N N 177 
ILE HG23 H N N 178 
ILE HD11 H N N 179 
ILE HD12 H N N 180 
ILE HD13 H N N 181 
ILE HXT  H N N 182 
LEU N    N N N 183 
LEU CA   C N S 184 
LEU C    C N N 185 
LEU O    O N N 186 
LEU CB   C N N 187 
LEU CG   C N N 188 
LEU CD1  C N N 189 
LEU CD2  C N N 190 
LEU OXT  O N N 191 
LEU H    H N N 192 
LEU H2   H N N 193 
LEU HA   H N N 194 
LEU HB2  H N N 195 
LEU HB3  H N N 196 
LEU HG   H N N 197 
LEU HD11 H N N 198 
LEU HD12 H N N 199 
LEU HD13 H N N 200 
LEU HD21 H N N 201 
LEU HD22 H N N 202 
LEU HD23 H N N 203 
LEU HXT  H N N 204 
LYS N    N N N 205 
LYS CA   C N S 206 
LYS C    C N N 207 
LYS O    O N N 208 
LYS CB   C N N 209 
LYS CG   C N N 210 
LYS CD   C N N 211 
LYS CE   C N N 212 
LYS NZ   N N N 213 
LYS OXT  O N N 214 
LYS H    H N N 215 
LYS H2   H N N 216 
LYS HA   H N N 217 
LYS HB2  H N N 218 
LYS HB3  H N N 219 
LYS HG2  H N N 220 
LYS HG3  H N N 221 
LYS HD2  H N N 222 
LYS HD3  H N N 223 
LYS HE2  H N N 224 
LYS HE3  H N N 225 
LYS HZ1  H N N 226 
LYS HZ2  H N N 227 
LYS HZ3  H N N 228 
LYS HXT  H N N 229 
MET N    N N N 230 
MET CA   C N S 231 
MET C    C N N 232 
MET O    O N N 233 
MET CB   C N N 234 
MET CG   C N N 235 
MET SD   S N N 236 
MET CE   C N N 237 
MET OXT  O N N 238 
MET H    H N N 239 
MET H2   H N N 240 
MET HA   H N N 241 
MET HB2  H N N 242 
MET HB3  H N N 243 
MET HG2  H N N 244 
MET HG3  H N N 245 
MET HE1  H N N 246 
MET HE2  H N N 247 
MET HE3  H N N 248 
MET HXT  H N N 249 
PHE N    N N N 250 
PHE CA   C N S 251 
PHE C    C N N 252 
PHE O    O N N 253 
PHE CB   C N N 254 
PHE CG   C Y N 255 
PHE CD1  C Y N 256 
PHE CD2  C Y N 257 
PHE CE1  C Y N 258 
PHE CE2  C Y N 259 
PHE CZ   C Y N 260 
PHE OXT  O N N 261 
PHE H    H N N 262 
PHE H2   H N N 263 
PHE HA   H N N 264 
PHE HB2  H N N 265 
PHE HB3  H N N 266 
PHE HD1  H N N 267 
PHE HD2  H N N 268 
PHE HE1  H N N 269 
PHE HE2  H N N 270 
PHE HZ   H N N 271 
PHE HXT  H N N 272 
PRO N    N N N 273 
PRO CA   C N S 274 
PRO C    C N N 275 
PRO O    O N N 276 
PRO CB   C N N 277 
PRO CG   C N N 278 
PRO CD   C N N 279 
PRO OXT  O N N 280 
PRO H    H N N 281 
PRO HA   H N N 282 
PRO HB2  H N N 283 
PRO HB3  H N N 284 
PRO HG2  H N N 285 
PRO HG3  H N N 286 
PRO HD2  H N N 287 
PRO HD3  H N N 288 
PRO HXT  H N N 289 
SER N    N N N 290 
SER CA   C N S 291 
SER C    C N N 292 
SER O    O N N 293 
SER CB   C N N 294 
SER OG   O N N 295 
SER OXT  O N N 296 
SER H    H N N 297 
SER H2   H N N 298 
SER HA   H N N 299 
SER HB2  H N N 300 
SER HB3  H N N 301 
SER HG   H N N 302 
SER HXT  H N N 303 
THR N    N N N 304 
THR CA   C N S 305 
THR C    C N N 306 
THR O    O N N 307 
THR CB   C N R 308 
THR OG1  O N N 309 
THR CG2  C N N 310 
THR OXT  O N N 311 
THR H    H N N 312 
THR H2   H N N 313 
THR HA   H N N 314 
THR HB   H N N 315 
THR HG1  H N N 316 
THR HG21 H N N 317 
THR HG22 H N N 318 
THR HG23 H N N 319 
THR HXT  H N N 320 
TRP N    N N N 321 
TRP CA   C N S 322 
TRP C    C N N 323 
TRP O    O N N 324 
TRP CB   C N N 325 
TRP CG   C Y N 326 
TRP CD1  C Y N 327 
TRP CD2  C Y N 328 
TRP NE1  N Y N 329 
TRP CE2  C Y N 330 
TRP CE3  C Y N 331 
TRP CZ2  C Y N 332 
TRP CZ3  C Y N 333 
TRP CH2  C Y N 334 
TRP OXT  O N N 335 
TRP H    H N N 336 
TRP H2   H N N 337 
TRP HA   H N N 338 
TRP HB2  H N N 339 
TRP HB3  H N N 340 
TRP HD1  H N N 341 
TRP HE1  H N N 342 
TRP HE3  H N N 343 
TRP HZ2  H N N 344 
TRP HZ3  H N N 345 
TRP HH2  H N N 346 
TRP HXT  H N N 347 
TYR N    N N N 348 
TYR CA   C N S 349 
TYR C    C N N 350 
TYR O    O N N 351 
TYR CB   C N N 352 
TYR CG   C Y N 353 
TYR CD1  C Y N 354 
TYR CD2  C Y N 355 
TYR CE1  C Y N 356 
TYR CE2  C Y N 357 
TYR CZ   C Y N 358 
TYR OH   O N N 359 
TYR OXT  O N N 360 
TYR H    H N N 361 
TYR H2   H N N 362 
TYR HA   H N N 363 
TYR HB2  H N N 364 
TYR HB3  H N N 365 
TYR HD1  H N N 366 
TYR HD2  H N N 367 
TYR HE1  H N N 368 
TYR HE2  H N N 369 
TYR HH   H N N 370 
TYR HXT  H N N 371 
VAL N    N N N 372 
VAL CA   C N S 373 
VAL C    C N N 374 
VAL O    O N N 375 
VAL CB   C N N 376 
VAL CG1  C N N 377 
VAL CG2  C N N 378 
VAL OXT  O N N 379 
VAL H    H N N 380 
VAL H2   H N N 381 
VAL HA   H N N 382 
VAL HB   H N N 383 
VAL HG11 H N N 384 
VAL HG12 H N N 385 
VAL HG13 H N N 386 
VAL HG21 H N N 387 
VAL HG22 H N N 388 
VAL HG23 H N N 389 
VAL HXT  H N N 390 
# 
loop_
_chem_comp_bond.comp_id 
_chem_comp_bond.atom_id_1 
_chem_comp_bond.atom_id_2 
_chem_comp_bond.value_order 
_chem_comp_bond.pdbx_aromatic_flag 
_chem_comp_bond.pdbx_stereo_config 
_chem_comp_bond.pdbx_ordinal 
ALA N   CA   sing N N 1   
ALA N   H    sing N N 2   
ALA N   H2   sing N N 3   
ALA CA  C    sing N N 4   
ALA CA  CB   sing N N 5   
ALA CA  HA   sing N N 6   
ALA C   O    doub N N 7   
ALA C   OXT  sing N N 8   
ALA CB  HB1  sing N N 9   
ALA CB  HB2  sing N N 10  
ALA CB  HB3  sing N N 11  
ALA OXT HXT  sing N N 12  
ARG N   CA   sing N N 13  
ARG N   H    sing N N 14  
ARG N   H2   sing N N 15  
ARG CA  C    sing N N 16  
ARG CA  CB   sing N N 17  
ARG CA  HA   sing N N 18  
ARG C   O    doub N N 19  
ARG C   OXT  sing N N 20  
ARG CB  CG   sing N N 21  
ARG CB  HB2  sing N N 22  
ARG CB  HB3  sing N N 23  
ARG CG  CD   sing N N 24  
ARG CG  HG2  sing N N 25  
ARG CG  HG3  sing N N 26  
ARG CD  NE   sing N N 27  
ARG CD  HD2  sing N N 28  
ARG CD  HD3  sing N N 29  
ARG NE  CZ   sing N N 30  
ARG NE  HE   sing N N 31  
ARG CZ  NH1  sing N N 32  
ARG CZ  NH2  doub N N 33  
ARG NH1 HH11 sing N N 34  
ARG NH1 HH12 sing N N 35  
ARG NH2 HH21 sing N N 36  
ARG NH2 HH22 sing N N 37  
ARG OXT HXT  sing N N 38  
ASN N   CA   sing N N 39  
ASN N   H    sing N N 40  
ASN N   H2   sing N N 41  
ASN CA  C    sing N N 42  
ASN CA  CB   sing N N 43  
ASN CA  HA   sing N N 44  
ASN C   O    doub N N 45  
ASN C   OXT  sing N N 46  
ASN CB  CG   sing N N 47  
ASN CB  HB2  sing N N 48  
ASN CB  HB3  sing N N 49  
ASN CG  OD1  doub N N 50  
ASN CG  ND2  sing N N 51  
ASN ND2 HD21 sing N N 52  
ASN ND2 HD22 sing N N 53  
ASN OXT HXT  sing N N 54  
ASP N   CA   sing N N 55  
ASP N   H    sing N N 56  
ASP N   H2   sing N N 57  
ASP CA  C    sing N N 58  
ASP CA  CB   sing N N 59  
ASP CA  HA   sing N N 60  
ASP C   O    doub N N 61  
ASP C   OXT  sing N N 62  
ASP CB  CG   sing N N 63  
ASP CB  HB2  sing N N 64  
ASP CB  HB3  sing N N 65  
ASP CG  OD1  doub N N 66  
ASP CG  OD2  sing N N 67  
ASP OD2 HD2  sing N N 68  
ASP OXT HXT  sing N N 69  
CYS N   CA   sing N N 70  
CYS N   H    sing N N 71  
CYS N   H2   sing N N 72  
CYS CA  C    sing N N 73  
CYS CA  CB   sing N N 74  
CYS CA  HA   sing N N 75  
CYS C   O    doub N N 76  
CYS C   OXT  sing N N 77  
CYS CB  SG   sing N N 78  
CYS CB  HB2  sing N N 79  
CYS CB  HB3  sing N N 80  
CYS SG  HG   sing N N 81  
CYS OXT HXT  sing N N 82  
GLN N   CA   sing N N 83  
GLN N   H    sing N N 84  
GLN N   H2   sing N N 85  
GLN CA  C    sing N N 86  
GLN CA  CB   sing N N 87  
GLN CA  HA   sing N N 88  
GLN C   O    doub N N 89  
GLN C   OXT  sing N N 90  
GLN CB  CG   sing N N 91  
GLN CB  HB2  sing N N 92  
GLN CB  HB3  sing N N 93  
GLN CG  CD   sing N N 94  
GLN CG  HG2  sing N N 95  
GLN CG  HG3  sing N N 96  
GLN CD  OE1  doub N N 97  
GLN CD  NE2  sing N N 98  
GLN NE2 HE21 sing N N 99  
GLN NE2 HE22 sing N N 100 
GLN OXT HXT  sing N N 101 
GLU N   CA   sing N N 102 
GLU N   H    sing N N 103 
GLU N   H2   sing N N 104 
GLU CA  C    sing N N 105 
GLU CA  CB   sing N N 106 
GLU CA  HA   sing N N 107 
GLU C   O    doub N N 108 
GLU C   OXT  sing N N 109 
GLU CB  CG   sing N N 110 
GLU CB  HB2  sing N N 111 
GLU CB  HB3  sing N N 112 
GLU CG  CD   sing N N 113 
GLU CG  HG2  sing N N 114 
GLU CG  HG3  sing N N 115 
GLU CD  OE1  doub N N 116 
GLU CD  OE2  sing N N 117 
GLU OE2 HE2  sing N N 118 
GLU OXT HXT  sing N N 119 
GLY N   CA   sing N N 120 
GLY N   H    sing N N 121 
GLY N   H2   sing N N 122 
GLY CA  C    sing N N 123 
GLY CA  HA2  sing N N 124 
GLY CA  HA3  sing N N 125 
GLY C   O    doub N N 126 
GLY C   OXT  sing N N 127 
GLY OXT HXT  sing N N 128 
HIS N   CA   sing N N 129 
HIS N   H    sing N N 130 
HIS N   H2   sing N N 131 
HIS CA  C    sing N N 132 
HIS CA  CB   sing N N 133 
HIS CA  HA   sing N N 134 
HIS C   O    doub N N 135 
HIS C   OXT  sing N N 136 
HIS CB  CG   sing N N 137 
HIS CB  HB2  sing N N 138 
HIS CB  HB3  sing N N 139 
HIS CG  ND1  sing Y N 140 
HIS CG  CD2  doub Y N 141 
HIS ND1 CE1  doub Y N 142 
HIS ND1 HD1  sing N N 143 
HIS CD2 NE2  sing Y N 144 
HIS CD2 HD2  sing N N 145 
HIS CE1 NE2  sing Y N 146 
HIS CE1 HE1  sing N N 147 
HIS NE2 HE2  sing N N 148 
HIS OXT HXT  sing N N 149 
HOH O   H1   sing N N 150 
HOH O   H2   sing N N 151 
ILE N   CA   sing N N 152 
ILE N   H    sing N N 153 
ILE N   H2   sing N N 154 
ILE CA  C    sing N N 155 
ILE CA  CB   sing N N 156 
ILE CA  HA   sing N N 157 
ILE C   O    doub N N 158 
ILE C   OXT  sing N N 159 
ILE CB  CG1  sing N N 160 
ILE CB  CG2  sing N N 161 
ILE CB  HB   sing N N 162 
ILE CG1 CD1  sing N N 163 
ILE CG1 HG12 sing N N 164 
ILE CG1 HG13 sing N N 165 
ILE CG2 HG21 sing N N 166 
ILE CG2 HG22 sing N N 167 
ILE CG2 HG23 sing N N 168 
ILE CD1 HD11 sing N N 169 
ILE CD1 HD12 sing N N 170 
ILE CD1 HD13 sing N N 171 
ILE OXT HXT  sing N N 172 
LEU N   CA   sing N N 173 
LEU N   H    sing N N 174 
LEU N   H2   sing N N 175 
LEU CA  C    sing N N 176 
LEU CA  CB   sing N N 177 
LEU CA  HA   sing N N 178 
LEU C   O    doub N N 179 
LEU C   OXT  sing N N 180 
LEU CB  CG   sing N N 181 
LEU CB  HB2  sing N N 182 
LEU CB  HB3  sing N N 183 
LEU CG  CD1  sing N N 184 
LEU CG  CD2  sing N N 185 
LEU CG  HG   sing N N 186 
LEU CD1 HD11 sing N N 187 
LEU CD1 HD12 sing N N 188 
LEU CD1 HD13 sing N N 189 
LEU CD2 HD21 sing N N 190 
LEU CD2 HD22 sing N N 191 
LEU CD2 HD23 sing N N 192 
LEU OXT HXT  sing N N 193 
LYS N   CA   sing N N 194 
LYS N   H    sing N N 195 
LYS N   H2   sing N N 196 
LYS CA  C    sing N N 197 
LYS CA  CB   sing N N 198 
LYS CA  HA   sing N N 199 
LYS C   O    doub N N 200 
LYS C   OXT  sing N N 201 
LYS CB  CG   sing N N 202 
LYS CB  HB2  sing N N 203 
LYS CB  HB3  sing N N 204 
LYS CG  CD   sing N N 205 
LYS CG  HG2  sing N N 206 
LYS CG  HG3  sing N N 207 
LYS CD  CE   sing N N 208 
LYS CD  HD2  sing N N 209 
LYS CD  HD3  sing N N 210 
LYS CE  NZ   sing N N 211 
LYS CE  HE2  sing N N 212 
LYS CE  HE3  sing N N 213 
LYS NZ  HZ1  sing N N 214 
LYS NZ  HZ2  sing N N 215 
LYS NZ  HZ3  sing N N 216 
LYS OXT HXT  sing N N 217 
MET N   CA   sing N N 218 
MET N   H    sing N N 219 
MET N   H2   sing N N 220 
MET CA  C    sing N N 221 
MET CA  CB   sing N N 222 
MET CA  HA   sing N N 223 
MET C   O    doub N N 224 
MET C   OXT  sing N N 225 
MET CB  CG   sing N N 226 
MET CB  HB2  sing N N 227 
MET CB  HB3  sing N N 228 
MET CG  SD   sing N N 229 
MET CG  HG2  sing N N 230 
MET CG  HG3  sing N N 231 
MET SD  CE   sing N N 232 
MET CE  HE1  sing N N 233 
MET CE  HE2  sing N N 234 
MET CE  HE3  sing N N 235 
MET OXT HXT  sing N N 236 
PHE N   CA   sing N N 237 
PHE N   H    sing N N 238 
PHE N   H2   sing N N 239 
PHE CA  C    sing N N 240 
PHE CA  CB   sing N N 241 
PHE CA  HA   sing N N 242 
PHE C   O    doub N N 243 
PHE C   OXT  sing N N 244 
PHE CB  CG   sing N N 245 
PHE CB  HB2  sing N N 246 
PHE CB  HB3  sing N N 247 
PHE CG  CD1  doub Y N 248 
PHE CG  CD2  sing Y N 249 
PHE CD1 CE1  sing Y N 250 
PHE CD1 HD1  sing N N 251 
PHE CD2 CE2  doub Y N 252 
PHE CD2 HD2  sing N N 253 
PHE CE1 CZ   doub Y N 254 
PHE CE1 HE1  sing N N 255 
PHE CE2 CZ   sing Y N 256 
PHE CE2 HE2  sing N N 257 
PHE CZ  HZ   sing N N 258 
PHE OXT HXT  sing N N 259 
PRO N   CA   sing N N 260 
PRO N   CD   sing N N 261 
PRO N   H    sing N N 262 
PRO CA  C    sing N N 263 
PRO CA  CB   sing N N 264 
PRO CA  HA   sing N N 265 
PRO C   O    doub N N 266 
PRO C   OXT  sing N N 267 
PRO CB  CG   sing N N 268 
PRO CB  HB2  sing N N 269 
PRO CB  HB3  sing N N 270 
PRO CG  CD   sing N N 271 
PRO CG  HG2  sing N N 272 
PRO CG  HG3  sing N N 273 
PRO CD  HD2  sing N N 274 
PRO CD  HD3  sing N N 275 
PRO OXT HXT  sing N N 276 
SER N   CA   sing N N 277 
SER N   H    sing N N 278 
SER N   H2   sing N N 279 
SER CA  C    sing N N 280 
SER CA  CB   sing N N 281 
SER CA  HA   sing N N 282 
SER C   O    doub N N 283 
SER C   OXT  sing N N 284 
SER CB  OG   sing N N 285 
SER CB  HB2  sing N N 286 
SER CB  HB3  sing N N 287 
SER OG  HG   sing N N 288 
SER OXT HXT  sing N N 289 
THR N   CA   sing N N 290 
THR N   H    sing N N 291 
THR N   H2   sing N N 292 
THR CA  C    sing N N 293 
THR CA  CB   sing N N 294 
THR CA  HA   sing N N 295 
THR C   O    doub N N 296 
THR C   OXT  sing N N 297 
THR CB  OG1  sing N N 298 
THR CB  CG2  sing N N 299 
THR CB  HB   sing N N 300 
THR OG1 HG1  sing N N 301 
THR CG2 HG21 sing N N 302 
THR CG2 HG22 sing N N 303 
THR CG2 HG23 sing N N 304 
THR OXT HXT  sing N N 305 
TRP N   CA   sing N N 306 
TRP N   H    sing N N 307 
TRP N   H2   sing N N 308 
TRP CA  C    sing N N 309 
TRP CA  CB   sing N N 310 
TRP CA  HA   sing N N 311 
TRP C   O    doub N N 312 
TRP C   OXT  sing N N 313 
TRP CB  CG   sing N N 314 
TRP CB  HB2  sing N N 315 
TRP CB  HB3  sing N N 316 
TRP CG  CD1  doub Y N 317 
TRP CG  CD2  sing Y N 318 
TRP CD1 NE1  sing Y N 319 
TRP CD1 HD1  sing N N 320 
TRP CD2 CE2  doub Y N 321 
TRP CD2 CE3  sing Y N 322 
TRP NE1 CE2  sing Y N 323 
TRP NE1 HE1  sing N N 324 
TRP CE2 CZ2  sing Y N 325 
TRP CE3 CZ3  doub Y N 326 
TRP CE3 HE3  sing N N 327 
TRP CZ2 CH2  doub Y N 328 
TRP CZ2 HZ2  sing N N 329 
TRP CZ3 CH2  sing Y N 330 
TRP CZ3 HZ3  sing N N 331 
TRP CH2 HH2  sing N N 332 
TRP OXT HXT  sing N N 333 
TYR N   CA   sing N N 334 
TYR N   H    sing N N 335 
TYR N   H2   sing N N 336 
TYR CA  C    sing N N 337 
TYR CA  CB   sing N N 338 
TYR CA  HA   sing N N 339 
TYR C   O    doub N N 340 
TYR C   OXT  sing N N 341 
TYR CB  CG   sing N N 342 
TYR CB  HB2  sing N N 343 
TYR CB  HB3  sing N N 344 
TYR CG  CD1  doub Y N 345 
TYR CG  CD2  sing Y N 346 
TYR CD1 CE1  sing Y N 347 
TYR CD1 HD1  sing N N 348 
TYR CD2 CE2  doub Y N 349 
TYR CD2 HD2  sing N N 350 
TYR CE1 CZ   doub Y N 351 
TYR CE1 HE1  sing N N 352 
TYR CE2 CZ   sing Y N 353 
TYR CE2 HE2  sing N N 354 
TYR CZ  OH   sing N N 355 
TYR OH  HH   sing N N 356 
TYR OXT HXT  sing N N 357 
VAL N   CA   sing N N 358 
VAL N   H    sing N N 359 
VAL N   H2   sing N N 360 
VAL CA  C    sing N N 361 
VAL CA  CB   sing N N 362 
VAL CA  HA   sing N N 363 
VAL C   O    doub N N 364 
VAL C   OXT  sing N N 365 
VAL CB  CG1  sing N N 366 
VAL CB  CG2  sing N N 367 
VAL CB  HB   sing N N 368 
VAL CG1 HG11 sing N N 369 
VAL CG1 HG12 sing N N 370 
VAL CG1 HG13 sing N N 371 
VAL CG2 HG21 sing N N 372 
VAL CG2 HG22 sing N N 373 
VAL CG2 HG23 sing N N 374 
VAL OXT HXT  sing N N 375 
# 
_atom_sites.entry_id                    2Z35 
_atom_sites.fract_transf_matrix[1][1]   0.00923182 
_atom_sites.fract_transf_matrix[1][2]   0.00671736 
_atom_sites.fract_transf_matrix[1][3]   0.00927073 
_atom_sites.fract_transf_matrix[2][1]   -0.01012844 
_atom_sites.fract_transf_matrix[2][2]   0.00785560 
_atom_sites.fract_transf_matrix[2][3]   0.00439395 
_atom_sites.fract_transf_matrix[3][1]   -0.00188368 
_atom_sites.fract_transf_matrix[3][2]   -0.00584797 
_atom_sites.fract_transf_matrix[3][3]   0.00611309 
_atom_sites.fract_transf_vector[1]      -0.114484 
_atom_sites.fract_transf_vector[2]      -0.291227 
_atom_sites.fract_transf_vector[3]      -0.175354 
# 
loop_
_atom_type.symbol 
C 
N 
O 
S 
# 
loop_
_atom_site.group_PDB 
_atom_site.id 
_atom_site.type_symbol 
_atom_site.label_atom_id 
_atom_site.label_alt_id 
_atom_site.label_comp_id 
_atom_site.label_asym_id 
_atom_site.label_entity_id 
_atom_site.label_seq_id 
_atom_site.pdbx_PDB_ins_code 
_atom_site.Cartn_x 
_atom_site.Cartn_y 
_atom_site.Cartn_z 
_atom_site.occupancy 
_atom_site.B_iso_or_equiv 
_atom_site.pdbx_formal_charge 
_atom_site.auth_seq_id 
_atom_site.auth_comp_id 
_atom_site.auth_asym_id 
_atom_site.auth_atom_id 
_atom_site.pdbx_PDB_model_num 
ATOM   1    N N   . ASP A 1 1   ? 6.253   4.870   -12.256 1.00 63.54 ? 1   ASP A N   1 
ATOM   2    C CA  . ASP A 1 1   ? 6.327   6.174   -11.532 1.00 62.98 ? 1   ASP A CA  1 
ATOM   3    C C   . ASP A 1 1   ? 7.068   6.008   -10.205 1.00 62.15 ? 1   ASP A C   1 
ATOM   4    O O   . ASP A 1 1   ? 7.490   4.904   -9.850  1.00 61.30 ? 1   ASP A O   1 
ATOM   5    C CB  . ASP A 1 1   ? 4.917   6.715   -11.259 1.00 64.39 ? 1   ASP A CB  1 
ATOM   6    C CG  . ASP A 1 1   ? 4.077   6.842   -12.524 1.00 64.87 ? 1   ASP A CG  1 
ATOM   7    O OD1 . ASP A 1 1   ? 4.575   7.399   -13.530 1.00 63.02 ? 1   ASP A OD1 1 
ATOM   8    O OD2 . ASP A 1 1   ? 2.910   6.393   -12.504 1.00 64.27 ? 1   ASP A OD2 1 
ATOM   9    N N   . SER A 1 2   ? 7.214   7.106   -9.468  1.00 60.49 ? 2   SER A N   1 
ATOM   10   C CA  . SER A 1 2   ? 7.911   7.070   -8.188  1.00 59.06 ? 2   SER A CA  1 
ATOM   11   C C   . SER A 1 2   ? 7.306   8.048   -7.190  1.00 57.67 ? 2   SER A C   1 
ATOM   12   O O   . SER A 1 2   ? 6.813   9.111   -7.560  1.00 56.67 ? 2   SER A O   1 
ATOM   13   C CB  . SER A 1 2   ? 9.389   7.420   -8.380  1.00 59.68 ? 2   SER A CB  1 
ATOM   14   O OG  . SER A 1 2   ? 9.527   8.765   -8.818  1.00 57.48 ? 2   SER A OG  1 
ATOM   15   N N   . VAL A 1 3   ? 7.359   7.680   -5.920  1.00 55.82 ? 3   VAL A N   1 
ATOM   16   C CA  . VAL A 1 3   ? 6.841   8.529   -4.866  1.00 54.29 ? 3   VAL A CA  1 
ATOM   17   C C   . VAL A 1 3   ? 7.899   8.638   -3.776  1.00 53.77 ? 3   VAL A C   1 
ATOM   18   O O   . VAL A 1 3   ? 8.494   7.635   -3.364  1.00 53.12 ? 3   VAL A O   1 
ATOM   19   C CB  . VAL A 1 3   ? 5.537   7.956   -4.289  1.00 54.26 ? 3   VAL A CB  1 
ATOM   20   C CG1 . VAL A 1 3   ? 5.069   8.792   -3.102  1.00 51.78 ? 3   VAL A CG1 1 
ATOM   21   C CG2 . VAL A 1 3   ? 4.472   7.933   -5.381  1.00 53.77 ? 3   VAL A CG2 1 
ATOM   22   N N   . THR A 1 4   ? 8.132   9.862   -3.313  1.00 52.54 ? 4   THR A N   1 
ATOM   23   C CA  . THR A 1 4   ? 9.136   10.107  -2.284  1.00 50.45 ? 4   THR A CA  1 
ATOM   24   C C   . THR A 1 4   ? 8.566   10.703  -1.003  1.00 49.42 ? 4   THR A C   1 
ATOM   25   O O   . THR A 1 4   ? 7.834   11.685  -1.030  1.00 50.74 ? 4   THR A O   1 
ATOM   26   C CB  . THR A 1 4   ? 10.224  11.052  -2.815  1.00 50.15 ? 4   THR A CB  1 
ATOM   27   O OG1 . THR A 1 4   ? 10.729  10.535  -4.049  1.00 48.86 ? 4   THR A OG1 1 
ATOM   28   C CG2 . THR A 1 4   ? 11.374  11.183  -1.810  1.00 50.99 ? 4   THR A CG2 1 
ATOM   29   N N   . GLN A 1 5   ? 8.898   10.082  0.117   1.00 48.94 ? 5   GLN A N   1 
ATOM   30   C CA  . GLN A 1 5   ? 8.468   10.549  1.419   1.00 48.06 ? 5   GLN A CA  1 
ATOM   31   C C   . GLN A 1 5   ? 9.750   10.872  2.170   1.00 50.10 ? 5   GLN A C   1 
ATOM   32   O O   . GLN A 1 5   ? 10.376  10.012  2.799   1.00 51.23 ? 5   GLN A O   1 
ATOM   33   C CB  . GLN A 1 5   ? 7.641   9.482   2.136   1.00 44.81 ? 5   GLN A CB  1 
ATOM   34   C CG  . GLN A 1 5   ? 6.145   9.710   1.969   1.00 41.00 ? 5   GLN A CG  1 
ATOM   35   C CD  . GLN A 1 5   ? 5.306   8.567   2.480   1.00 39.71 ? 5   GLN A CD  1 
ATOM   36   O OE1 . GLN A 1 5   ? 5.025   7.624   1.745   1.00 39.68 ? 5   GLN A OE1 1 
ATOM   37   N NE2 . GLN A 1 5   ? 4.902   8.637   3.751   1.00 37.96 ? 5   GLN A NE2 1 
ATOM   38   N N   . THR A 1 6   ? 10.140  12.136  2.055   1.00 49.42 ? 6   THR A N   1 
ATOM   39   C CA  . THR A 1 6   ? 11.348  12.667  2.658   1.00 50.43 ? 6   THR A CA  1 
ATOM   40   C C   . THR A 1 6   ? 11.467  12.329  4.153   1.00 49.60 ? 6   THR A C   1 
ATOM   41   O O   . THR A 1 6   ? 12.549  12.391  4.729   1.00 49.82 ? 6   THR A O   1 
ATOM   42   C CB  . THR A 1 6   ? 11.395  14.206  2.424   1.00 51.34 ? 6   THR A CB  1 
ATOM   43   O OG1 . THR A 1 6   ? 12.727  14.692  2.624   1.00 55.06 ? 6   THR A OG1 1 
ATOM   44   C CG2 . THR A 1 6   ? 10.437  14.917  3.363   1.00 48.97 ? 6   THR A CG2 1 
ATOM   45   N N   . GLY A 1 7   ? 10.353  11.959  4.772   1.00 49.79 ? 7   GLY A N   1 
ATOM   46   C CA  . GLY A 1 7   ? 10.378  11.624  6.185   1.00 48.78 ? 7   GLY A CA  1 
ATOM   47   C C   . GLY A 1 7   ? 10.156  10.144  6.444   1.00 49.41 ? 7   GLY A C   1 
ATOM   48   O O   . GLY A 1 7   ? 9.114   9.597   6.072   1.00 47.47 ? 7   GLY A O   1 
ATOM   49   N N   . GLY A 1 8   ? 11.133  9.488   7.071   1.00 48.66 ? 8   GLY A N   1 
ATOM   50   C CA  . GLY A 1 8   ? 10.992  8.073   7.367   1.00 49.53 ? 8   GLY A CA  1 
ATOM   51   C C   . GLY A 1 8   ? 10.290  7.881   8.697   1.00 51.08 ? 8   GLY A C   1 
ATOM   52   O O   . GLY A 1 8   ? 9.443   7.002   8.860   1.00 49.18 ? 8   GLY A O   1 
ATOM   53   N N   . GLN A 1 9   ? 10.648  8.728   9.655   1.00 53.41 ? 9   GLN A N   1 
ATOM   54   C CA  . GLN A 1 9   ? 10.073  8.698   10.998  1.00 56.14 ? 9   GLN A CA  1 
ATOM   55   C C   . GLN A 1 9   ? 9.740   10.128  11.429  1.00 55.93 ? 9   GLN A C   1 
ATOM   56   O O   . GLN A 1 9   ? 10.408  11.076  11.018  1.00 55.76 ? 9   GLN A O   1 
ATOM   57   C CB  . GLN A 1 9   ? 11.071  8.069   11.982  1.00 58.75 ? 9   GLN A CB  1 
ATOM   58   C CG  . GLN A 1 9   ? 12.539  8.380   11.658  1.00 64.09 ? 9   GLN A CG  1 
ATOM   59   C CD  . GLN A 1 9   ? 13.502  8.023   12.788  1.00 67.08 ? 9   GLN A CD  1 
ATOM   60   O OE1 . GLN A 1 9   ? 13.424  6.938   13.370  1.00 70.44 ? 9   GLN A OE1 1 
ATOM   61   N NE2 . GLN A 1 9   ? 14.423  8.935   13.092  1.00 65.19 ? 9   GLN A NE2 1 
ATOM   62   N N   . VAL A 1 10  ? 8.698   10.284  12.241  1.00 56.43 ? 10  VAL A N   1 
ATOM   63   C CA  . VAL A 1 10  ? 8.297   11.602  12.725  1.00 56.51 ? 10  VAL A CA  1 
ATOM   64   C C   . VAL A 1 10  ? 7.805   11.497  14.162  1.00 57.33 ? 10  VAL A C   1 
ATOM   65   O O   . VAL A 1 10  ? 6.812   10.831  14.439  1.00 57.71 ? 10  VAL A O   1 
ATOM   66   C CB  . VAL A 1 10  ? 7.170   12.219  11.855  1.00 56.15 ? 10  VAL A CB  1 
ATOM   67   C CG1 . VAL A 1 10  ? 6.767   13.586  12.407  1.00 55.03 ? 10  VAL A CG1 1 
ATOM   68   C CG2 . VAL A 1 10  ? 7.641   12.363  10.425  1.00 54.77 ? 10  VAL A CG2 1 
ATOM   69   N N   . ALA A 1 11  ? 8.501   12.161  15.075  1.00 59.04 ? 11  ALA A N   1 
ATOM   70   C CA  . ALA A 1 11  ? 8.126   12.121  16.478  1.00 61.03 ? 11  ALA A CA  1 
ATOM   71   C C   . ALA A 1 11  ? 7.447   13.414  16.880  1.00 63.54 ? 11  ALA A C   1 
ATOM   72   O O   . ALA A 1 11  ? 7.969   14.499  16.631  1.00 64.17 ? 11  ALA A O   1 
ATOM   73   C CB  . ALA A 1 11  ? 9.354   11.895  17.336  1.00 60.20 ? 11  ALA A CB  1 
ATOM   74   N N   . LEU A 1 12  ? 6.281   13.298  17.502  1.00 66.38 ? 12  LEU A N   1 
ATOM   75   C CA  . LEU A 1 12  ? 5.543   14.474  17.941  1.00 68.68 ? 12  LEU A CA  1 
ATOM   76   C C   . LEU A 1 12  ? 4.795   14.200  19.228  1.00 70.58 ? 12  LEU A C   1 
ATOM   77   O O   . LEU A 1 12  ? 4.537   13.050  19.573  1.00 71.36 ? 12  LEU A O   1 
ATOM   78   C CB  . LEU A 1 12  ? 4.537   14.915  16.872  1.00 67.58 ? 12  LEU A CB  1 
ATOM   79   C CG  . LEU A 1 12  ? 5.066   15.465  15.549  1.00 66.55 ? 12  LEU A CG  1 
ATOM   80   C CD1 . LEU A 1 12  ? 3.884   15.785  14.657  1.00 66.14 ? 12  LEU A CD1 1 
ATOM   81   C CD2 . LEU A 1 12  ? 5.914   16.709  15.787  1.00 66.00 ? 12  LEU A CD2 1 
ATOM   82   N N   . SER A 1 13  ? 4.448   15.271  19.932  1.00 73.52 ? 13  SER A N   1 
ATOM   83   C CA  . SER A 1 13  ? 3.707   15.158  21.177  1.00 76.70 ? 13  SER A CA  1 
ATOM   84   C C   . SER A 1 13  ? 2.271   15.587  20.905  1.00 77.99 ? 13  SER A C   1 
ATOM   85   O O   . SER A 1 13  ? 2.013   16.382  20.000  1.00 78.59 ? 13  SER A O   1 
ATOM   86   C CB  . SER A 1 13  ? 4.316   16.063  22.245  1.00 77.61 ? 13  SER A CB  1 
ATOM   87   O OG  . SER A 1 13  ? 4.165   17.423  21.883  1.00 78.80 ? 13  SER A OG  1 
ATOM   88   N N   . GLU A 1 14  ? 1.346   15.057  21.697  1.00 79.10 ? 14  GLU A N   1 
ATOM   89   C CA  . GLU A 1 14  ? -0.074  15.360  21.554  1.00 80.28 ? 14  GLU A CA  1 
ATOM   90   C C   . GLU A 1 14  ? -0.398  16.809  21.192  1.00 79.92 ? 14  GLU A C   1 
ATOM   91   O O   . GLU A 1 14  ? 0.104   17.751  21.807  1.00 80.77 ? 14  GLU A O   1 
ATOM   92   C CB  . GLU A 1 14  ? -0.810  14.990  22.840  1.00 81.60 ? 14  GLU A CB  1 
ATOM   93   C CG  . GLU A 1 14  ? -0.841  13.501  23.134  1.00 83.33 ? 14  GLU A CG  1 
ATOM   94   C CD  . GLU A 1 14  ? -1.465  13.200  24.484  1.00 84.51 ? 14  GLU A CD  1 
ATOM   95   O OE1 . GLU A 1 14  ? -2.521  13.798  24.795  1.00 84.25 ? 14  GLU A OE1 1 
ATOM   96   O OE2 . GLU A 1 14  ? -0.907  12.364  25.231  1.00 84.64 ? 14  GLU A OE2 1 
ATOM   97   N N   . GLU A 1 15  ? -1.252  16.965  20.185  1.00 79.07 ? 15  GLU A N   1 
ATOM   98   C CA  . GLU A 1 15  ? -1.700  18.267  19.706  1.00 77.65 ? 15  GLU A CA  1 
ATOM   99   C C   . GLU A 1 15  ? -0.684  19.065  18.890  1.00 75.87 ? 15  GLU A C   1 
ATOM   100  O O   . GLU A 1 15  ? -0.961  20.200  18.496  1.00 74.83 ? 15  GLU A O   1 
ATOM   101  C CB  . GLU A 1 15  ? -2.213  19.110  20.879  1.00 79.22 ? 15  GLU A CB  1 
ATOM   102  C CG  . GLU A 1 15  ? -3.453  18.525  21.547  1.00 81.34 ? 15  GLU A CG  1 
ATOM   103  C CD  . GLU A 1 15  ? -3.959  19.379  22.695  1.00 82.93 ? 15  GLU A CD  1 
ATOM   104  O OE1 . GLU A 1 15  ? -4.334  20.547  22.446  1.00 83.26 ? 15  GLU A OE1 1 
ATOM   105  O OE2 . GLU A 1 15  ? -3.981  18.881  23.844  1.00 82.13 ? 15  GLU A OE2 1 
ATOM   106  N N   . ASP A 1 16  ? 0.484   18.481  18.629  1.00 73.75 ? 16  ASP A N   1 
ATOM   107  C CA  . ASP A 1 16  ? 1.495   19.166  17.824  1.00 71.33 ? 16  ASP A CA  1 
ATOM   108  C C   . ASP A 1 16  ? 1.007   19.262  16.374  1.00 69.14 ? 16  ASP A C   1 
ATOM   109  O O   . ASP A 1 16  ? 0.092   18.537  15.968  1.00 68.39 ? 16  ASP A O   1 
ATOM   110  C CB  . ASP A 1 16  ? 2.832   18.412  17.869  1.00 71.44 ? 16  ASP A CB  1 
ATOM   111  C CG  . ASP A 1 16  ? 3.740   18.879  19.003  1.00 72.67 ? 16  ASP A CG  1 
ATOM   112  O OD1 . ASP A 1 16  ? 4.865   18.347  19.123  1.00 73.00 ? 16  ASP A OD1 1 
ATOM   113  O OD2 . ASP A 1 16  ? 3.338   19.777  19.773  1.00 71.78 ? 16  ASP A OD2 1 
ATOM   114  N N   . PHE A 1 17  ? 1.609   20.159  15.600  1.00 65.86 ? 17  PHE A N   1 
ATOM   115  C CA  . PHE A 1 17  ? 1.230   20.323  14.201  1.00 64.20 ? 17  PHE A CA  1 
ATOM   116  C C   . PHE A 1 17  ? 1.987   19.314  13.340  1.00 62.49 ? 17  PHE A C   1 
ATOM   117  O O   . PHE A 1 17  ? 3.219   19.262  13.358  1.00 61.78 ? 17  PHE A O   1 
ATOM   118  C CB  . PHE A 1 17  ? 1.518   21.752  13.726  1.00 64.16 ? 17  PHE A CB  1 
ATOM   119  C CG  . PHE A 1 17  ? 1.238   21.972  12.265  1.00 64.08 ? 17  PHE A CG  1 
ATOM   120  C CD1 . PHE A 1 17  ? 2.214   21.719  11.309  1.00 63.44 ? 17  PHE A CD1 1 
ATOM   121  C CD2 . PHE A 1 17  ? -0.012  22.420  11.845  1.00 64.39 ? 17  PHE A CD2 1 
ATOM   122  C CE1 . PHE A 1 17  ? 1.950   21.910  9.954   1.00 64.68 ? 17  PHE A CE1 1 
ATOM   123  C CE2 . PHE A 1 17  ? -0.285  22.612  10.488  1.00 64.44 ? 17  PHE A CE2 1 
ATOM   124  C CZ  . PHE A 1 17  ? 0.697   22.359  9.542   1.00 63.54 ? 17  PHE A CZ  1 
ATOM   125  N N   . LEU A 1 18  ? 1.234   18.523  12.584  1.00 60.05 ? 18  LEU A N   1 
ATOM   126  C CA  . LEU A 1 18  ? 1.799   17.481  11.739  1.00 57.12 ? 18  LEU A CA  1 
ATOM   127  C C   . LEU A 1 18  ? 1.872   17.787  10.256  1.00 55.38 ? 18  LEU A C   1 
ATOM   128  O O   . LEU A 1 18  ? 0.942   18.341  9.670   1.00 56.11 ? 18  LEU A O   1 
ATOM   129  C CB  . LEU A 1 18  ? 0.994   16.192  11.913  1.00 57.44 ? 18  LEU A CB  1 
ATOM   130  C CG  . LEU A 1 18  ? 1.295   15.032  10.956  1.00 58.09 ? 18  LEU A CG  1 
ATOM   131  C CD1 . LEU A 1 18  ? 2.713   14.521  11.178  1.00 57.21 ? 18  LEU A CD1 1 
ATOM   132  C CD2 . LEU A 1 18  ? 0.289   13.920  11.190  1.00 58.03 ? 18  LEU A CD2 1 
ATOM   133  N N   . THR A 1 19  ? 2.989   17.412  9.655   1.00 51.75 ? 19  THR A N   1 
ATOM   134  C CA  . THR A 1 19  ? 3.177   17.568  8.223   1.00 50.54 ? 19  THR A CA  1 
ATOM   135  C C   . THR A 1 19  ? 4.149   16.501  7.760   1.00 48.81 ? 19  THR A C   1 
ATOM   136  O O   . THR A 1 19  ? 5.286   16.427  8.228   1.00 47.34 ? 19  THR A O   1 
ATOM   137  C CB  . THR A 1 19  ? 3.706   18.964  7.829   1.00 50.57 ? 19  THR A CB  1 
ATOM   138  O OG1 . THR A 1 19  ? 2.617   19.892  7.821   1.00 52.71 ? 19  THR A OG1 1 
ATOM   139  C CG2 . THR A 1 19  ? 4.325   18.932  6.433   1.00 49.70 ? 19  THR A CG2 1 
ATOM   140  N N   . ILE A 1 20  ? 3.669   15.653  6.857   1.00 47.03 ? 20  ILE A N   1 
ATOM   141  C CA  . ILE A 1 20  ? 4.468   14.577  6.301   1.00 43.99 ? 20  ILE A CA  1 
ATOM   142  C C   . ILE A 1 20  ? 4.553   14.843  4.811   1.00 41.74 ? 20  ILE A C   1 
ATOM   143  O O   . ILE A 1 20  ? 3.546   14.824  4.114   1.00 41.53 ? 20  ILE A O   1 
ATOM   144  C CB  . ILE A 1 20  ? 3.808   13.208  6.565   1.00 43.64 ? 20  ILE A CB  1 
ATOM   145  C CG1 . ILE A 1 20  ? 3.757   12.954  8.072   1.00 44.16 ? 20  ILE A CG1 1 
ATOM   146  C CG2 . ILE A 1 20  ? 4.592   12.109  5.867   1.00 43.77 ? 20  ILE A CG2 1 
ATOM   147  C CD1 . ILE A 1 20  ? 3.016   11.697  8.477   1.00 45.44 ? 20  ILE A CD1 1 
ATOM   148  N N   . HIS A 1 21  ? 5.763   15.098  4.331   1.00 38.95 ? 21  HIS A N   1 
ATOM   149  C CA  . HIS A 1 21  ? 5.972   15.398  2.931   1.00 41.45 ? 21  HIS A CA  1 
ATOM   150  C C   . HIS A 1 21  ? 5.763   14.260  1.941   1.00 43.68 ? 21  HIS A C   1 
ATOM   151  O O   . HIS A 1 21  ? 6.013   13.074  2.232   1.00 42.57 ? 21  HIS A O   1 
ATOM   152  C CB  . HIS A 1 21  ? 7.376   15.960  2.718   1.00 42.70 ? 21  HIS A CB  1 
ATOM   153  C CG  . HIS A 1 21  ? 7.600   17.283  3.375   1.00 48.67 ? 21  HIS A CG  1 
ATOM   154  N ND1 . HIS A 1 21  ? 8.495   17.460  4.409   1.00 48.56 ? 21  HIS A ND1 1 
ATOM   155  C CD2 . HIS A 1 21  ? 7.013   18.487  3.174   1.00 49.48 ? 21  HIS A CD2 1 
ATOM   156  C CE1 . HIS A 1 21  ? 8.448   18.714  4.817   1.00 51.59 ? 21  HIS A CE1 1 
ATOM   157  N NE2 . HIS A 1 21  ? 7.557   19.358  4.086   1.00 52.62 ? 21  HIS A NE2 1 
ATOM   158  N N   . CYS A 1 22  ? 5.296   14.646  0.759   1.00 43.71 ? 22  CYS A N   1 
ATOM   159  C CA  . CYS A 1 22  ? 5.106   13.717  -0.335  1.00 43.68 ? 22  CYS A CA  1 
ATOM   160  C C   . CYS A 1 22  ? 5.384   14.439  -1.630  1.00 43.64 ? 22  CYS A C   1 
ATOM   161  O O   . CYS A 1 22  ? 4.688   15.391  -1.985  1.00 41.78 ? 22  CYS A O   1 
ATOM   162  C CB  . CYS A 1 22  ? 3.691   13.144  -0.402  1.00 45.80 ? 22  CYS A CB  1 
ATOM   163  S SG  . CYS A 1 22  ? 3.614   11.895  -1.734  1.00 46.13 ? 22  CYS A SG  1 
ATOM   164  N N   . ASN A 1 23  ? 6.423   13.985  -2.320  1.00 43.85 ? 23  ASN A N   1 
ATOM   165  C CA  . ASN A 1 23  ? 6.813   14.540  -3.602  1.00 46.79 ? 23  ASN A CA  1 
ATOM   166  C C   . ASN A 1 23  ? 6.747   13.359  -4.557  1.00 49.49 ? 23  ASN A C   1 
ATOM   167  O O   . ASN A 1 23  ? 6.924   12.219  -4.136  1.00 51.76 ? 23  ASN A O   1 
ATOM   168  C CB  . ASN A 1 23  ? 8.234   15.085  -3.528  1.00 45.58 ? 23  ASN A CB  1 
ATOM   169  C CG  . ASN A 1 23  ? 8.364   16.243  -2.552  1.00 44.32 ? 23  ASN A CG  1 
ATOM   170  O OD1 . ASN A 1 23  ? 8.014   16.130  -1.369  1.00 41.20 ? 23  ASN A OD1 1 
ATOM   171  N ND2 . ASN A 1 23  ? 8.870   17.363  -3.044  1.00 43.65 ? 23  ASN A ND2 1 
ATOM   172  N N   . TYR A 1 24  ? 6.481   13.613  -5.833  1.00 53.25 ? 24  TYR A N   1 
ATOM   173  C CA  . TYR A 1 24  ? 6.398   12.517  -6.794  1.00 55.13 ? 24  TYR A CA  1 
ATOM   174  C C   . TYR A 1 24  ? 6.815   12.872  -8.206  1.00 55.38 ? 24  TYR A C   1 
ATOM   175  O O   . TYR A 1 24  ? 7.054   14.033  -8.546  1.00 54.01 ? 24  TYR A O   1 
ATOM   176  C CB  . TYR A 1 24  ? 4.975   11.958  -6.865  1.00 55.07 ? 24  TYR A CB  1 
ATOM   177  C CG  . TYR A 1 24  ? 3.979   12.935  -7.444  1.00 55.88 ? 24  TYR A CG  1 
ATOM   178  C CD1 . TYR A 1 24  ? 3.295   13.828  -6.620  1.00 54.99 ? 24  TYR A CD1 1 
ATOM   179  C CD2 . TYR A 1 24  ? 3.756   13.001  -8.823  1.00 55.70 ? 24  TYR A CD2 1 
ATOM   180  C CE1 . TYR A 1 24  ? 2.412   14.768  -7.150  1.00 55.63 ? 24  TYR A CE1 1 
ATOM   181  C CE2 . TYR A 1 24  ? 2.876   13.943  -9.364  1.00 55.83 ? 24  TYR A CE2 1 
ATOM   182  C CZ  . TYR A 1 24  ? 2.209   14.821  -8.518  1.00 54.71 ? 24  TYR A CZ  1 
ATOM   183  O OH  . TYR A 1 24  ? 1.345   15.758  -9.031  1.00 55.01 ? 24  TYR A OH  1 
ATOM   184  N N   . SER A 1 25  ? 6.874   11.828  -9.021  1.00 56.46 ? 25  SER A N   1 
ATOM   185  C CA  . SER A 1 25  ? 7.221   11.922  -10.425 1.00 58.16 ? 25  SER A CA  1 
ATOM   186  C C   . SER A 1 25  ? 6.253   10.975  -11.134 1.00 60.20 ? 25  SER A C   1 
ATOM   187  O O   . SER A 1 25  ? 6.229   9.772   -10.857 1.00 60.22 ? 25  SER A O   1 
ATOM   188  C CB  . SER A 1 25  ? 8.669   11.476  -10.640 1.00 57.11 ? 25  SER A CB  1 
ATOM   189  O OG  . SER A 1 25  ? 9.055   11.622  -11.991 1.00 57.75 ? 25  SER A OG  1 
ATOM   190  N N   . ALA A 1 26  ? 5.433   11.519  -12.025 1.00 63.06 ? 26  ALA A N   1 
ATOM   191  C CA  . ALA A 1 26  ? 4.470   10.700  -12.748 1.00 66.08 ? 26  ALA A CA  1 
ATOM   192  C C   . ALA A 1 26  ? 4.509   10.956  -14.251 1.00 68.01 ? 26  ALA A C   1 
ATOM   193  O O   . ALA A 1 26  ? 5.243   11.825  -14.727 1.00 68.73 ? 26  ALA A O   1 
ATOM   194  C CB  . ALA A 1 26  ? 3.072   10.953  -12.212 1.00 65.20 ? 26  ALA A CB  1 
ATOM   195  N N   . SER A 1 27  ? 3.719   10.185  -14.992 1.00 70.86 ? 27  SER A N   1 
ATOM   196  C CA  . SER A 1 27  ? 3.651   10.321  -16.443 1.00 73.00 ? 27  SER A CA  1 
ATOM   197  C C   . SER A 1 27  ? 2.252   10.747  -16.861 1.00 73.77 ? 27  SER A C   1 
ATOM   198  O O   . SER A 1 27  ? 1.600   10.073  -17.661 1.00 74.53 ? 27  SER A O   1 
ATOM   199  C CB  . SER A 1 27  ? 4.004   8.995   -17.123 1.00 73.67 ? 27  SER A CB  1 
ATOM   200  O OG  . SER A 1 27  ? 3.100   7.970   -16.744 1.00 74.81 ? 27  SER A OG  1 
ATOM   201  N N   . GLY A 1 28  ? 1.794   11.869  -16.316 1.00 73.69 ? 28  GLY A N   1 
ATOM   202  C CA  . GLY A 1 28  ? 0.434   12.324  -16.538 1.00 72.98 ? 28  GLY A CA  1 
ATOM   203  C C   . GLY A 1 28  ? -0.275  12.687  -15.248 1.00 72.53 ? 28  GLY A C   1 
ATOM   204  O O   . GLY A 1 28  ? 0.254   12.473  -14.157 1.00 72.16 ? 28  GLY A O   1 
ATOM   205  N N   . TYR A 1 29  ? -1.477  13.238  -15.373 1.00 71.70 ? 29  TYR A N   1 
ATOM   206  C CA  . TYR A 1 29  ? -2.409  13.310  -14.254 1.00 69.59 ? 29  TYR A CA  1 
ATOM   207  C C   . TYR A 1 29  ? -2.650  11.932  -13.648 1.00 67.10 ? 29  TYR A C   1 
ATOM   208  O O   . TYR A 1 29  ? -3.288  11.077  -14.262 1.00 67.28 ? 29  TYR A O   1 
ATOM   209  C CB  . TYR A 1 29  ? -3.735  13.929  -14.699 1.00 70.29 ? 29  TYR A CB  1 
ATOM   210  C CG  . TYR A 1 29  ? -4.017  15.283  -14.087 1.00 72.24 ? 29  TYR A CG  1 
ATOM   211  C CD1 . TYR A 1 29  ? -4.218  15.419  -12.719 1.00 71.98 ? 29  TYR A CD1 1 
ATOM   212  C CD2 . TYR A 1 29  ? -4.080  16.424  -14.875 1.00 72.70 ? 29  TYR A CD2 1 
ATOM   213  C CE1 . TYR A 1 29  ? -4.475  16.654  -12.155 1.00 73.10 ? 29  TYR A CE1 1 
ATOM   214  C CE2 . TYR A 1 29  ? -4.336  17.663  -14.319 1.00 73.59 ? 29  TYR A CE2 1 
ATOM   215  C CZ  . TYR A 1 29  ? -4.533  17.772  -12.959 1.00 73.64 ? 29  TYR A CZ  1 
ATOM   216  O OH  . TYR A 1 29  ? -4.789  19.004  -12.402 1.00 74.61 ? 29  TYR A OH  1 
ATOM   217  N N   . PRO A 1 30  ? -2.137  11.725  -12.440 1.00 64.69 ? 30  PRO A N   1 
ATOM   218  C CA  . PRO A 1 30  ? -2.485  10.542  -11.648 1.00 61.41 ? 30  PRO A CA  1 
ATOM   219  C C   . PRO A 1 30  ? -3.369  11.024  -10.508 1.00 57.66 ? 30  PRO A C   1 
ATOM   220  O O   . PRO A 1 30  ? -3.570  12.224  -10.343 1.00 57.29 ? 30  PRO A O   1 
ATOM   221  C CB  . PRO A 1 30  ? -1.131  10.048  -11.119 1.00 62.92 ? 30  PRO A CB  1 
ATOM   222  C CG  . PRO A 1 30  ? -0.090  10.873  -11.876 1.00 61.81 ? 30  PRO A CG  1 
ATOM   223  C CD  . PRO A 1 30  ? -0.782  12.180  -12.096 1.00 63.83 ? 30  PRO A CD  1 
ATOM   224  N N   . ALA A 1 31  ? -3.907  10.093  -9.734  1.00 54.67 ? 31  ALA A N   1 
ATOM   225  C CA  . ALA A 1 31  ? -4.729  10.454  -8.586  1.00 51.75 ? 31  ALA A CA  1 
ATOM   226  C C   . ALA A 1 31  ? -3.855  10.210  -7.355  1.00 51.12 ? 31  ALA A C   1 
ATOM   227  O O   . ALA A 1 31  ? -3.301  9.120   -7.172  1.00 51.71 ? 31  ALA A O   1 
ATOM   228  C CB  . ALA A 1 31  ? -5.974  9.596   -8.528  1.00 49.54 ? 31  ALA A CB  1 
ATOM   229  N N   . LEU A 1 32  ? -3.720  11.231  -6.519  1.00 49.11 ? 32  LEU A N   1 
ATOM   230  C CA  . LEU A 1 32  ? -2.902  11.120  -5.326  1.00 45.75 ? 32  LEU A CA  1 
ATOM   231  C C   . LEU A 1 32  ? -3.704  10.587  -4.149  1.00 44.53 ? 32  LEU A C   1 
ATOM   232  O O   . LEU A 1 32  ? -4.879  10.923  -3.972  1.00 42.82 ? 32  LEU A O   1 
ATOM   233  C CB  . LEU A 1 32  ? -2.295  12.479  -5.000  1.00 45.59 ? 32  LEU A CB  1 
ATOM   234  C CG  . LEU A 1 32  ? -1.585  13.068  -6.219  1.00 45.35 ? 32  LEU A CG  1 
ATOM   235  C CD1 . LEU A 1 32  ? -1.099  14.483  -5.908  1.00 45.63 ? 32  LEU A CD1 1 
ATOM   236  C CD2 . LEU A 1 32  ? -0.430  12.163  -6.624  1.00 45.62 ? 32  LEU A CD2 1 
ATOM   237  N N   . PHE A 1 33  ? -3.049  9.746   -3.354  1.00 41.06 ? 33  PHE A N   1 
ATOM   238  C CA  . PHE A 1 33  ? -3.671  9.114   -2.206  1.00 40.61 ? 33  PHE A CA  1 
ATOM   239  C C   . PHE A 1 33  ? -2.819  9.206   -0.963  1.00 40.63 ? 33  PHE A C   1 
ATOM   240  O O   . PHE A 1 33  ? -1.655  9.584   -1.017  1.00 39.74 ? 33  PHE A O   1 
ATOM   241  C CB  . PHE A 1 33  ? -3.863  7.614   -2.447  1.00 41.72 ? 33  PHE A CB  1 
ATOM   242  C CG  . PHE A 1 33  ? -4.978  7.267   -3.368  1.00 39.75 ? 33  PHE A CG  1 
ATOM   243  C CD1 . PHE A 1 33  ? -4.887  7.533   -4.724  1.00 37.93 ? 33  PHE A CD1 1 
ATOM   244  C CD2 . PHE A 1 33  ? -6.117  6.637   -2.874  1.00 41.54 ? 33  PHE A CD2 1 
ATOM   245  C CE1 . PHE A 1 33  ? -5.912  7.178   -5.572  1.00 39.97 ? 33  PHE A CE1 1 
ATOM   246  C CE2 . PHE A 1 33  ? -7.146  6.277   -3.717  1.00 39.99 ? 33  PHE A CE2 1 
ATOM   247  C CZ  . PHE A 1 33  ? -7.045  6.546   -5.066  1.00 40.00 ? 33  PHE A CZ  1 
ATOM   248  N N   . TRP A 1 34  ? -3.432  8.801   0.144   1.00 40.56 ? 34  TRP A N   1 
ATOM   249  C CA  . TRP A 1 34  ? -2.788  8.711   1.439   1.00 40.75 ? 34  TRP A CA  1 
ATOM   250  C C   . TRP A 1 34  ? -3.428  7.541   2.159   1.00 42.58 ? 34  TRP A C   1 
ATOM   251  O O   . TRP A 1 34  ? -4.652  7.469   2.289   1.00 42.47 ? 34  TRP A O   1 
ATOM   252  C CB  . TRP A 1 34  ? -2.972  9.975   2.274   1.00 41.13 ? 34  TRP A CB  1 
ATOM   253  C CG  . TRP A 1 34  ? -1.874  10.963  2.093   1.00 38.64 ? 34  TRP A CG  1 
ATOM   254  C CD1 . TRP A 1 34  ? -1.947  12.140  1.420   1.00 36.76 ? 34  TRP A CD1 1 
ATOM   255  C CD2 . TRP A 1 34  ? -0.520  10.847  2.564   1.00 37.99 ? 34  TRP A CD2 1 
ATOM   256  N NE1 . TRP A 1 34  ? -0.727  12.774  1.436   1.00 36.95 ? 34  TRP A NE1 1 
ATOM   257  C CE2 . TRP A 1 34  ? 0.168   12.004  2.133   1.00 37.46 ? 34  TRP A CE2 1 
ATOM   258  C CE3 . TRP A 1 34  ? 0.177   9.881   3.305   1.00 37.94 ? 34  TRP A CE3 1 
ATOM   259  C CZ2 . TRP A 1 34  ? 1.522   12.226  2.419   1.00 34.49 ? 34  TRP A CZ2 1 
ATOM   260  C CZ3 . TRP A 1 34  ? 1.526   10.096  3.588   1.00 34.85 ? 34  TRP A CZ3 1 
ATOM   261  C CH2 . TRP A 1 34  ? 2.182   11.262  3.146   1.00 38.75 ? 34  TRP A CH2 1 
ATOM   262  N N   . TYR A 1 35  ? -2.597  6.606   2.604   1.00 43.49 ? 35  TYR A N   1 
ATOM   263  C CA  . TYR A 1 35  ? -3.098  5.450   3.329   1.00 44.07 ? 35  TYR A CA  1 
ATOM   264  C C   . TYR A 1 35  ? -2.532  5.470   4.736   1.00 45.81 ? 35  TYR A C   1 
ATOM   265  O O   . TYR A 1 35  ? -1.435  5.979   4.972   1.00 46.97 ? 35  TYR A O   1 
ATOM   266  C CB  . TYR A 1 35  ? -2.697  4.141   2.635   1.00 40.51 ? 35  TYR A CB  1 
ATOM   267  C CG  . TYR A 1 35  ? -3.473  3.847   1.376   1.00 38.03 ? 35  TYR A CG  1 
ATOM   268  C CD1 . TYR A 1 35  ? -3.232  4.556   0.206   1.00 35.11 ? 35  TYR A CD1 1 
ATOM   269  C CD2 . TYR A 1 35  ? -4.469  2.873   1.359   1.00 38.72 ? 35  TYR A CD2 1 
ATOM   270  C CE1 . TYR A 1 35  ? -3.949  4.310   -0.941  1.00 31.64 ? 35  TYR A CE1 1 
ATOM   271  C CE2 . TYR A 1 35  ? -5.208  2.617   0.196   1.00 35.60 ? 35  TYR A CE2 1 
ATOM   272  C CZ  . TYR A 1 35  ? -4.935  3.341   -0.945  1.00 33.00 ? 35  TYR A CZ  1 
ATOM   273  O OH  . TYR A 1 35  ? -5.642  3.101   -2.098  1.00 31.84 ? 35  TYR A OH  1 
ATOM   274  N N   . VAL A 1 36  ? -3.293  4.922   5.671   1.00 47.23 ? 36  VAL A N   1 
ATOM   275  C CA  . VAL A 1 36  ? -2.857  4.863   7.052   1.00 50.38 ? 36  VAL A CA  1 
ATOM   276  C C   . VAL A 1 36  ? -2.811  3.397   7.455   1.00 51.86 ? 36  VAL A C   1 
ATOM   277  O O   . VAL A 1 36  ? -3.721  2.628   7.137   1.00 52.37 ? 36  VAL A O   1 
ATOM   278  C CB  . VAL A 1 36  ? -3.833  5.604   7.984   1.00 50.07 ? 36  VAL A CB  1 
ATOM   279  C CG1 . VAL A 1 36  ? -3.246  5.699   9.382   1.00 49.95 ? 36  VAL A CG1 1 
ATOM   280  C CG2 . VAL A 1 36  ? -4.119  6.979   7.434   1.00 53.52 ? 36  VAL A CG2 1 
ATOM   281  N N   . GLN A 1 37  ? -1.746  3.008   8.143   1.00 53.92 ? 37  GLN A N   1 
ATOM   282  C CA  . GLN A 1 37  ? -1.606  1.634   8.587   1.00 55.44 ? 37  GLN A CA  1 
ATOM   283  C C   . GLN A 1 37  ? -1.318  1.578   10.074  1.00 57.84 ? 37  GLN A C   1 
ATOM   284  O O   . GLN A 1 37  ? -0.247  1.978   10.527  1.00 59.66 ? 37  GLN A O   1 
ATOM   285  C CB  . GLN A 1 37  ? -0.484  0.931   7.827   1.00 55.43 ? 37  GLN A CB  1 
ATOM   286  C CG  . GLN A 1 37  ? -0.183  -0.458  8.387   1.00 56.67 ? 37  GLN A CG  1 
ATOM   287  C CD  . GLN A 1 37  ? 0.929   -1.158  7.649   1.00 55.53 ? 37  GLN A CD  1 
ATOM   288  O OE1 . GLN A 1 37  ? 2.035   -0.633  7.525   1.00 53.51 ? 37  GLN A OE1 1 
ATOM   289  N NE2 . GLN A 1 37  ? 0.644   -2.353  7.156   1.00 59.04 ? 37  GLN A NE2 1 
ATOM   290  N N   . TYR A 1 38  ? -2.285  1.078   10.832  1.00 59.54 ? 38  TYR A N   1 
ATOM   291  C CA  . TYR A 1 38  ? -2.139  0.963   12.273  1.00 60.53 ? 38  TYR A CA  1 
ATOM   292  C C   . TYR A 1 38  ? -1.523  -0.390  12.620  1.00 60.80 ? 38  TYR A C   1 
ATOM   293  O O   . TYR A 1 38  ? -1.601  -1.341  11.841  1.00 59.50 ? 38  TYR A O   1 
ATOM   294  C CB  . TYR A 1 38  ? -3.503  1.131   12.942  1.00 61.49 ? 38  TYR A CB  1 
ATOM   295  C CG  . TYR A 1 38  ? -4.134  2.473   12.647  1.00 63.57 ? 38  TYR A CG  1 
ATOM   296  C CD1 . TYR A 1 38  ? -3.602  3.642   13.181  1.00 64.98 ? 38  TYR A CD1 1 
ATOM   297  C CD2 . TYR A 1 38  ? -5.235  2.580   11.799  1.00 64.45 ? 38  TYR A CD2 1 
ATOM   298  C CE1 . TYR A 1 38  ? -4.142  4.885   12.880  1.00 65.39 ? 38  TYR A CE1 1 
ATOM   299  C CE2 . TYR A 1 38  ? -5.787  3.822   11.489  1.00 65.70 ? 38  TYR A CE2 1 
ATOM   300  C CZ  . TYR A 1 38  ? -5.232  4.971   12.032  1.00 65.95 ? 38  TYR A CZ  1 
ATOM   301  O OH  . TYR A 1 38  ? -5.749  6.210   11.715  1.00 65.89 ? 38  TYR A OH  1 
ATOM   302  N N   . PRO A 1 39  ? -0.901  -0.489  13.803  1.00 61.80 ? 39  PRO A N   1 
ATOM   303  C CA  . PRO A 1 39  ? -0.248  -1.709  14.294  1.00 62.60 ? 39  PRO A CA  1 
ATOM   304  C C   . PRO A 1 39  ? -1.017  -3.025  14.103  1.00 64.02 ? 39  PRO A C   1 
ATOM   305  O O   . PRO A 1 39  ? -2.152  -3.177  14.568  1.00 65.42 ? 39  PRO A O   1 
ATOM   306  C CB  . PRO A 1 39  ? -0.002  -1.389  15.764  1.00 62.20 ? 39  PRO A CB  1 
ATOM   307  C CG  . PRO A 1 39  ? 0.249   0.092   15.737  1.00 61.56 ? 39  PRO A CG  1 
ATOM   308  C CD  . PRO A 1 39  ? -0.847  0.579   14.821  1.00 61.01 ? 39  PRO A CD  1 
ATOM   309  N N   . GLY A 1 40  ? -0.387  -3.967  13.402  1.00 64.19 ? 40  GLY A N   1 
ATOM   310  C CA  . GLY A 1 40  ? -0.981  -5.274  13.175  1.00 65.13 ? 40  GLY A CA  1 
ATOM   311  C C   . GLY A 1 40  ? -1.968  -5.450  12.034  1.00 65.51 ? 40  GLY A C   1 
ATOM   312  O O   . GLY A 1 40  ? -2.475  -6.556  11.827  1.00 65.83 ? 40  GLY A O   1 
ATOM   313  N N   . GLU A 1 41  ? -2.242  -4.387  11.283  1.00 64.99 ? 41  GLU A N   1 
ATOM   314  C CA  . GLU A 1 41  ? -3.198  -4.486  10.184  1.00 63.22 ? 41  GLU A CA  1 
ATOM   315  C C   . GLU A 1 41  ? -2.668  -4.019  8.833   1.00 60.31 ? 41  GLU A C   1 
ATOM   316  O O   . GLU A 1 41  ? -1.513  -3.610  8.709   1.00 59.88 ? 41  GLU A O   1 
ATOM   317  C CB  . GLU A 1 41  ? -4.473  -3.718  10.546  1.00 66.72 ? 41  GLU A CB  1 
ATOM   318  C CG  . GLU A 1 41  ? -4.228  -2.314  11.085  1.00 71.14 ? 41  GLU A CG  1 
ATOM   319  C CD  . GLU A 1 41  ? -5.340  -1.846  12.010  1.00 73.40 ? 41  GLU A CD  1 
ATOM   320  O OE1 . GLU A 1 41  ? -5.574  -2.514  13.041  1.00 75.23 ? 41  GLU A OE1 1 
ATOM   321  O OE2 . GLU A 1 41  ? -5.978  -0.813  11.711  1.00 75.59 ? 41  GLU A OE2 1 
ATOM   322  N N   . GLY A 1 42  ? -3.519  -4.106  7.817   1.00 56.80 ? 42  GLY A N   1 
ATOM   323  C CA  . GLY A 1 42  ? -3.123  -3.689  6.488   1.00 54.77 ? 42  GLY A CA  1 
ATOM   324  C C   . GLY A 1 42  ? -3.332  -2.205  6.273   1.00 53.32 ? 42  GLY A C   1 
ATOM   325  O O   . GLY A 1 42  ? -3.937  -1.541  7.109   1.00 51.82 ? 42  GLY A O   1 
ATOM   326  N N   . PRO A 1 43  ? -2.820  -1.650  5.165   1.00 52.56 ? 43  PRO A N   1 
ATOM   327  C CA  . PRO A 1 43  ? -2.976  -0.224  4.872   1.00 53.19 ? 43  PRO A CA  1 
ATOM   328  C C   . PRO A 1 43  ? -4.450  0.057   4.565   1.00 53.44 ? 43  PRO A C   1 
ATOM   329  O O   . PRO A 1 43  ? -5.116  -0.757  3.922   1.00 53.55 ? 43  PRO A O   1 
ATOM   330  C CB  . PRO A 1 43  ? -2.104  -0.020  3.629   1.00 52.13 ? 43  PRO A CB  1 
ATOM   331  C CG  . PRO A 1 43  ? -1.140  -1.156  3.664   1.00 52.81 ? 43  PRO A CG  1 
ATOM   332  C CD  . PRO A 1 43  ? -1.978  -2.302  4.150   1.00 53.06 ? 43  PRO A CD  1 
ATOM   333  N N   . GLN A 1 44  ? -4.965  1.188   5.030   1.00 52.44 ? 44  GLN A N   1 
ATOM   334  C CA  . GLN A 1 44  ? -6.355  1.527   4.745   1.00 52.78 ? 44  GLN A CA  1 
ATOM   335  C C   . GLN A 1 44  ? -6.480  2.936   4.178   1.00 50.46 ? 44  GLN A C   1 
ATOM   336  O O   . GLN A 1 44  ? -5.737  3.848   4.561   1.00 47.58 ? 44  GLN A O   1 
ATOM   337  C CB  . GLN A 1 44  ? -7.228  1.379   6.000   1.00 54.15 ? 44  GLN A CB  1 
ATOM   338  C CG  . GLN A 1 44  ? -7.054  2.459   7.045   1.00 57.28 ? 44  GLN A CG  1 
ATOM   339  C CD  . GLN A 1 44  ? -7.816  2.155   8.323   1.00 59.18 ? 44  GLN A CD  1 
ATOM   340  O OE1 . GLN A 1 44  ? -7.585  1.128   8.968   1.00 60.88 ? 44  GLN A OE1 1 
ATOM   341  N NE2 . GLN A 1 44  ? -8.730  3.047   8.698   1.00 60.89 ? 44  GLN A NE2 1 
ATOM   342  N N   . PHE A 1 45  ? -7.424  3.087   3.256   1.00 50.30 ? 45  PHE A N   1 
ATOM   343  C CA  . PHE A 1 45  ? -7.705  4.354   2.586   1.00 51.27 ? 45  PHE A CA  1 
ATOM   344  C C   . PHE A 1 45  ? -7.978  5.493   3.565   1.00 50.46 ? 45  PHE A C   1 
ATOM   345  O O   . PHE A 1 45  ? -8.755  5.346   4.506   1.00 49.86 ? 45  PHE A O   1 
ATOM   346  C CB  . PHE A 1 45  ? -8.912  4.183   1.650   1.00 51.70 ? 45  PHE A CB  1 
ATOM   347  C CG  . PHE A 1 45  ? -9.278  5.425   0.877   1.00 51.51 ? 45  PHE A CG  1 
ATOM   348  C CD1 . PHE A 1 45  ? -8.378  6.000   -0.013  1.00 50.88 ? 45  PHE A CD1 1 
ATOM   349  C CD2 . PHE A 1 45  ? -10.534 6.007   1.024   1.00 51.97 ? 45  PHE A CD2 1 
ATOM   350  C CE1 . PHE A 1 45  ? -8.726  7.134   -0.748  1.00 51.93 ? 45  PHE A CE1 1 
ATOM   351  C CE2 . PHE A 1 45  ? -10.890 7.144   0.289   1.00 50.47 ? 45  PHE A CE2 1 
ATOM   352  C CZ  . PHE A 1 45  ? -9.986  7.706   -0.595  1.00 49.07 ? 45  PHE A CZ  1 
ATOM   353  N N   . LEU A 1 46  ? -7.308  6.618   3.345   1.00 50.91 ? 46  LEU A N   1 
ATOM   354  C CA  . LEU A 1 46  ? -7.498  7.804   4.175   1.00 52.30 ? 46  LEU A CA  1 
ATOM   355  C C   . LEU A 1 46  ? -8.320  8.765   3.308   1.00 51.70 ? 46  LEU A C   1 
ATOM   356  O O   . LEU A 1 46  ? -9.434  9.142   3.680   1.00 54.89 ? 46  LEU A O   1 
ATOM   357  C CB  . LEU A 1 46  ? -6.148  8.428   4.546   1.00 52.95 ? 46  LEU A CB  1 
ATOM   358  C CG  . LEU A 1 46  ? -6.125  9.631   5.496   1.00 53.81 ? 46  LEU A CG  1 
ATOM   359  C CD1 . LEU A 1 46  ? -6.629  9.221   6.879   1.00 52.39 ? 46  LEU A CD1 1 
ATOM   360  C CD2 . LEU A 1 46  ? -4.708  10.181  5.583   1.00 53.86 ? 46  LEU A CD2 1 
ATOM   361  N N   . PHE A 1 47  ? -7.771  9.141   2.153   1.00 48.99 ? 47  PHE A N   1 
ATOM   362  C CA  . PHE A 1 47  ? -8.455  10.028  1.208   1.00 48.60 ? 47  PHE A CA  1 
ATOM   363  C C   . PHE A 1 47  ? -7.644  10.176  -0.078  1.00 49.42 ? 47  PHE A C   1 
ATOM   364  O O   . PHE A 1 47  ? -6.467  9.814   -0.125  1.00 49.08 ? 47  PHE A O   1 
ATOM   365  C CB  . PHE A 1 47  ? -8.727  11.415  1.833   1.00 43.01 ? 47  PHE A CB  1 
ATOM   366  C CG  . PHE A 1 47  ? -7.482  12.200  2.174   1.00 38.92 ? 47  PHE A CG  1 
ATOM   367  C CD1 . PHE A 1 47  ? -6.654  12.700  1.170   1.00 34.02 ? 47  PHE A CD1 1 
ATOM   368  C CD2 . PHE A 1 47  ? -7.141  12.437  3.503   1.00 36.34 ? 47  PHE A CD2 1 
ATOM   369  C CE1 . PHE A 1 47  ? -5.503  13.420  1.482   1.00 39.02 ? 47  PHE A CE1 1 
ATOM   370  C CE2 . PHE A 1 47  ? -5.988  13.161  3.831   1.00 38.78 ? 47  PHE A CE2 1 
ATOM   371  C CZ  . PHE A 1 47  ? -5.166  13.654  2.819   1.00 37.03 ? 47  PHE A CZ  1 
ATOM   372  N N   . ARG A 1 48  ? -8.277  10.708  -1.117  1.00 51.34 ? 48  ARG A N   1 
ATOM   373  C CA  . ARG A 1 48  ? -7.611  10.897  -2.401  1.00 53.51 ? 48  ARG A CA  1 
ATOM   374  C C   . ARG A 1 48  ? -7.947  12.252  -3.034  1.00 54.25 ? 48  ARG A C   1 
ATOM   375  O O   . ARG A 1 48  ? -8.745  13.017  -2.500  1.00 54.33 ? 48  ARG A O   1 
ATOM   376  C CB  . ARG A 1 48  ? -8.006  9.769   -3.360  1.00 55.28 ? 48  ARG A CB  1 
ATOM   377  C CG  . ARG A 1 48  ? -9.503  9.698   -3.641  1.00 58.59 ? 48  ARG A CG  1 
ATOM   378  C CD  . ARG A 1 48  ? -9.897  8.364   -4.253  1.00 62.06 ? 48  ARG A CD  1 
ATOM   379  N NE  . ARG A 1 48  ? -11.340 8.252   -4.461  1.00 65.35 ? 48  ARG A NE  1 
ATOM   380  C CZ  . ARG A 1 48  ? -12.022 8.912   -5.394  1.00 67.43 ? 48  ARG A CZ  1 
ATOM   381  N NH1 . ARG A 1 48  ? -11.398 9.744   -6.223  1.00 67.89 ? 48  ARG A NH1 1 
ATOM   382  N NH2 . ARG A 1 48  ? -13.333 8.738   -5.502  1.00 68.44 ? 48  ARG A NH2 1 
ATOM   383  N N   . ALA A 1 49  ? -7.313  12.535  -4.167  1.00 55.36 ? 49  ALA A N   1 
ATOM   384  C CA  . ALA A 1 49  ? -7.529  13.764  -4.916  1.00 56.93 ? 49  ALA A CA  1 
ATOM   385  C C   . ALA A 1 49  ? -7.162  13.475  -6.367  1.00 57.86 ? 49  ALA A C   1 
ATOM   386  O O   . ALA A 1 49  ? -6.053  13.021  -6.652  1.00 56.98 ? 49  ALA A O   1 
ATOM   387  C CB  . ALA A 1 49  ? -6.663  14.896  -4.358  1.00 58.59 ? 49  ALA A CB  1 
ATOM   388  N N   . SER A 1 50  ? -8.098  13.737  -7.279  1.00 59.79 ? 50  SER A N   1 
ATOM   389  C CA  . SER A 1 50  ? -7.887  13.479  -8.703  1.00 61.73 ? 50  SER A CA  1 
ATOM   390  C C   . SER A 1 50  ? -7.327  14.647  -9.508  1.00 62.69 ? 50  SER A C   1 
ATOM   391  O O   . SER A 1 50  ? -6.400  14.476  -10.298 1.00 61.98 ? 50  SER A O   1 
ATOM   392  C CB  . SER A 1 50  ? -9.203  13.032  -9.346  1.00 60.92 ? 50  SER A CB  1 
ATOM   393  O OG  . SER A 1 50  ? -9.727  11.895  -8.693  1.00 62.21 ? 50  SER A OG  1 
ATOM   394  N N   . ARG A 1 51  ? -7.900  15.829  -9.315  1.00 65.37 ? 51  ARG A N   1 
ATOM   395  C CA  . ARG A 1 51  ? -7.477  17.010  -10.059 1.00 68.82 ? 51  ARG A CA  1 
ATOM   396  C C   . ARG A 1 51  ? -6.577  17.950  -9.263  1.00 69.17 ? 51  ARG A C   1 
ATOM   397  O O   . ARG A 1 51  ? -6.732  18.103  -8.051  1.00 69.02 ? 51  ARG A O   1 
ATOM   398  C CB  . ARG A 1 51  ? -8.705  17.792  -10.543 1.00 70.09 ? 51  ARG A CB  1 
ATOM   399  C CG  . ARG A 1 51  ? -9.668  17.018  -11.449 1.00 72.48 ? 51  ARG A CG  1 
ATOM   400  C CD  . ARG A 1 51  ? -9.093  16.747  -12.844 1.00 73.02 ? 51  ARG A CD  1 
ATOM   401  N NE  . ARG A 1 51  ? -8.317  15.509  -12.911 1.00 72.74 ? 51  ARG A NE  1 
ATOM   402  C CZ  . ARG A 1 51  ? -7.803  15.014  -14.035 1.00 73.03 ? 51  ARG A CZ  1 
ATOM   403  N NH1 . ARG A 1 51  ? -7.981  15.656  -15.181 1.00 73.37 ? 51  ARG A NH1 1 
ATOM   404  N NH2 . ARG A 1 51  ? -7.121  13.874  -14.016 1.00 71.84 ? 51  ARG A NH2 1 
ATOM   405  N N   . ASP A 1 52  ? -5.641  18.584  -9.963  1.00 69.19 ? 52  ASP A N   1 
ATOM   406  C CA  . ASP A 1 52  ? -4.720  19.528  -9.344  1.00 68.44 ? 52  ASP A CA  1 
ATOM   407  C C   . ASP A 1 52  ? -5.496  20.611  -8.602  1.00 67.84 ? 52  ASP A C   1 
ATOM   408  O O   . ASP A 1 52  ? -6.626  20.940  -8.968  1.00 68.24 ? 52  ASP A O   1 
ATOM   409  C CB  . ASP A 1 52  ? -3.816  20.151  -10.414 1.00 67.86 ? 52  ASP A CB  1 
ATOM   410  C CG  . ASP A 1 52  ? -3.007  21.323  -9.895  1.00 67.95 ? 52  ASP A CG  1 
ATOM   411  O OD1 . ASP A 1 52  ? -2.445  21.227  -8.783  1.00 66.90 ? 52  ASP A OD1 1 
ATOM   412  O OD2 . ASP A 1 52  ? -2.921  22.339  -10.614 1.00 67.64 ? 52  ASP A OD2 1 
ATOM   413  N N   . LYS A 1 53  ? -4.884  21.143  -7.547  1.00 66.67 ? 53  LYS A N   1 
ATOM   414  C CA  . LYS A 1 53  ? -5.485  22.185  -6.728  1.00 66.18 ? 53  LYS A CA  1 
ATOM   415  C C   . LYS A 1 53  ? -6.583  21.614  -5.842  1.00 64.73 ? 53  LYS A C   1 
ATOM   416  O O   . LYS A 1 53  ? -7.094  22.293  -4.950  1.00 64.63 ? 53  LYS A O   1 
ATOM   417  C CB  . LYS A 1 53  ? -6.040  23.309  -7.613  1.00 67.06 ? 53  LYS A CB  1 
ATOM   418  C CG  . LYS A 1 53  ? -5.028  23.831  -8.624  1.00 68.66 ? 53  LYS A CG  1 
ATOM   419  C CD  . LYS A 1 53  ? -5.520  25.082  -9.333  1.00 71.38 ? 53  LYS A CD  1 
ATOM   420  C CE  . LYS A 1 53  ? -4.489  25.577  -10.348 1.00 71.77 ? 53  LYS A CE  1 
ATOM   421  N NZ  . LYS A 1 53  ? -3.148  25.814  -9.727  1.00 71.79 ? 53  LYS A NZ  1 
ATOM   422  N N   . GLU A 1 54  ? -6.938  20.359  -6.089  1.00 63.45 ? 54  GLU A N   1 
ATOM   423  C CA  . GLU A 1 54  ? -7.970  19.692  -5.302  1.00 61.83 ? 54  GLU A CA  1 
ATOM   424  C C   . GLU A 1 54  ? -7.379  19.250  -3.961  1.00 60.66 ? 54  GLU A C   1 
ATOM   425  O O   . GLU A 1 54  ? -6.195  18.911  -3.872  1.00 59.80 ? 54  GLU A O   1 
ATOM   426  C CB  . GLU A 1 54  ? -8.506  18.480  -6.062  1.00 62.59 ? 54  GLU A CB  1 
ATOM   427  C CG  . GLU A 1 54  ? -9.737  17.836  -5.448  1.00 65.97 ? 54  GLU A CG  1 
ATOM   428  C CD  . GLU A 1 54  ? -10.170 16.589  -6.197  1.00 67.23 ? 54  GLU A CD  1 
ATOM   429  O OE1 . GLU A 1 54  ? -10.087 16.591  -7.445  1.00 68.50 ? 54  GLU A OE1 1 
ATOM   430  O OE2 . GLU A 1 54  ? -10.600 15.611  -5.542  1.00 68.19 ? 54  GLU A OE2 1 
ATOM   431  N N   . LYS A 1 55  ? -8.216  19.252  -2.926  1.00 59.19 ? 55  LYS A N   1 
ATOM   432  C CA  . LYS A 1 55  ? -7.805  18.876  -1.581  1.00 58.37 ? 55  LYS A CA  1 
ATOM   433  C C   . LYS A 1 55  ? -8.554  17.662  -1.041  1.00 57.74 ? 55  LYS A C   1 
ATOM   434  O O   . LYS A 1 55  ? -9.783  17.641  -1.026  1.00 56.37 ? 55  LYS A O   1 
ATOM   435  C CB  . LYS A 1 55  ? -8.036  20.039  -0.611  1.00 60.83 ? 55  LYS A CB  1 
ATOM   436  C CG  . LYS A 1 55  ? -7.845  19.651  0.855   1.00 62.14 ? 55  LYS A CG  1 
ATOM   437  C CD  . LYS A 1 55  ? -8.817  20.368  1.784   1.00 63.72 ? 55  LYS A CD  1 
ATOM   438  C CE  . LYS A 1 55  ? -8.536  21.854  1.867   1.00 64.70 ? 55  LYS A CE  1 
ATOM   439  N NZ  . LYS A 1 55  ? -9.486  22.524  2.800   1.00 67.91 ? 55  LYS A NZ  1 
ATOM   440  N N   . GLY A 1 56  ? -7.800  16.664  -0.577  1.00 56.48 ? 56  GLY A N   1 
ATOM   441  C CA  . GLY A 1 56  ? -8.402  15.472  -0.007  1.00 54.03 ? 56  GLY A CA  1 
ATOM   442  C C   . GLY A 1 56  ? -8.320  15.588  1.500   1.00 53.74 ? 56  GLY A C   1 
ATOM   443  O O   . GLY A 1 56  ? -7.418  16.245  2.019   1.00 52.68 ? 56  GLY A O   1 
ATOM   444  N N   . SER A 1 57  ? -9.242  14.955  2.216   1.00 54.93 ? 57  SER A N   1 
ATOM   445  C CA  . SER A 1 57  ? -9.221  15.053  3.665   1.00 56.78 ? 57  SER A CA  1 
ATOM   446  C C   . SER A 1 57  ? -9.990  13.948  4.381   1.00 57.39 ? 57  SER A C   1 
ATOM   447  O O   . SER A 1 57  ? -10.892 13.329  3.811   1.00 57.64 ? 57  SER A O   1 
ATOM   448  C CB  . SER A 1 57  ? -9.782  16.411  4.090   1.00 58.74 ? 57  SER A CB  1 
ATOM   449  O OG  . SER A 1 57  ? -11.143 16.533  3.700   1.00 62.18 ? 57  SER A OG  1 
ATOM   450  N N   . SER A 1 58  ? -9.626  13.727  5.645   1.00 57.23 ? 58  SER A N   1 
ATOM   451  C CA  . SER A 1 58  ? -10.256 12.721  6.495   1.00 57.78 ? 58  SER A CA  1 
ATOM   452  C C   . SER A 1 58  ? -9.588  12.649  7.868   1.00 58.73 ? 58  SER A C   1 
ATOM   453  O O   . SER A 1 58  ? -8.375  12.825  7.992   1.00 57.06 ? 58  SER A O   1 
ATOM   454  C CB  . SER A 1 58  ? -10.201 11.341  5.838   1.00 57.87 ? 58  SER A CB  1 
ATOM   455  O OG  . SER A 1 58  ? -10.607 10.334  6.750   1.00 57.22 ? 58  SER A OG  1 
ATOM   456  N N   . ARG A 1 59  ? -10.403 12.389  8.888   1.00 61.05 ? 59  ARG A N   1 
ATOM   457  C CA  . ARG A 1 59  ? -9.952  12.268  10.278  1.00 62.86 ? 59  ARG A CA  1 
ATOM   458  C C   . ARG A 1 59  ? -9.094  13.429  10.768  1.00 62.31 ? 59  ARG A C   1 
ATOM   459  O O   . ARG A 1 59  ? -8.418  13.319  11.793  1.00 63.46 ? 59  ARG A O   1 
ATOM   460  C CB  . ARG A 1 59  ? -9.200  10.943  10.469  1.00 64.41 ? 59  ARG A CB  1 
ATOM   461  C CG  . ARG A 1 59  ? -10.109 9.723   10.372  1.00 69.04 ? 59  ARG A CG  1 
ATOM   462  C CD  . ARG A 1 59  ? -9.358  8.436   10.025  1.00 72.29 ? 59  ARG A CD  1 
ATOM   463  N NE  . ARG A 1 59  ? -10.280 7.306   9.903   1.00 74.84 ? 59  ARG A NE  1 
ATOM   464  C CZ  . ARG A 1 59  ? -9.974  6.133   9.352   1.00 76.57 ? 59  ARG A CZ  1 
ATOM   465  N NH1 . ARG A 1 59  ? -8.758  5.917   8.860   1.00 75.46 ? 59  ARG A NH1 1 
ATOM   466  N NH2 . ARG A 1 59  ? -10.895 5.173   9.289   1.00 76.48 ? 59  ARG A NH2 1 
ATOM   467  N N   . GLY A 1 60  ? -9.130  14.543  10.048  1.00 60.29 ? 61  GLY A N   1 
ATOM   468  C CA  . GLY A 1 60  ? -8.341  15.687  10.451  1.00 58.91 ? 61  GLY A CA  1 
ATOM   469  C C   . GLY A 1 60  ? -7.186  15.949  9.511   1.00 58.59 ? 61  GLY A C   1 
ATOM   470  O O   . GLY A 1 60  ? -6.682  17.073  9.438   1.00 58.87 ? 61  GLY A O   1 
ATOM   471  N N   . PHE A 1 61  ? -6.760  14.912  8.791   1.00 57.43 ? 62  PHE A N   1 
ATOM   472  C CA  . PHE A 1 61  ? -5.657  15.040  7.845   1.00 55.67 ? 62  PHE A CA  1 
ATOM   473  C C   . PHE A 1 61  ? -6.159  15.623  6.534   1.00 54.88 ? 62  PHE A C   1 
ATOM   474  O O   . PHE A 1 61  ? -7.356  15.618  6.262   1.00 54.25 ? 62  PHE A O   1 
ATOM   475  C CB  . PHE A 1 61  ? -5.019  13.674  7.566   1.00 55.27 ? 62  PHE A CB  1 
ATOM   476  C CG  . PHE A 1 61  ? -4.536  12.964  8.797   1.00 55.69 ? 62  PHE A CG  1 
ATOM   477  C CD1 . PHE A 1 61  ? -5.372  12.096  9.488   1.00 54.97 ? 62  PHE A CD1 1 
ATOM   478  C CD2 . PHE A 1 61  ? -3.245  13.174  9.274   1.00 54.82 ? 62  PHE A CD2 1 
ATOM   479  C CE1 . PHE A 1 61  ? -4.931  11.446  10.637  1.00 56.26 ? 62  PHE A CE1 1 
ATOM   480  C CE2 . PHE A 1 61  ? -2.797  12.533  10.419  1.00 55.50 ? 62  PHE A CE2 1 
ATOM   481  C CZ  . PHE A 1 61  ? -3.641  11.666  11.104  1.00 55.52 ? 62  PHE A CZ  1 
ATOM   482  N N   . GLU A 1 62  ? -5.237  16.129  5.724   1.00 54.83 ? 63  GLU A N   1 
ATOM   483  C CA  . GLU A 1 62  ? -5.600  16.688  4.433   1.00 54.62 ? 63  GLU A CA  1 
ATOM   484  C C   . GLU A 1 62  ? -4.355  16.974  3.621   1.00 53.13 ? 63  GLU A C   1 
ATOM   485  O O   . GLU A 1 62  ? -3.275  17.186  4.168   1.00 53.24 ? 63  GLU A O   1 
ATOM   486  C CB  . GLU A 1 62  ? -6.404  17.985  4.608   1.00 58.05 ? 63  GLU A CB  1 
ATOM   487  C CG  . GLU A 1 62  ? -5.595  19.173  5.108   1.00 60.95 ? 63  GLU A CG  1 
ATOM   488  C CD  . GLU A 1 62  ? -6.454  20.410  5.334   1.00 63.41 ? 63  GLU A CD  1 
ATOM   489  O OE1 . GLU A 1 62  ? -7.325  20.386  6.230   1.00 64.55 ? 63  GLU A OE1 1 
ATOM   490  O OE2 . GLU A 1 62  ? -6.259  21.409  4.611   1.00 63.97 ? 63  GLU A OE2 1 
ATOM   491  N N   . ALA A 1 63  ? -4.506  16.966  2.305   1.00 51.21 ? 64  ALA A N   1 
ATOM   492  C CA  . ALA A 1 63  ? -3.392  17.251  1.423   1.00 49.38 ? 64  ALA A CA  1 
ATOM   493  C C   . ALA A 1 63  ? -3.964  17.951  0.210   1.00 49.13 ? 64  ALA A C   1 
ATOM   494  O O   . ALA A 1 63  ? -5.145  17.817  -0.089  1.00 49.17 ? 64  ALA A O   1 
ATOM   495  C CB  . ALA A 1 63  ? -2.686  15.967  1.015   1.00 50.33 ? 64  ALA A CB  1 
ATOM   496  N N   . THR A 1 64  ? -3.122  18.693  -0.490  1.00 48.09 ? 65  THR A N   1 
ATOM   497  C CA  . THR A 1 64  ? -3.573  19.410  -1.654  1.00 49.35 ? 65  THR A CA  1 
ATOM   498  C C   . THR A 1 64  ? -2.761  19.065  -2.880  1.00 50.04 ? 65  THR A C   1 
ATOM   499  O O   . THR A 1 64  ? -1.539  19.164  -2.889  1.00 51.68 ? 65  THR A O   1 
ATOM   500  C CB  . THR A 1 64  ? -3.516  20.942  -1.417  1.00 50.74 ? 65  THR A CB  1 
ATOM   501  O OG1 . THR A 1 64  ? -4.210  21.267  -0.201  1.00 49.82 ? 65  THR A OG1 1 
ATOM   502  C CG2 . THR A 1 64  ? -4.171  21.680  -2.580  1.00 49.33 ? 65  THR A CG2 1 
ATOM   503  N N   . TYR A 1 65  ? -3.464  18.658  -3.923  1.00 51.82 ? 66  TYR A N   1 
ATOM   504  C CA  . TYR A 1 65  ? -2.831  18.296  -5.175  1.00 53.65 ? 66  TYR A CA  1 
ATOM   505  C C   . TYR A 1 65  ? -2.137  19.529  -5.746  1.00 55.11 ? 66  TYR A C   1 
ATOM   506  O O   . TYR A 1 65  ? -2.794  20.473  -6.185  1.00 56.23 ? 66  TYR A O   1 
ATOM   507  C CB  . TYR A 1 65  ? -3.896  17.802  -6.152  1.00 52.56 ? 66  TYR A CB  1 
ATOM   508  C CG  . TYR A 1 65  ? -3.385  16.930  -7.274  1.00 52.82 ? 66  TYR A CG  1 
ATOM   509  C CD1 . TYR A 1 65  ? -2.261  17.293  -8.019  1.00 51.74 ? 66  TYR A CD1 1 
ATOM   510  C CD2 . TYR A 1 65  ? -4.069  15.768  -7.637  1.00 50.57 ? 66  TYR A CD2 1 
ATOM   511  C CE1 . TYR A 1 65  ? -1.839  16.525  -9.094  1.00 52.93 ? 66  TYR A CE1 1 
ATOM   512  C CE2 . TYR A 1 65  ? -3.657  15.000  -8.710  1.00 50.22 ? 66  TYR A CE2 1 
ATOM   513  C CZ  . TYR A 1 65  ? -2.546  15.377  -9.437  1.00 52.11 ? 66  TYR A CZ  1 
ATOM   514  O OH  . TYR A 1 65  ? -2.147  14.610  -10.512 1.00 55.24 ? 66  TYR A OH  1 
ATOM   515  N N   . ASN A 1 66  ? -0.811  19.524  -5.731  1.00 56.09 ? 67  ASN A N   1 
ATOM   516  C CA  . ASN A 1 66  ? -0.044  20.636  -6.272  1.00 57.00 ? 67  ASN A CA  1 
ATOM   517  C C   . ASN A 1 66  ? 0.801   20.052  -7.394  1.00 58.18 ? 67  ASN A C   1 
ATOM   518  O O   . ASN A 1 66  ? 1.970   19.720  -7.202  1.00 58.76 ? 67  ASN A O   1 
ATOM   519  C CB  . ASN A 1 66  ? 0.843   21.249  -5.188  1.00 55.38 ? 67  ASN A CB  1 
ATOM   520  C CG  . ASN A 1 66  ? 1.437   22.582  -5.600  1.00 55.29 ? 67  ASN A CG  1 
ATOM   521  O OD1 . ASN A 1 66  ? 2.227   22.668  -6.548  1.00 54.27 ? 67  ASN A OD1 1 
ATOM   522  N ND2 . ASN A 1 66  ? 1.059   23.636  -4.885  1.00 54.18 ? 67  ASN A ND2 1 
ATOM   523  N N   . LYS A 1 67  ? 0.190   19.923  -8.566  1.00 60.16 ? 68  LYS A N   1 
ATOM   524  C CA  . LYS A 1 67  ? 0.859   19.350  -9.723  1.00 62.47 ? 68  LYS A CA  1 
ATOM   525  C C   . LYS A 1 67  ? 2.099   20.123  -10.163 1.00 62.89 ? 68  LYS A C   1 
ATOM   526  O O   . LYS A 1 67  ? 3.010   19.545  -10.753 1.00 64.17 ? 68  LYS A O   1 
ATOM   527  C CB  . LYS A 1 67  ? -0.123  19.230  -10.892 1.00 64.02 ? 68  LYS A CB  1 
ATOM   528  C CG  . LYS A 1 67  ? 0.403   18.396  -12.049 1.00 65.65 ? 68  LYS A CG  1 
ATOM   529  C CD  . LYS A 1 67  ? -0.512  18.480  -13.263 1.00 67.23 ? 68  LYS A CD  1 
ATOM   530  C CE  . LYS A 1 67  ? 0.123   17.816  -14.478 1.00 68.15 ? 68  LYS A CE  1 
ATOM   531  N NZ  . LYS A 1 67  ? -0.715  17.981  -15.701 1.00 71.20 ? 68  LYS A NZ  1 
ATOM   532  N N   . GLU A 1 68  ? 2.139   21.424  -9.884  1.00 63.98 ? 69  GLU A N   1 
ATOM   533  C CA  . GLU A 1 68  ? 3.292   22.244  -10.259 1.00 64.66 ? 69  GLU A CA  1 
ATOM   534  C C   . GLU A 1 68  ? 4.522   21.828  -9.451  1.00 63.11 ? 69  GLU A C   1 
ATOM   535  O O   . GLU A 1 68  ? 5.610   21.624  -10.005 1.00 61.65 ? 69  GLU A O   1 
ATOM   536  C CB  . GLU A 1 68  ? 3.016   23.732  -10.009 1.00 67.20 ? 69  GLU A CB  1 
ATOM   537  C CG  . GLU A 1 68  ? 1.916   24.344  -10.862 1.00 71.40 ? 69  GLU A CG  1 
ATOM   538  C CD  . GLU A 1 68  ? 0.534   23.853  -10.479 1.00 74.48 ? 69  GLU A CD  1 
ATOM   539  O OE1 . GLU A 1 68  ? 0.197   23.895  -9.270  1.00 75.10 ? 69  GLU A OE1 1 
ATOM   540  O OE2 . GLU A 1 68  ? -0.219  23.436  -11.388 1.00 75.15 ? 69  GLU A OE2 1 
ATOM   541  N N   . ALA A 1 69  ? 4.338   21.713  -8.138  1.00 60.12 ? 70  ALA A N   1 
ATOM   542  C CA  . ALA A 1 69  ? 5.422   21.319  -7.242  1.00 59.23 ? 70  ALA A CA  1 
ATOM   543  C C   . ALA A 1 69  ? 5.438   19.800  -7.048  1.00 57.50 ? 70  ALA A C   1 
ATOM   544  O O   . ALA A 1 69  ? 6.193   19.284  -6.229  1.00 57.79 ? 70  ALA A O   1 
ATOM   545  C CB  . ALA A 1 69  ? 5.259   22.022  -5.896  1.00 58.16 ? 70  ALA A CB  1 
ATOM   546  N N   . THR A 1 70  ? 4.607   19.100  -7.818  1.00 56.12 ? 71  THR A N   1 
ATOM   547  C CA  . THR A 1 70  ? 4.486   17.645  -7.743  1.00 53.67 ? 71  THR A CA  1 
ATOM   548  C C   . THR A 1 70  ? 4.571   17.158  -6.298  1.00 51.65 ? 71  THR A C   1 
ATOM   549  O O   . THR A 1 70  ? 5.400   16.308  -5.959  1.00 49.38 ? 71  THR A O   1 
ATOM   550  C CB  . THR A 1 70  ? 5.571   16.946  -8.582  1.00 54.18 ? 71  THR A CB  1 
ATOM   551  O OG1 . THR A 1 70  ? 6.852   17.491  -8.254  1.00 56.52 ? 71  THR A OG1 1 
ATOM   552  C CG2 . THR A 1 70  ? 5.310   17.143  -10.071 1.00 56.53 ? 71  THR A CG2 1 
ATOM   553  N N   . SER A 1 71  ? 3.701   17.702  -5.454  1.00 49.16 ? 72  SER A N   1 
ATOM   554  C CA  . SER A 1 71  ? 3.663   17.345  -4.044  1.00 48.26 ? 72  SER A CA  1 
ATOM   555  C C   . SER A 1 71  ? 2.227   17.112  -3.582  1.00 45.96 ? 72  SER A C   1 
ATOM   556  O O   . SER A 1 71  ? 1.284   17.512  -4.254  1.00 47.71 ? 72  SER A O   1 
ATOM   557  C CB  . SER A 1 71  ? 4.316   18.452  -3.213  1.00 48.83 ? 72  SER A CB  1 
ATOM   558  O OG  . SER A 1 71  ? 3.745   19.709  -3.522  1.00 54.06 ? 72  SER A OG  1 
ATOM   559  N N   . PHE A 1 72  ? 2.073   16.481  -2.424  1.00 43.69 ? 73  PHE A N   1 
ATOM   560  C CA  . PHE A 1 72  ? 0.762   16.161  -1.866  1.00 43.98 ? 73  PHE A CA  1 
ATOM   561  C C   . PHE A 1 72  ? 0.972   15.953  -0.364  1.00 43.94 ? 73  PHE A C   1 
ATOM   562  O O   . PHE A 1 72  ? 0.608   14.916  0.203   1.00 43.25 ? 73  PHE A O   1 
ATOM   563  C CB  . PHE A 1 72  ? 0.231   14.869  -2.522  1.00 44.41 ? 73  PHE A CB  1 
ATOM   564  C CG  . PHE A 1 72  ? -1.236  14.615  -2.286  1.00 44.84 ? 73  PHE A CG  1 
ATOM   565  C CD1 . PHE A 1 72  ? -2.182  15.605  -2.564  1.00 42.40 ? 73  PHE A CD1 1 
ATOM   566  C CD2 . PHE A 1 72  ? -1.673  13.392  -1.784  1.00 42.26 ? 73  PHE A CD2 1 
ATOM   567  C CE1 . PHE A 1 72  ? -3.536  15.380  -2.341  1.00 41.33 ? 73  PHE A CE1 1 
ATOM   568  C CE2 . PHE A 1 72  ? -3.024  13.153  -1.558  1.00 41.88 ? 73  PHE A CE2 1 
ATOM   569  C CZ  . PHE A 1 72  ? -3.963  14.148  -1.835  1.00 43.84 ? 73  PHE A CZ  1 
ATOM   570  N N   . HIS A 1 73  ? 1.567   16.960  0.267   1.00 42.95 ? 74  HIS A N   1 
ATOM   571  C CA  . HIS A 1 73  ? 1.891   16.925  1.688   1.00 42.18 ? 74  HIS A CA  1 
ATOM   572  C C   . HIS A 1 73  ? 0.714   16.739  2.640   1.00 42.73 ? 74  HIS A C   1 
ATOM   573  O O   . HIS A 1 73  ? -0.254  17.496  2.601   1.00 42.84 ? 74  HIS A O   1 
ATOM   574  C CB  . HIS A 1 73  ? 2.665   18.189  2.063   1.00 39.67 ? 74  HIS A CB  1 
ATOM   575  C CG  . HIS A 1 73  ? 3.834   18.465  1.169   1.00 38.48 ? 74  HIS A CG  1 
ATOM   576  N ND1 . HIS A 1 73  ? 4.634   17.466  0.660   1.00 39.14 ? 74  HIS A ND1 1 
ATOM   577  C CD2 . HIS A 1 73  ? 4.355   19.629  0.716   1.00 37.45 ? 74  HIS A CD2 1 
ATOM   578  C CE1 . HIS A 1 73  ? 5.598   18.002  -0.068  1.00 41.51 ? 74  HIS A CE1 1 
ATOM   579  N NE2 . HIS A 1 73  ? 5.451   19.314  -0.051  1.00 38.60 ? 74  HIS A NE2 1 
ATOM   580  N N   . LEU A 1 74  ? 0.818   15.729  3.502   1.00 42.63 ? 75  LEU A N   1 
ATOM   581  C CA  . LEU A 1 74  ? -0.219  15.428  4.487   1.00 45.87 ? 75  LEU A CA  1 
ATOM   582  C C   . LEU A 1 74  ? -0.089  16.379  5.681   1.00 48.72 ? 75  LEU A C   1 
ATOM   583  O O   . LEU A 1 74  ? 1.021   16.616  6.177   1.00 46.79 ? 75  LEU A O   1 
ATOM   584  C CB  . LEU A 1 74  ? -0.076  13.981  4.980   1.00 45.22 ? 75  LEU A CB  1 
ATOM   585  C CG  . LEU A 1 74  ? -1.103  13.443  5.985   1.00 47.47 ? 75  LEU A CG  1 
ATOM   586  C CD1 . LEU A 1 74  ? -2.428  13.189  5.281   1.00 46.68 ? 75  LEU A CD1 1 
ATOM   587  C CD2 . LEU A 1 74  ? -0.590  12.149  6.613   1.00 47.21 ? 75  LEU A CD2 1 
ATOM   588  N N   . GLN A 1 75  ? -1.217  16.915  6.145   1.00 51.05 ? 76  GLN A N   1 
ATOM   589  C CA  . GLN A 1 75  ? -1.204  17.831  7.286   1.00 55.22 ? 76  GLN A CA  1 
ATOM   590  C C   . GLN A 1 75  ? -2.378  17.661  8.234   1.00 56.22 ? 76  GLN A C   1 
ATOM   591  O O   . GLN A 1 75  ? -3.498  17.353  7.831   1.00 55.05 ? 76  GLN A O   1 
ATOM   592  C CB  . GLN A 1 75  ? -1.172  19.292  6.820   1.00 57.32 ? 76  GLN A CB  1 
ATOM   593  C CG  . GLN A 1 75  ? 0.137   19.728  6.180   1.00 62.38 ? 76  GLN A CG  1 
ATOM   594  C CD  . GLN A 1 75  ? 0.126   21.195  5.766   1.00 65.37 ? 76  GLN A CD  1 
ATOM   595  O OE1 . GLN A 1 75  ? 1.125   21.719  5.259   1.00 65.92 ? 76  GLN A OE1 1 
ATOM   596  N NE2 . GLN A 1 75  ? -1.007  21.863  5.980   1.00 64.28 ? 76  GLN A NE2 1 
ATOM   597  N N   . LYS A 1 76  ? -2.094  17.859  9.512   1.00 58.49 ? 77  LYS A N   1 
ATOM   598  C CA  . LYS A 1 76  ? -3.100  17.773  10.552  1.00 60.48 ? 77  LYS A CA  1 
ATOM   599  C C   . LYS A 1 76  ? -2.625  18.699  11.664  1.00 62.72 ? 77  LYS A C   1 
ATOM   600  O O   . LYS A 1 76  ? -1.602  18.453  12.309  1.00 61.94 ? 77  LYS A O   1 
ATOM   601  C CB  . LYS A 1 76  ? -3.250  16.340  11.066  1.00 59.91 ? 77  LYS A CB  1 
ATOM   602  C CG  . LYS A 1 76  ? -4.415  16.192  12.031  1.00 60.34 ? 77  LYS A CG  1 
ATOM   603  C CD  . LYS A 1 76  ? -4.580  14.782  12.565  1.00 59.33 ? 77  LYS A CD  1 
ATOM   604  C CE  . LYS A 1 76  ? -5.632  14.766  13.669  1.00 60.09 ? 77  LYS A CE  1 
ATOM   605  N NZ  . LYS A 1 76  ? -5.926  13.404  14.192  1.00 60.38 ? 77  LYS A NZ  1 
ATOM   606  N N   . ALA A 1 77  ? -3.377  19.778  11.852  1.00 65.26 ? 78  ALA A N   1 
ATOM   607  C CA  . ALA A 1 77  ? -3.085  20.811  12.843  1.00 67.73 ? 78  ALA A CA  1 
ATOM   608  C C   . ALA A 1 77  ? -2.788  20.326  14.261  1.00 68.93 ? 78  ALA A C   1 
ATOM   609  O O   . ALA A 1 77  ? -1.921  20.885  14.933  1.00 68.86 ? 78  ALA A O   1 
ATOM   610  C CB  . ALA A 1 77  ? -4.236  21.824  12.872  1.00 67.12 ? 78  ALA A CB  1 
ATOM   611  N N   . SER A 1 78  ? -3.505  19.299  14.713  1.00 70.48 ? 79  SER A N   1 
ATOM   612  C CA  . SER A 1 78  ? -3.319  18.766  16.062  1.00 72.10 ? 79  SER A CA  1 
ATOM   613  C C   . SER A 1 78  ? -3.401  17.244  16.104  1.00 73.78 ? 79  SER A C   1 
ATOM   614  O O   . SER A 1 78  ? -4.493  16.675  16.126  1.00 74.25 ? 79  SER A O   1 
ATOM   615  C CB  . SER A 1 78  ? -4.373  19.362  17.004  1.00 72.23 ? 79  SER A CB  1 
ATOM   616  O OG  . SER A 1 78  ? -4.422  18.672  18.244  1.00 73.25 ? 79  SER A OG  1 
ATOM   617  N N   . VAL A 1 79  ? -2.243  16.589  16.123  1.00 75.83 ? 80  VAL A N   1 
ATOM   618  C CA  . VAL A 1 79  ? -2.189  15.130  16.161  1.00 77.80 ? 80  VAL A CA  1 
ATOM   619  C C   . VAL A 1 79  ? -2.612  14.587  17.520  1.00 79.31 ? 80  VAL A C   1 
ATOM   620  O O   . VAL A 1 79  ? -2.134  15.047  18.558  1.00 79.83 ? 80  VAL A O   1 
ATOM   621  C CB  . VAL A 1 79  ? -0.773  14.613  15.832  1.00 77.97 ? 80  VAL A CB  1 
ATOM   622  C CG1 . VAL A 1 79  ? -0.432  14.940  14.397  1.00 77.38 ? 80  VAL A CG1 1 
ATOM   623  C CG2 . VAL A 1 79  ? 0.252   15.241  16.771  1.00 78.43 ? 80  VAL A CG2 1 
ATOM   624  N N   . GLN A 1 80  ? -3.508  13.606  17.504  1.00 80.90 ? 81  GLN A N   1 
ATOM   625  C CA  . GLN A 1 80  ? -4.012  13.003  18.730  1.00 81.59 ? 81  GLN A CA  1 
ATOM   626  C C   . GLN A 1 80  ? -3.214  11.774  19.149  1.00 82.54 ? 81  GLN A C   1 
ATOM   627  O O   . GLN A 1 80  ? -2.065  11.597  18.746  1.00 82.50 ? 81  GLN A O   1 
ATOM   628  C CB  . GLN A 1 80  ? -5.486  12.626  18.559  1.00 82.33 ? 81  GLN A CB  1 
ATOM   629  C CG  . GLN A 1 80  ? -6.370  13.786  18.128  1.00 83.41 ? 81  GLN A CG  1 
ATOM   630  C CD  . GLN A 1 80  ? -6.198  15.010  19.013  1.00 85.20 ? 81  GLN A CD  1 
ATOM   631  O OE1 . GLN A 1 80  ? -6.391  14.944  20.230  1.00 84.95 ? 81  GLN A OE1 1 
ATOM   632  N NE2 . GLN A 1 80  ? -5.834  16.137  18.403  1.00 85.44 ? 81  GLN A NE2 1 
ATOM   633  N N   . GLU A 1 81  ? -3.841  10.928  19.962  1.00 83.68 ? 82  GLU A N   1 
ATOM   634  C CA  . GLU A 1 81  ? -3.216  9.710   20.473  1.00 83.53 ? 82  GLU A CA  1 
ATOM   635  C C   . GLU A 1 81  ? -3.272  8.575   19.455  1.00 82.22 ? 82  GLU A C   1 
ATOM   636  O O   . GLU A 1 81  ? -2.264  7.918   19.180  1.00 82.35 ? 82  GLU A O   1 
ATOM   637  C CB  . GLU A 1 81  ? -3.919  9.257   21.765  1.00 84.82 ? 82  GLU A CB  1 
ATOM   638  C CG  . GLU A 1 81  ? -3.943  10.301  22.890  1.00 86.86 ? 82  GLU A CG  1 
ATOM   639  C CD  . GLU A 1 81  ? -5.356  10.736  23.276  1.00 87.00 ? 82  GLU A CD  1 
ATOM   640  O OE1 . GLU A 1 81  ? -6.061  11.319  22.423  1.00 86.72 ? 82  GLU A OE1 1 
ATOM   641  O OE2 . GLU A 1 81  ? -5.759  10.493  24.436  1.00 87.18 ? 82  GLU A OE2 1 
ATOM   642  N N   . SER A 1 82  ? -4.463  8.361   18.905  1.00 80.53 ? 83  SER A N   1 
ATOM   643  C CA  . SER A 1 82  ? -4.717  7.303   17.933  1.00 78.81 ? 83  SER A CA  1 
ATOM   644  C C   . SER A 1 82  ? -4.093  7.510   16.553  1.00 77.39 ? 83  SER A C   1 
ATOM   645  O O   . SER A 1 82  ? -4.256  6.666   15.668  1.00 77.00 ? 83  SER A O   1 
ATOM   646  C CB  . SER A 1 82  ? -6.227  7.124   17.773  1.00 79.58 ? 83  SER A CB  1 
ATOM   647  O OG  . SER A 1 82  ? -6.837  8.340   17.365  1.00 80.14 ? 83  SER A OG  1 
ATOM   648  N N   . ASP A 1 83  ? -3.386  8.622   16.364  1.00 75.44 ? 84  ASP A N   1 
ATOM   649  C CA  . ASP A 1 83  ? -2.766  8.902   15.073  1.00 73.62 ? 84  ASP A CA  1 
ATOM   650  C C   . ASP A 1 83  ? -1.474  8.141   14.853  1.00 71.82 ? 84  ASP A C   1 
ATOM   651  O O   . ASP A 1 83  ? -1.071  7.903   13.714  1.00 71.60 ? 84  ASP A O   1 
ATOM   652  C CB  . ASP A 1 83  ? -2.499  10.396  14.912  1.00 73.81 ? 84  ASP A CB  1 
ATOM   653  C CG  . ASP A 1 83  ? -3.765  11.190  14.750  1.00 73.81 ? 84  ASP A CG  1 
ATOM   654  O OD1 . ASP A 1 83  ? -4.681  10.701  14.055  1.00 73.66 ? 84  ASP A OD1 1 
ATOM   655  O OD2 . ASP A 1 83  ? -3.841  12.303  15.304  1.00 74.97 ? 84  ASP A OD2 1 
ATOM   656  N N   . SER A 1 84  ? -0.820  7.762   15.943  1.00 70.03 ? 85  SER A N   1 
ATOM   657  C CA  . SER A 1 84  ? 0.428   7.026   15.837  1.00 68.25 ? 85  SER A CA  1 
ATOM   658  C C   . SER A 1 84  ? 0.402   5.692   15.095  1.00 65.82 ? 85  SER A C   1 
ATOM   659  O O   . SER A 1 84  ? -0.133  4.696   15.588  1.00 65.49 ? 85  SER A O   1 
ATOM   660  C CB  . SER A 1 84  ? 0.954   6.681   17.230  1.00 69.23 ? 85  SER A CB  1 
ATOM   661  O OG  . SER A 1 84  ? 1.264   7.873   17.933  1.00 70.39 ? 85  SER A OG  1 
ATOM   662  N N   . ALA A 1 85  ? 0.888   5.743   13.846  1.00 62.25 ? 86  ALA A N   1 
ATOM   663  C CA  . ALA A 1 85  ? 0.921   4.587   12.960  1.00 58.63 ? 86  ALA A CA  1 
ATOM   664  C C   . ALA A 1 85  ? 1.820   4.944   11.781  1.00 57.07 ? 86  ALA A C   1 
ATOM   665  O O   . ALA A 1 85  ? 2.636   5.864   11.877  1.00 56.43 ? 86  ALA A O   1 
ATOM   666  C CB  . ALA A 1 85  ? -0.506  4.363   12.481  1.00 59.96 ? 86  ALA A CB  1 
ATOM   667  N N   . VAL A 1 86  ? 1.673   4.219   10.677  1.00 54.59 ? 87  VAL A N   1 
ATOM   668  C CA  . VAL A 1 86  ? 2.474   4.472   9.484   1.00 52.26 ? 87  VAL A CA  1 
ATOM   669  C C   . VAL A 1 86  ? 1.588   5.037   8.372   1.00 51.29 ? 87  VAL A C   1 
ATOM   670  O O   . VAL A 1 86  ? 0.490   4.539   8.133   1.00 51.97 ? 87  VAL A O   1 
ATOM   671  C CB  . VAL A 1 86  ? 3.147   3.173   8.976   1.00 52.59 ? 87  VAL A CB  1 
ATOM   672  C CG1 . VAL A 1 86  ? 3.921   3.449   7.691   1.00 51.78 ? 87  VAL A CG1 1 
ATOM   673  C CG2 . VAL A 1 86  ? 4.085   2.621   10.043  1.00 53.17 ? 87  VAL A CG2 1 
ATOM   674  N N   . TYR A 1 87  ? 2.073   6.075   7.698   1.00 48.78 ? 88  TYR A N   1 
ATOM   675  C CA  . TYR A 1 87  ? 1.326   6.704   6.617   1.00 47.06 ? 88  TYR A CA  1 
ATOM   676  C C   . TYR A 1 87  ? 2.052   6.531   5.297   1.00 46.21 ? 88  TYR A C   1 
ATOM   677  O O   . TYR A 1 87  ? 3.262   6.742   5.203   1.00 48.27 ? 88  TYR A O   1 
ATOM   678  C CB  . TYR A 1 87  ? 1.120   8.196   6.903   1.00 45.18 ? 88  TYR A CB  1 
ATOM   679  C CG  . TYR A 1 87  ? 0.326   8.442   8.155   1.00 44.74 ? 88  TYR A CG  1 
ATOM   680  C CD1 . TYR A 1 87  ? 0.938   8.426   9.408   1.00 44.47 ? 88  TYR A CD1 1 
ATOM   681  C CD2 . TYR A 1 87  ? -1.048  8.624   8.097   1.00 43.61 ? 88  TYR A CD2 1 
ATOM   682  C CE1 . TYR A 1 87  ? 0.193   8.584   10.574  1.00 44.75 ? 88  TYR A CE1 1 
ATOM   683  C CE2 . TYR A 1 87  ? -1.800  8.784   9.248   1.00 43.96 ? 88  TYR A CE2 1 
ATOM   684  C CZ  . TYR A 1 87  ? -1.179  8.762   10.484  1.00 45.28 ? 88  TYR A CZ  1 
ATOM   685  O OH  . TYR A 1 87  ? -1.940  8.912   11.620  1.00 44.36 ? 88  TYR A OH  1 
ATOM   686  N N   . TYR A 1 88  ? 1.305   6.144   4.277   1.00 43.53 ? 89  TYR A N   1 
ATOM   687  C CA  . TYR A 1 88  ? 1.877   5.935   2.963   1.00 43.53 ? 89  TYR A CA  1 
ATOM   688  C C   . TYR A 1 88  ? 1.261   6.889   1.963   1.00 44.12 ? 89  TYR A C   1 
ATOM   689  O O   . TYR A 1 88  ? 0.041   7.053   1.906   1.00 45.30 ? 89  TYR A O   1 
ATOM   690  C CB  . TYR A 1 88  ? 1.616   4.506   2.481   1.00 44.75 ? 89  TYR A CB  1 
ATOM   691  C CG  . TYR A 1 88  ? 2.361   3.417   3.230   1.00 45.04 ? 89  TYR A CG  1 
ATOM   692  C CD1 . TYR A 1 88  ? 3.645   3.029   2.846   1.00 46.04 ? 89  TYR A CD1 1 
ATOM   693  C CD2 . TYR A 1 88  ? 1.762   2.749   4.295   1.00 45.83 ? 89  TYR A CD2 1 
ATOM   694  C CE1 . TYR A 1 88  ? 4.313   1.993   3.507   1.00 47.13 ? 89  TYR A CE1 1 
ATOM   695  C CE2 . TYR A 1 88  ? 2.416   1.715   4.963   1.00 46.58 ? 89  TYR A CE2 1 
ATOM   696  C CZ  . TYR A 1 88  ? 3.686   1.344   4.563   1.00 46.69 ? 89  TYR A CZ  1 
ATOM   697  O OH  . TYR A 1 88  ? 4.325   0.328   5.223   1.00 49.93 ? 89  TYR A OH  1 
ATOM   698  N N   . CYS A 1 89  ? 2.116   7.522   1.181   1.00 44.26 ? 90  CYS A N   1 
ATOM   699  C CA  . CYS A 1 89  ? 1.659   8.416   0.144   1.00 46.14 ? 90  CYS A CA  1 
ATOM   700  C C   . CYS A 1 89  ? 1.625   7.542   -1.095  1.00 46.60 ? 90  CYS A C   1 
ATOM   701  O O   . CYS A 1 89  ? 2.588   6.837   -1.385  1.00 45.23 ? 90  CYS A O   1 
ATOM   702  C CB  . CYS A 1 89  ? 2.643   9.560   -0.074  1.00 44.17 ? 90  CYS A CB  1 
ATOM   703  S SG  . CYS A 1 89  ? 1.991   10.778  -1.258  1.00 44.63 ? 90  CYS A SG  1 
ATOM   704  N N   . ALA A 1 90  ? 0.528   7.589   -1.835  1.00 48.86 ? 91  ALA A N   1 
ATOM   705  C CA  . ALA A 1 90  ? 0.430   6.758   -3.016  1.00 51.68 ? 91  ALA A CA  1 
ATOM   706  C C   . ALA A 1 90  ? -0.186  7.483   -4.191  1.00 53.85 ? 91  ALA A C   1 
ATOM   707  O O   . ALA A 1 90  ? -0.998  8.391   -4.026  1.00 56.02 ? 91  ALA A O   1 
ATOM   708  C CB  . ALA A 1 90  ? -0.382  5.508   -2.696  1.00 49.81 ? 91  ALA A CB  1 
ATOM   709  N N   . LEU A 1 91  ? 0.220   7.087   -5.386  1.00 54.97 ? 92  LEU A N   1 
ATOM   710  C CA  . LEU A 1 91  ? -0.343  7.675   -6.576  1.00 57.47 ? 92  LEU A CA  1 
ATOM   711  C C   . LEU A 1 91  ? -0.942  6.534   -7.390  1.00 59.60 ? 92  LEU A C   1 
ATOM   712  O O   . LEU A 1 91  ? -0.249  5.598   -7.795  1.00 60.81 ? 92  LEU A O   1 
ATOM   713  C CB  . LEU A 1 91  ? 0.724   8.455   -7.363  1.00 55.60 ? 92  LEU A CB  1 
ATOM   714  C CG  . LEU A 1 91  ? 1.786   7.850   -8.275  1.00 56.23 ? 92  LEU A CG  1 
ATOM   715  C CD1 . LEU A 1 91  ? 1.171   7.368   -9.588  1.00 54.52 ? 92  LEU A CD1 1 
ATOM   716  C CD2 . LEU A 1 91  ? 2.820   8.932   -8.562  1.00 54.98 ? 92  LEU A CD2 1 
ATOM   717  N N   . SER A 1 92  ? -2.255  6.592   -7.575  1.00 61.96 ? 93  SER A N   1 
ATOM   718  C CA  . SER A 1 92  ? -2.960  5.576   -8.339  1.00 63.51 ? 93  SER A CA  1 
ATOM   719  C C   . SER A 1 92  ? -2.997  6.014   -9.787  1.00 64.19 ? 93  SER A C   1 
ATOM   720  O O   . SER A 1 92  ? -3.295  7.172   -10.096 1.00 64.86 ? 93  SER A O   1 
ATOM   721  C CB  . SER A 1 92  ? -4.390  5.396   -7.817  1.00 63.30 ? 93  SER A CB  1 
ATOM   722  O OG  . SER A 1 92  ? -5.106  4.446   -8.594  1.00 63.21 ? 93  SER A OG  1 
ATOM   723  N N   . GLU A 1 93  ? -2.682  5.084   -10.675 1.00 64.66 ? 98  GLU A N   1 
ATOM   724  C CA  . GLU A 1 93  ? -2.678  5.375   -12.098 1.00 64.61 ? 98  GLU A CA  1 
ATOM   725  C C   . GLU A 1 93  ? -3.967  4.789   -12.687 1.00 63.85 ? 98  GLU A C   1 
ATOM   726  O O   . GLU A 1 93  ? -3.943  4.068   -13.687 1.00 62.79 ? 98  GLU A O   1 
ATOM   727  C CB  . GLU A 1 93  ? -1.425  4.757   -12.735 1.00 64.05 ? 98  GLU A CB  1 
ATOM   728  C CG  . GLU A 1 93  ? -0.896  5.519   -13.938 1.00 67.33 ? 98  GLU A CG  1 
ATOM   729  C CD  . GLU A 1 93  ? -0.652  6.994   -13.646 1.00 66.17 ? 98  GLU A CD  1 
ATOM   730  O OE1 . GLU A 1 93  ? -1.618  7.701   -13.289 1.00 66.27 ? 98  GLU A OE1 1 
ATOM   731  O OE2 . GLU A 1 93  ? 0.507   7.444   -13.773 1.00 66.19 ? 98  GLU A OE2 1 
ATOM   732  N N   . ASN A 1 94  ? -5.087  5.118   -12.038 1.00 63.59 ? 99  ASN A N   1 
ATOM   733  C CA  . ASN A 1 94  ? -6.417  4.655   -12.430 1.00 63.01 ? 99  ASN A CA  1 
ATOM   734  C C   . ASN A 1 94  ? -6.743  4.942   -13.895 1.00 62.83 ? 99  ASN A C   1 
ATOM   735  O O   . ASN A 1 94  ? -7.492  4.194   -14.531 1.00 63.18 ? 99  ASN A O   1 
ATOM   736  C CB  . ASN A 1 94  ? -7.481  5.297   -11.528 1.00 63.06 ? 99  ASN A CB  1 
ATOM   737  C CG  . ASN A 1 94  ? -7.562  6.819   -11.691 1.00 65.16 ? 99  ASN A CG  1 
ATOM   738  O OD1 . ASN A 1 94  ? -6.605  7.544   -11.400 1.00 64.74 ? 99  ASN A OD1 1 
ATOM   739  N ND2 . ASN A 1 94  ? -8.711  7.305   -12.158 1.00 62.32 ? 99  ASN A ND2 1 
ATOM   740  N N   . TYR A 1 95  ? -6.164  6.019   -14.423 1.00 62.17 ? 100 TYR A N   1 
ATOM   741  C CA  . TYR A 1 95  ? -6.378  6.440   -15.805 1.00 61.30 ? 100 TYR A CA  1 
ATOM   742  C C   . TYR A 1 95  ? -5.398  5.799   -16.797 1.00 58.27 ? 100 TYR A C   1 
ATOM   743  O O   . TYR A 1 95  ? -5.555  5.925   -18.012 1.00 55.76 ? 100 TYR A O   1 
ATOM   744  C CB  . TYR A 1 95  ? -6.290  7.965   -15.881 1.00 65.05 ? 100 TYR A CB  1 
ATOM   745  C CG  . TYR A 1 95  ? -6.364  8.520   -17.277 1.00 71.44 ? 100 TYR A CG  1 
ATOM   746  C CD1 . TYR A 1 95  ? -7.402  8.156   -18.138 1.00 72.73 ? 100 TYR A CD1 1 
ATOM   747  C CD2 . TYR A 1 95  ? -5.400  9.419   -17.744 1.00 73.93 ? 100 TYR A CD2 1 
ATOM   748  C CE1 . TYR A 1 95  ? -7.476  8.672   -19.431 1.00 74.87 ? 100 TYR A CE1 1 
ATOM   749  C CE2 . TYR A 1 95  ? -5.471  9.946   -19.039 1.00 75.43 ? 100 TYR A CE2 1 
ATOM   750  C CZ  . TYR A 1 95  ? -6.515  9.565   -19.876 1.00 75.82 ? 100 TYR A CZ  1 
ATOM   751  O OH  . TYR A 1 95  ? -6.602  10.077  -21.156 1.00 77.92 ? 100 TYR A OH  1 
ATOM   752  N N   . GLY A 1 96  ? -4.387  5.113   -16.274 1.00 55.94 ? 101 GLY A N   1 
ATOM   753  C CA  . GLY A 1 96  ? -3.413  4.455   -17.130 1.00 53.51 ? 101 GLY A CA  1 
ATOM   754  C C   . GLY A 1 96  ? -3.203  3.003   -16.728 1.00 53.03 ? 101 GLY A C   1 
ATOM   755  O O   . GLY A 1 96  ? -4.082  2.161   -16.924 1.00 51.04 ? 101 GLY A O   1 
ATOM   756  N N   . ASN A 1 97  A -2.033  2.729   -16.154 1.00 53.06 ? 101 ASN A N   1 
ATOM   757  C CA  . ASN A 1 97  A -1.624  1.396   -15.684 1.00 51.93 ? 101 ASN A CA  1 
ATOM   758  C C   . ASN A 1 97  A -2.522  0.705   -14.672 1.00 49.55 ? 101 ASN A C   1 
ATOM   759  O O   . ASN A 1 97  A -2.586  -0.517  -14.611 1.00 49.47 ? 101 ASN A O   1 
ATOM   760  C CB  . ASN A 1 97  A -0.329  1.489   -14.868 1.00 52.82 ? 101 ASN A CB  1 
ATOM   761  C CG  . ASN A 1 97  A 0.765   2.216   -15.588 1.00 55.94 ? 101 ASN A CG  1 
ATOM   762  O OD1 . ASN A 1 97  A 1.864   1.682   -15.743 1.00 55.96 ? 101 ASN A OD1 1 
ATOM   763  N ND2 . ASN A 1 97  A 0.487   3.454   -16.032 1.00 56.45 ? 101 ASN A ND2 1 
ATOM   764  N N   . GLU A 1 98  ? -3.171  1.518   -13.851 1.00 47.21 ? 102 GLU A N   1 
ATOM   765  C CA  . GLU A 1 98  ? -4.104  1.041   -12.852 1.00 46.80 ? 102 GLU A CA  1 
ATOM   766  C C   . GLU A 1 98  ? -3.225  0.397   -11.778 1.00 46.66 ? 102 GLU A C   1 
ATOM   767  O O   . GLU A 1 98  ? -3.677  -0.407  -10.962 1.00 45.30 ? 102 GLU A O   1 
ATOM   768  C CB  . GLU A 1 98  ? -5.101  0.032   -13.453 1.00 46.87 ? 102 GLU A CB  1 
ATOM   769  C CG  . GLU A 1 98  ? -6.503  0.620   -13.617 1.00 47.69 ? 102 GLU A CG  1 
ATOM   770  C CD  . GLU A 1 98  ? -7.375  -0.120  -14.622 1.00 49.48 ? 102 GLU A CD  1 
ATOM   771  O OE1 . GLU A 1 98  ? -7.518  -1.359  -14.511 1.00 50.66 ? 102 GLU A OE1 1 
ATOM   772  O OE2 . GLU A 1 98  ? -7.930  0.550   -15.523 1.00 46.79 ? 102 GLU A OE2 1 
ATOM   773  N N   . LYS A 1 99  ? -1.950  0.776   -11.797 1.00 45.88 ? 103 LYS A N   1 
ATOM   774  C CA  . LYS A 1 99  ? -0.984  0.298   -10.817 1.00 47.00 ? 103 LYS A CA  1 
ATOM   775  C C   . LYS A 1 99  ? -0.857  1.409   -9.781  1.00 46.29 ? 103 LYS A C   1 
ATOM   776  O O   . LYS A 1 99  ? -0.886  2.589   -10.120 1.00 48.46 ? 103 LYS A O   1 
ATOM   777  C CB  . LYS A 1 99  ? 0.373   0.031   -11.468 1.00 48.66 ? 103 LYS A CB  1 
ATOM   778  C CG  . LYS A 1 99  ? 0.392   -1.199  -12.364 1.00 50.98 ? 103 LYS A CG  1 
ATOM   779  C CD  . LYS A 1 99  ? 1.609   -1.231  -13.287 1.00 52.26 ? 103 LYS A CD  1 
ATOM   780  C CE  . LYS A 1 99  ? 2.910   -1.276  -12.509 1.00 51.92 ? 103 LYS A CE  1 
ATOM   781  N NZ  . LYS A 1 99  ? 4.082   -1.484  -13.410 1.00 54.28 ? 103 LYS A NZ  1 
ATOM   782  N N   . ILE A 1 100 ? -0.748  1.037   -8.517  1.00 45.01 ? 104 ILE A N   1 
ATOM   783  C CA  . ILE A 1 100 ? -0.616  2.023   -7.464  1.00 44.53 ? 104 ILE A CA  1 
ATOM   784  C C   . ILE A 1 100 ? 0.789   1.969   -6.867  1.00 44.69 ? 104 ILE A C   1 
ATOM   785  O O   . ILE A 1 100 ? 1.196   0.983   -6.257  1.00 44.57 ? 104 ILE A O   1 
ATOM   786  C CB  . ILE A 1 100 ? -1.671  1.816   -6.347  1.00 43.50 ? 104 ILE A CB  1 
ATOM   787  C CG1 . ILE A 1 100 ? -3.080  2.097   -6.882  1.00 44.53 ? 104 ILE A CG1 1 
ATOM   788  C CG2 . ILE A 1 100 ? -1.396  2.752   -5.190  1.00 45.01 ? 104 ILE A CG2 1 
ATOM   789  C CD1 . ILE A 1 100 ? -3.751  0.906   -7.537  1.00 45.29 ? 104 ILE A CD1 1 
ATOM   790  N N   . THR A 1 101 ? 1.527   3.049   -7.070  1.00 46.21 ? 105 THR A N   1 
ATOM   791  C CA  . THR A 1 101 ? 2.882   3.168   -6.572  1.00 44.87 ? 105 THR A CA  1 
ATOM   792  C C   . THR A 1 101 ? 2.845   3.831   -5.211  1.00 43.50 ? 105 THR A C   1 
ATOM   793  O O   . THR A 1 101 ? 2.178   4.849   -5.033  1.00 43.35 ? 105 THR A O   1 
ATOM   794  C CB  . THR A 1 101 ? 3.733   3.999   -7.533  1.00 46.25 ? 105 THR A CB  1 
ATOM   795  O OG1 . THR A 1 101 ? 3.805   3.324   -8.794  1.00 47.78 ? 105 THR A OG1 1 
ATOM   796  C CG2 . THR A 1 101 ? 5.135   4.185   -6.986  1.00 47.46 ? 105 THR A CG2 1 
ATOM   797  N N   . PHE A 1 102 ? 3.547   3.234   -4.252  1.00 41.94 ? 106 PHE A N   1 
ATOM   798  C CA  . PHE A 1 102 ? 3.593   3.745   -2.893  1.00 42.10 ? 106 PHE A CA  1 
ATOM   799  C C   . PHE A 1 102 ? 4.945   4.337   -2.501  1.00 43.37 ? 106 PHE A C   1 
ATOM   800  O O   . PHE A 1 102 ? 5.987   4.019   -3.097  1.00 44.10 ? 106 PHE A O   1 
ATOM   801  C CB  . PHE A 1 102 ? 3.247   2.642   -1.887  1.00 42.06 ? 106 PHE A CB  1 
ATOM   802  C CG  . PHE A 1 102 ? 1.790   2.269   -1.851  1.00 41.40 ? 106 PHE A CG  1 
ATOM   803  C CD1 . PHE A 1 102 ? 1.226   1.490   -2.855  1.00 39.04 ? 106 PHE A CD1 1 
ATOM   804  C CD2 . PHE A 1 102 ? 0.982   2.679   -0.787  1.00 40.37 ? 106 PHE A CD2 1 
ATOM   805  C CE1 . PHE A 1 102 ? -0.122  1.125   -2.796  1.00 40.12 ? 106 PHE A CE1 1 
ATOM   806  C CE2 . PHE A 1 102 ? -0.366  2.317   -0.721  1.00 37.45 ? 106 PHE A CE2 1 
ATOM   807  C CZ  . PHE A 1 102 ? -0.918  1.543   -1.720  1.00 36.93 ? 106 PHE A CZ  1 
ATOM   808  N N   . GLY A 1 103 ? 4.911   5.202   -1.490  1.00 42.02 ? 107 GLY A N   1 
ATOM   809  C CA  . GLY A 1 103 ? 6.119   5.818   -0.987  1.00 42.03 ? 107 GLY A CA  1 
ATOM   810  C C   . GLY A 1 103 ? 6.712   4.855   0.020   1.00 42.54 ? 107 GLY A C   1 
ATOM   811  O O   . GLY A 1 103 ? 6.168   3.774   0.230   1.00 44.20 ? 107 GLY A O   1 
ATOM   812  N N   . ALA A 1 104 ? 7.815   5.232   0.651   1.00 42.38 ? 108 ALA A N   1 
ATOM   813  C CA  . ALA A 1 104 ? 8.462   4.359   1.621   1.00 42.28 ? 108 ALA A CA  1 
ATOM   814  C C   . ALA A 1 104 ? 7.709   4.336   2.937   1.00 42.69 ? 108 ALA A C   1 
ATOM   815  O O   . ALA A 1 104 ? 8.008   3.520   3.814   1.00 44.33 ? 108 ALA A O   1 
ATOM   816  C CB  . ALA A 1 104 ? 9.895   4.807   1.851   1.00 41.16 ? 108 ALA A CB  1 
ATOM   817  N N   . GLY A 1 105 ? 6.730   5.226   3.076   1.00 41.20 ? 109 GLY A N   1 
ATOM   818  C CA  . GLY A 1 105 ? 5.974   5.283   4.315   1.00 39.67 ? 109 GLY A CA  1 
ATOM   819  C C   . GLY A 1 105 ? 6.653   6.168   5.348   1.00 38.89 ? 109 GLY A C   1 
ATOM   820  O O   . GLY A 1 105 ? 7.830   6.524   5.219   1.00 36.96 ? 109 GLY A O   1 
ATOM   821  N N   . THR A 1 106 ? 5.905   6.513   6.389   1.00 40.36 ? 110 THR A N   1 
ATOM   822  C CA  . THR A 1 106 ? 6.407   7.368   7.454   1.00 43.11 ? 110 THR A CA  1 
ATOM   823  C C   . THR A 1 106 ? 5.766   6.936   8.769   1.00 46.77 ? 110 THR A C   1 
ATOM   824  O O   . THR A 1 106 ? 4.539   6.945   8.903   1.00 45.32 ? 110 THR A O   1 
ATOM   825  C CB  . THR A 1 106 ? 6.054   8.868   7.180   1.00 41.97 ? 110 THR A CB  1 
ATOM   826  O OG1 . THR A 1 106 ? 6.516   9.249   5.874   1.00 40.87 ? 110 THR A OG1 1 
ATOM   827  C CG2 . THR A 1 106 ? 6.695   9.770   8.207   1.00 41.33 ? 110 THR A CG2 1 
ATOM   828  N N   . LYS A 1 107 ? 6.593   6.543   9.736   1.00 50.53 ? 111 LYS A N   1 
ATOM   829  C CA  . LYS A 1 107 ? 6.074   6.119   11.029  1.00 53.62 ? 111 LYS A CA  1 
ATOM   830  C C   . LYS A 1 107 ? 5.946   7.329   11.939  1.00 56.32 ? 111 LYS A C   1 
ATOM   831  O O   . LYS A 1 107 ? 6.902   8.083   12.134  1.00 55.49 ? 111 LYS A O   1 
ATOM   832  C CB  . LYS A 1 107 ? 6.991   5.074   11.677  1.00 55.28 ? 111 LYS A CB  1 
ATOM   833  C CG  . LYS A 1 107 ? 6.457   4.527   13.001  1.00 56.13 ? 111 LYS A CG  1 
ATOM   834  C CD  . LYS A 1 107 ? 7.389   3.482   13.596  1.00 59.59 ? 111 LYS A CD  1 
ATOM   835  C CE  . LYS A 1 107 ? 6.873   2.971   14.940  1.00 62.28 ? 111 LYS A CE  1 
ATOM   836  N NZ  . LYS A 1 107 ? 7.752   1.912   15.524  1.00 63.67 ? 111 LYS A NZ  1 
ATOM   837  N N   . LEU A 1 108 ? 4.750   7.507   12.488  1.00 59.41 ? 112 LEU A N   1 
ATOM   838  C CA  . LEU A 1 108 ? 4.466   8.625   13.369  1.00 63.44 ? 112 LEU A CA  1 
ATOM   839  C C   . LEU A 1 108 ? 4.306   8.131   14.796  1.00 66.78 ? 112 LEU A C   1 
ATOM   840  O O   . LEU A 1 108 ? 3.400   7.352   15.096  1.00 67.87 ? 112 LEU A O   1 
ATOM   841  C CB  . LEU A 1 108 ? 3.188   9.335   12.919  1.00 62.79 ? 112 LEU A CB  1 
ATOM   842  C CG  . LEU A 1 108 ? 2.780   10.564  13.726  1.00 63.70 ? 112 LEU A CG  1 
ATOM   843  C CD1 . LEU A 1 108 ? 3.840   11.647  13.567  1.00 62.88 ? 112 LEU A CD1 1 
ATOM   844  C CD2 . LEU A 1 108 ? 1.422   11.067  13.248  1.00 64.07 ? 112 LEU A CD2 1 
ATOM   845  N N   . THR A 1 109 ? 5.194   8.587   15.671  1.00 70.48 ? 113 THR A N   1 
ATOM   846  C CA  . THR A 1 109 ? 5.164   8.203   17.076  1.00 74.10 ? 113 THR A CA  1 
ATOM   847  C C   . THR A 1 109 ? 4.793   9.415   17.917  1.00 75.84 ? 113 THR A C   1 
ATOM   848  O O   . THR A 1 109 ? 5.570   10.364  18.051  1.00 76.20 ? 113 THR A O   1 
ATOM   849  C CB  . THR A 1 109 ? 6.532   7.679   17.520  1.00 75.21 ? 113 THR A CB  1 
ATOM   850  O OG1 . THR A 1 109 ? 7.545   8.619   17.136  1.00 76.48 ? 113 THR A OG1 1 
ATOM   851  C CG2 . THR A 1 109 ? 6.819   6.326   16.870  1.00 76.35 ? 113 THR A CG2 1 
ATOM   852  N N   . ILE A 1 110 ? 3.596   9.381   18.484  1.00 77.72 ? 114 ILE A N   1 
ATOM   853  C CA  . ILE A 1 110 ? 3.118   10.489  19.293  1.00 80.38 ? 114 ILE A CA  1 
ATOM   854  C C   . ILE A 1 110 ? 3.242   10.222  20.793  1.00 81.53 ? 114 ILE A C   1 
ATOM   855  O O   . ILE A 1 110 ? 2.645   9.285   21.329  1.00 81.28 ? 114 ILE A O   1 
ATOM   856  C CB  . ILE A 1 110 ? 1.648   10.822  18.935  1.00 80.59 ? 114 ILE A CB  1 
ATOM   857  C CG1 . ILE A 1 110 ? 1.567   11.233  17.459  1.00 81.24 ? 114 ILE A CG1 1 
ATOM   858  C CG2 . ILE A 1 110 ? 1.123   11.938  19.834  1.00 80.78 ? 114 ILE A CG2 1 
ATOM   859  C CD1 . ILE A 1 110 ? 0.164   11.519  16.960  1.00 80.70 ? 114 ILE A CD1 1 
ATOM   860  N N   . LYS A 1 111 ? 4.032   11.056  21.462  1.00 82.92 ? 115 LYS A N   1 
ATOM   861  C CA  . LYS A 1 111 ? 4.240   10.935  22.899  1.00 84.86 ? 115 LYS A CA  1 
ATOM   862  C C   . LYS A 1 111 ? 3.281   11.859  23.647  1.00 86.05 ? 115 LYS A C   1 
ATOM   863  O O   . LYS A 1 111 ? 2.924   12.933  23.158  1.00 85.49 ? 115 LYS A O   1 
ATOM   864  C CB  . LYS A 1 111 ? 5.688   11.288  23.253  1.00 84.79 ? 115 LYS A CB  1 
ATOM   865  C CG  . LYS A 1 111 ? 6.191   12.563  22.587  1.00 85.13 ? 115 LYS A CG  1 
ATOM   866  C CD  . LYS A 1 111 ? 7.641   12.854  22.951  1.00 85.06 ? 115 LYS A CD  1 
ATOM   867  C CE  . LYS A 1 111 ? 8.262   13.854  21.990  1.00 84.19 ? 115 LYS A CE  1 
ATOM   868  N NZ  . LYS A 1 111 ? 8.319   13.300  20.608  1.00 83.65 ? 115 LYS A NZ  1 
ATOM   869  N N   . PRO A 1 112 ? 2.845   11.442  24.845  1.00 87.42 ? 116 PRO A N   1 
ATOM   870  C CA  . PRO A 1 112 ? 1.921   12.247  25.651  1.00 88.42 ? 116 PRO A CA  1 
ATOM   871  C C   . PRO A 1 112 ? 2.472   13.630  26.016  1.00 89.19 ? 116 PRO A C   1 
ATOM   872  O O   . PRO A 1 112 ? 3.681   13.864  25.795  1.00 89.77 ? 116 PRO A O   1 
ATOM   873  C CB  . PRO A 1 112 ? 1.687   11.368  26.879  1.00 88.06 ? 116 PRO A CB  1 
ATOM   874  C CG  . PRO A 1 112 ? 1.794   9.980   26.314  1.00 88.14 ? 116 PRO A CG  1 
ATOM   875  C CD  . PRO A 1 112 ? 3.021   10.101  25.434  1.00 87.78 ? 116 PRO A CD  1 
ATOM   876  O OXT . PRO A 1 112 ? 1.686   14.462  26.524  1.00 89.57 ? 116 PRO A OXT 1 
ATOM   877  N N   . ALA B 2 1   ? -13.856 -7.778  3.927   1.00 56.58 ? 3   ALA B N   1 
ATOM   878  C CA  . ALA B 2 1   ? -13.742 -7.213  2.549   1.00 56.41 ? 3   ALA B CA  1 
ATOM   879  C C   . ALA B 2 1   ? -12.661 -7.961  1.765   1.00 57.18 ? 3   ALA B C   1 
ATOM   880  O O   . ALA B 2 1   ? -12.872 -8.385  0.624   1.00 58.57 ? 3   ALA B O   1 
ATOM   881  C CB  . ALA B 2 1   ? -13.408 -5.733  2.634   1.00 56.06 ? 3   ALA B CB  1 
ATOM   882  N N   . VAL B 2 2   ? -11.496 -8.100  2.385   1.00 56.07 ? 4   VAL B N   1 
ATOM   883  C CA  . VAL B 2 2   ? -10.374 -8.820  1.801   1.00 53.85 ? 4   VAL B CA  1 
ATOM   884  C C   . VAL B 2 2   ? -9.683  -9.514  2.963   1.00 53.43 ? 4   VAL B C   1 
ATOM   885  O O   . VAL B 2 2   ? -9.319  -8.879  3.958   1.00 52.51 ? 4   VAL B O   1 
ATOM   886  C CB  . VAL B 2 2   ? -9.372  -7.885  1.106   1.00 54.62 ? 4   VAL B CB  1 
ATOM   887  C CG1 . VAL B 2 2   ? -8.114  -8.661  0.732   1.00 53.87 ? 4   VAL B CG1 1 
ATOM   888  C CG2 . VAL B 2 2   ? -9.994  -7.309  -0.145  1.00 55.14 ? 4   VAL B CG2 1 
ATOM   889  N N   . THR B 2 3   ? -9.529  -10.825 2.839   1.00 52.03 ? 5   THR B N   1 
ATOM   890  C CA  . THR B 2 3   ? -8.900  -11.622 3.879   1.00 51.53 ? 5   THR B CA  1 
ATOM   891  C C   . THR B 2 3   ? -7.705  -12.391 3.337   1.00 49.11 ? 5   THR B C   1 
ATOM   892  O O   . THR B 2 3   ? -7.694  -12.827 2.192   1.00 47.29 ? 5   THR B O   1 
ATOM   893  C CB  . THR B 2 3   ? -9.915  -12.612 4.498   1.00 52.46 ? 5   THR B CB  1 
ATOM   894  O OG1 . THR B 2 3   ? -10.655 -13.248 3.450   1.00 53.20 ? 5   THR B OG1 1 
ATOM   895  C CG2 . THR B 2 3   ? -10.886 -11.877 5.418   1.00 51.54 ? 5   THR B CG2 1 
ATOM   896  N N   . GLN B 2 4   ? -6.688  -12.539 4.172   1.00 49.57 ? 6   GLN B N   1 
ATOM   897  C CA  . GLN B 2 4   ? -5.492  -13.256 3.772   1.00 47.90 ? 6   GLN B CA  1 
ATOM   898  C C   . GLN B 2 4   ? -5.248  -14.379 4.742   1.00 46.18 ? 6   GLN B C   1 
ATOM   899  O O   . GLN B 2 4   ? -5.720  -14.347 5.876   1.00 45.74 ? 6   GLN B O   1 
ATOM   900  C CB  . GLN B 2 4   ? -4.258  -12.344 3.792   1.00 47.60 ? 6   GLN B CB  1 
ATOM   901  C CG  . GLN B 2 4   ? -4.321  -11.135 2.893   1.00 48.15 ? 6   GLN B CG  1 
ATOM   902  C CD  . GLN B 2 4   ? -3.034  -10.328 2.928   1.00 48.85 ? 6   GLN B CD  1 
ATOM   903  O OE1 . GLN B 2 4   ? -3.042  -9.124  2.679   1.00 45.43 ? 6   GLN B OE1 1 
ATOM   904  N NE2 . GLN B 2 4   ? -1.918  -10.996 3.225   1.00 45.27 ? 6   GLN B NE2 1 
ATOM   905  N N   . SER B 2 5   ? -4.495  -15.367 4.278   1.00 44.41 ? 7   SER B N   1 
ATOM   906  C CA  . SER B 2 5   ? -4.115  -16.503 5.091   1.00 41.43 ? 7   SER B CA  1 
ATOM   907  C C   . SER B 2 5   ? -2.855  -17.105 4.464   1.00 39.08 ? 7   SER B C   1 
ATOM   908  O O   . SER B 2 5   ? -2.722  -17.172 3.240   1.00 37.46 ? 7   SER B O   1 
ATOM   909  C CB  . SER B 2 5   ? -5.248  -17.542 5.163   1.00 40.12 ? 7   SER B CB  1 
ATOM   910  O OG  . SER B 2 5   ? -5.394  -18.233 3.944   1.00 42.28 ? 7   SER B OG  1 
ATOM   911  N N   . PRO B 2 6   ? -1.885  -17.501 5.307   1.00 38.16 ? 8   PRO B N   1 
ATOM   912  C CA  . PRO B 2 6   ? -1.972  -17.386 6.767   1.00 36.70 ? 8   PRO B CA  1 
ATOM   913  C C   . PRO B 2 6   ? -1.567  -15.986 7.237   1.00 38.07 ? 8   PRO B C   1 
ATOM   914  O O   . PRO B 2 6   ? -0.971  -15.222 6.480   1.00 39.71 ? 8   PRO B O   1 
ATOM   915  C CB  . PRO B 2 6   ? -0.978  -18.435 7.238   1.00 38.48 ? 8   PRO B CB  1 
ATOM   916  C CG  . PRO B 2 6   ? 0.139   -18.272 6.207   1.00 36.71 ? 8   PRO B CG  1 
ATOM   917  C CD  . PRO B 2 6   ? -0.650  -18.205 4.904   1.00 37.55 ? 8   PRO B CD  1 
ATOM   918  N N   . ARG B 2 7   ? -1.886  -15.665 8.484   1.00 38.34 ? 9   ARG B N   1 
ATOM   919  C CA  . ARG B 2 7   ? -1.523  -14.384 9.070   1.00 40.55 ? 9   ARG B CA  1 
ATOM   920  C C   . ARG B 2 7   ? -0.054  -14.397 9.505   1.00 40.02 ? 9   ARG B C   1 
ATOM   921  O O   . ARG B 2 7   ? 0.643   -13.387 9.419   1.00 38.42 ? 9   ARG B O   1 
ATOM   922  C CB  . ARG B 2 7   ? -2.398  -14.089 10.290  1.00 44.15 ? 9   ARG B CB  1 
ATOM   923  C CG  . ARG B 2 7   ? -2.048  -12.758 10.961  1.00 50.73 ? 9   ARG B CG  1 
ATOM   924  C CD  . ARG B 2 7   ? -2.752  -12.563 12.296  1.00 55.02 ? 9   ARG B CD  1 
ATOM   925  N NE  . ARG B 2 7   ? -1.898  -11.804 13.209  1.00 61.63 ? 9   ARG B NE  1 
ATOM   926  C CZ  . ARG B 2 7   ? -2.208  -11.499 14.465  1.00 64.03 ? 9   ARG B CZ  1 
ATOM   927  N NH1 . ARG B 2 7   ? -1.349  -10.808 15.205  1.00 64.51 ? 9   ARG B NH1 1 
ATOM   928  N NH2 . ARG B 2 7   ? -3.374  -11.875 14.984  1.00 64.01 ? 9   ARG B NH2 1 
ATOM   929  N N   . ASN B 2 8   ? 0.399   -15.553 9.985   1.00 39.81 ? 10  ASN B N   1 
ATOM   930  C CA  . ASN B 2 8   ? 1.771   -15.741 10.453  1.00 39.10 ? 10  ASN B CA  1 
ATOM   931  C C   . ASN B 2 8   ? 2.384   -16.995 9.852   1.00 39.43 ? 10  ASN B C   1 
ATOM   932  O O   . ASN B 2 8   ? 1.787   -18.068 9.900   1.00 38.67 ? 10  ASN B O   1 
ATOM   933  C CB  . ASN B 2 8   ? 1.804   -15.863 11.970  1.00 39.99 ? 10  ASN B CB  1 
ATOM   934  C CG  . ASN B 2 8   ? 1.734   -14.528 12.658  1.00 40.54 ? 10  ASN B CG  1 
ATOM   935  O OD1 . ASN B 2 8   ? 2.617   -13.686 12.483  1.00 40.46 ? 10  ASN B OD1 1 
ATOM   936  N ND2 . ASN B 2 8   ? 0.691   -14.323 13.454  1.00 39.03 ? 10  ASN B ND2 1 
ATOM   937  N N   . LYS B 2 9   ? 3.598   -16.860 9.322   1.00 38.09 ? 11  LYS B N   1 
ATOM   938  C CA  . LYS B 2 9   ? 4.269   -17.977 8.689   1.00 36.55 ? 11  LYS B CA  1 
ATOM   939  C C   . LYS B 2 9   ? 5.800   -17.923 8.780   1.00 35.14 ? 11  LYS B C   1 
ATOM   940  O O   . LYS B 2 9   ? 6.425   -16.877 8.576   1.00 33.80 ? 11  LYS B O   1 
ATOM   941  C CB  . LYS B 2 9   ? 3.843   -18.026 7.220   1.00 38.15 ? 11  LYS B CB  1 
ATOM   942  C CG  . LYS B 2 9   ? 4.477   -19.129 6.395   1.00 43.22 ? 11  LYS B CG  1 
ATOM   943  C CD  . LYS B 2 9   ? 3.769   -20.454 6.559   1.00 43.64 ? 11  LYS B CD  1 
ATOM   944  C CE  . LYS B 2 9   ? 4.284   -21.458 5.538   1.00 46.86 ? 11  LYS B CE  1 
ATOM   945  N NZ  . LYS B 2 9   ? 3.441   -22.685 5.519   1.00 49.43 ? 11  LYS B NZ  1 
ATOM   946  N N   . VAL B 2 10  ? 6.394   -19.061 9.110   1.00 33.00 ? 12  VAL B N   1 
ATOM   947  C CA  . VAL B 2 10  ? 7.840   -19.172 9.166   1.00 31.68 ? 12  VAL B CA  1 
ATOM   948  C C   . VAL B 2 10  ? 8.184   -20.326 8.223   1.00 31.76 ? 12  VAL B C   1 
ATOM   949  O O   . VAL B 2 10  ? 7.599   -21.404 8.296   1.00 29.44 ? 12  VAL B O   1 
ATOM   950  C CB  . VAL B 2 10  ? 8.369   -19.493 10.596  1.00 33.30 ? 12  VAL B CB  1 
ATOM   951  C CG1 . VAL B 2 10  ? 9.885   -19.700 10.537  1.00 32.08 ? 12  VAL B CG1 1 
ATOM   952  C CG2 . VAL B 2 10  ? 8.038   -18.351 11.572  1.00 29.27 ? 12  VAL B CG2 1 
ATOM   953  N N   . ALA B 2 11  ? 9.105   -20.081 7.304   1.00 32.22 ? 13  ALA B N   1 
ATOM   954  C CA  . ALA B 2 11  ? 9.514   -21.107 6.362   1.00 34.36 ? 13  ALA B CA  1 
ATOM   955  C C   . ALA B 2 11  ? 11.006  -21.291 6.487   1.00 35.24 ? 13  ALA B C   1 
ATOM   956  O O   . ALA B 2 11  ? 11.690  -20.469 7.087   1.00 37.51 ? 13  ALA B O   1 
ATOM   957  C CB  . ALA B 2 11  ? 9.169   -20.694 4.928   1.00 32.58 ? 13  ALA B CB  1 
ATOM   958  N N   . VAL B 2 12  ? 11.504  -22.388 5.936   1.00 37.37 ? 14  VAL B N   1 
ATOM   959  C CA  . VAL B 2 12  ? 12.935  -22.637 5.934   1.00 38.27 ? 14  VAL B CA  1 
ATOM   960  C C   . VAL B 2 12  ? 13.364  -22.384 4.494   1.00 37.26 ? 14  VAL B C   1 
ATOM   961  O O   . VAL B 2 12  ? 12.539  -22.441 3.581   1.00 38.23 ? 14  VAL B O   1 
ATOM   962  C CB  . VAL B 2 12  ? 13.272  -24.104 6.349   1.00 38.94 ? 14  VAL B CB  1 
ATOM   963  C CG1 . VAL B 2 12  ? 12.910  -24.315 7.799   1.00 40.51 ? 14  VAL B CG1 1 
ATOM   964  C CG2 . VAL B 2 12  ? 12.519  -25.102 5.474   1.00 37.28 ? 14  VAL B CG2 1 
ATOM   965  N N   . THR B 2 13  ? 14.635  -22.067 4.291   1.00 38.91 ? 15  THR B N   1 
ATOM   966  C CA  . THR B 2 13  ? 15.132  -21.824 2.946   1.00 41.57 ? 15  THR B CA  1 
ATOM   967  C C   . THR B 2 13  ? 14.773  -23.007 2.055   1.00 42.03 ? 15  THR B C   1 
ATOM   968  O O   . THR B 2 13  ? 15.046  -24.157 2.399   1.00 44.49 ? 15  THR B O   1 
ATOM   969  C CB  . THR B 2 13  ? 16.661  -21.651 2.936   1.00 41.98 ? 15  THR B CB  1 
ATOM   970  O OG1 . THR B 2 13  ? 17.011  -20.452 3.632   1.00 43.93 ? 15  THR B OG1 1 
ATOM   971  C CG2 . THR B 2 13  ? 17.185  -21.576 1.492   1.00 43.97 ? 15  THR B CG2 1 
ATOM   972  N N   . GLY B 2 14  ? 14.141  -22.730 0.921   1.00 40.90 ? 16  GLY B N   1 
ATOM   973  C CA  . GLY B 2 14  ? 13.780  -23.806 0.022   1.00 38.14 ? 16  GLY B CA  1 
ATOM   974  C C   . GLY B 2 14  ? 12.352  -24.292 0.151   1.00 37.70 ? 16  GLY B C   1 
ATOM   975  O O   . GLY B 2 14  ? 11.871  -25.013 -0.712  1.00 38.74 ? 16  GLY B O   1 
ATOM   976  N N   . GLU B 2 15  ? 11.663  -23.913 1.221   1.00 38.69 ? 17  GLU B N   1 
ATOM   977  C CA  . GLU B 2 15  ? 10.279  -24.344 1.393   1.00 38.58 ? 17  GLU B CA  1 
ATOM   978  C C   . GLU B 2 15  ? 9.419   -23.647 0.319   1.00 39.97 ? 17  GLU B C   1 
ATOM   979  O O   . GLU B 2 15  ? 9.756   -22.546 -0.147  1.00 38.92 ? 17  GLU B O   1 
ATOM   980  C CB  . GLU B 2 15  ? 9.780   -23.978 2.800   1.00 38.33 ? 17  GLU B CB  1 
ATOM   981  C CG  . GLU B 2 15  ? 8.429   -24.615 3.185   1.00 38.65 ? 17  GLU B CG  1 
ATOM   982  C CD  . GLU B 2 15  ? 7.976   -24.302 4.624   1.00 40.25 ? 17  GLU B CD  1 
ATOM   983  O OE1 . GLU B 2 15  ? 8.819   -24.248 5.547   1.00 40.52 ? 17  GLU B OE1 1 
ATOM   984  O OE2 . GLU B 2 15  ? 6.760   -24.133 4.844   1.00 42.70 ? 17  GLU B OE2 1 
ATOM   985  N N   . LYS B 2 16  ? 8.334   -24.302 -0.089  1.00 39.57 ? 18  LYS B N   1 
ATOM   986  C CA  . LYS B 2 16  ? 7.427   -23.738 -1.079  1.00 42.34 ? 18  LYS B CA  1 
ATOM   987  C C   . LYS B 2 16  ? 6.263   -23.088 -0.333  1.00 41.88 ? 18  LYS B C   1 
ATOM   988  O O   . LYS B 2 16  ? 5.488   -23.763 0.341   1.00 42.34 ? 18  LYS B O   1 
ATOM   989  C CB  . LYS B 2 16  ? 6.909   -24.824 -2.022  1.00 45.36 ? 18  LYS B CB  1 
ATOM   990  C CG  . LYS B 2 16  ? 5.783   -24.361 -2.938  1.00 48.99 ? 18  LYS B CG  1 
ATOM   991  C CD  . LYS B 2 16  ? 5.513   -25.366 -4.048  1.00 51.79 ? 18  LYS B CD  1 
ATOM   992  C CE  . LYS B 2 16  ? 4.449   -24.854 -5.004  1.00 53.99 ? 18  LYS B CE  1 
ATOM   993  N NZ  . LYS B 2 16  ? 4.318   -25.711 -6.220  1.00 57.25 ? 18  LYS B NZ  1 
ATOM   994  N N   . VAL B 2 17  ? 6.138   -21.773 -0.444  1.00 41.20 ? 19  VAL B N   1 
ATOM   995  C CA  . VAL B 2 17  ? 5.076   -21.093 0.276   1.00 39.17 ? 19  VAL B CA  1 
ATOM   996  C C   . VAL B 2 17  ? 4.000   -20.468 -0.605  1.00 39.20 ? 19  VAL B C   1 
ATOM   997  O O   . VAL B 2 17  ? 4.290   -19.785 -1.585  1.00 37.82 ? 19  VAL B O   1 
ATOM   998  C CB  . VAL B 2 17  ? 5.655   -19.999 1.190   1.00 39.00 ? 19  VAL B CB  1 
ATOM   999  C CG1 . VAL B 2 17  ? 4.581   -19.527 2.173   1.00 37.87 ? 19  VAL B CG1 1 
ATOM   1000 C CG2 . VAL B 2 17  ? 6.884   -20.534 1.924   1.00 39.29 ? 19  VAL B CG2 1 
ATOM   1001 N N   . THR B 2 18  ? 2.750   -20.713 -0.234  1.00 38.60 ? 20  THR B N   1 
ATOM   1002 C CA  . THR B 2 18  ? 1.618   -20.167 -0.947  1.00 38.24 ? 20  THR B CA  1 
ATOM   1003 C C   . THR B 2 18  ? 0.856   -19.257 0.009   1.00 38.01 ? 20  THR B C   1 
ATOM   1004 O O   . THR B 2 18  ? 0.525   -19.652 1.120   1.00 35.46 ? 20  THR B O   1 
ATOM   1005 C CB  . THR B 2 18  ? 0.657   -21.271 -1.428  1.00 39.94 ? 20  THR B CB  1 
ATOM   1006 O OG1 . THR B 2 18  ? 1.347   -22.155 -2.312  1.00 43.88 ? 20  THR B OG1 1 
ATOM   1007 C CG2 . THR B 2 18  ? -0.527  -20.659 -2.178  1.00 42.16 ? 20  THR B CG2 1 
ATOM   1008 N N   . LEU B 2 19  ? 0.607   -18.028 -0.425  1.00 37.45 ? 21  LEU B N   1 
ATOM   1009 C CA  . LEU B 2 19  ? -0.147  -17.074 0.369   1.00 37.49 ? 21  LEU B CA  1 
ATOM   1010 C C   . LEU B 2 19  ? -1.492  -16.990 -0.314  1.00 37.99 ? 21  LEU B C   1 
ATOM   1011 O O   . LEU B 2 19  ? -1.563  -16.848 -1.525  1.00 38.91 ? 21  LEU B O   1 
ATOM   1012 C CB  . LEU B 2 19  ? 0.547   -15.707 0.363   1.00 40.00 ? 21  LEU B CB  1 
ATOM   1013 C CG  . LEU B 2 19  ? 1.641   -15.483 1.417   1.00 42.00 ? 21  LEU B CG  1 
ATOM   1014 C CD1 . LEU B 2 19  ? 2.387   -16.783 1.717   1.00 39.05 ? 21  LEU B CD1 1 
ATOM   1015 C CD2 . LEU B 2 19  ? 2.582   -14.393 0.927   1.00 37.84 ? 21  LEU B CD2 1 
ATOM   1016 N N   . SER B 2 20  ? -2.562  -17.096 0.460   1.00 40.65 ? 22  SER B N   1 
ATOM   1017 C CA  . SER B 2 20  ? -3.892  -17.053 -0.115  1.00 42.46 ? 22  SER B CA  1 
ATOM   1018 C C   . SER B 2 20  ? -4.633  -15.760 0.163   1.00 44.60 ? 22  SER B C   1 
ATOM   1019 O O   . SER B 2 20  ? -4.614  -15.240 1.286   1.00 44.03 ? 22  SER B O   1 
ATOM   1020 C CB  . SER B 2 20  ? -4.704  -18.237 0.390   1.00 41.21 ? 22  SER B CB  1 
ATOM   1021 O OG  . SER B 2 20  ? -4.177  -19.437 -0.141  1.00 44.24 ? 22  SER B OG  1 
ATOM   1022 N N   . CYS B 2 21  ? -5.283  -15.249 -0.878  1.00 45.59 ? 23  CYS B N   1 
ATOM   1023 C CA  . CYS B 2 21  ? -6.044  -14.011 -0.784  1.00 46.98 ? 23  CYS B CA  1 
ATOM   1024 C C   . CYS B 2 21  ? -7.475  -14.148 -1.271  1.00 46.08 ? 23  CYS B C   1 
ATOM   1025 O O   . CYS B 2 21  ? -7.728  -14.642 -2.372  1.00 44.73 ? 23  CYS B O   1 
ATOM   1026 C CB  . CYS B 2 21  ? -5.396  -12.910 -1.604  1.00 46.47 ? 23  CYS B CB  1 
ATOM   1027 S SG  . CYS B 2 21  ? -6.219  -11.307 -1.353  1.00 49.62 ? 23  CYS B SG  1 
ATOM   1028 N N   . ASN B 2 22  ? -8.404  -13.660 -0.464  1.00 47.82 ? 24  ASN B N   1 
ATOM   1029 C CA  . ASN B 2 22  ? -9.808  -13.716 -0.824  1.00 50.30 ? 24  ASN B CA  1 
ATOM   1030 C C   . ASN B 2 22  ? -10.501 -12.365 -0.651  1.00 50.60 ? 24  ASN B C   1 
ATOM   1031 O O   . ASN B 2 22  ? -10.431 -11.759 0.419   1.00 49.67 ? 24  ASN B O   1 
ATOM   1032 C CB  . ASN B 2 22  ? -10.524 -14.759 0.035   1.00 50.37 ? 24  ASN B CB  1 
ATOM   1033 C CG  . ASN B 2 22  ? -11.971 -14.940 -0.365  1.00 50.78 ? 24  ASN B CG  1 
ATOM   1034 O OD1 . ASN B 2 22  ? -12.266 -15.518 -1.411  1.00 51.94 ? 24  ASN B OD1 1 
ATOM   1035 N ND2 . ASN B 2 22  ? -12.885 -14.434 0.458   1.00 49.07 ? 24  ASN B ND2 1 
ATOM   1036 N N   . GLN B 2 23  ? -11.156 -11.893 -1.707  1.00 51.85 ? 25  GLN B N   1 
ATOM   1037 C CA  . GLN B 2 23  ? -11.914 -10.644 -1.633  1.00 54.88 ? 25  GLN B CA  1 
ATOM   1038 C C   . GLN B 2 23  ? -13.390 -11.058 -1.695  1.00 57.53 ? 25  GLN B C   1 
ATOM   1039 O O   . GLN B 2 23  ? -13.697 -12.188 -2.076  1.00 58.39 ? 25  GLN B O   1 
ATOM   1040 C CB  . GLN B 2 23  ? -11.589 -9.720  -2.811  1.00 52.44 ? 25  GLN B CB  1 
ATOM   1041 C CG  . GLN B 2 23  ? -12.073 -10.228 -4.159  1.00 50.26 ? 25  GLN B CG  1 
ATOM   1042 C CD  . GLN B 2 23  ? -12.308 -9.099  -5.146  1.00 48.08 ? 25  GLN B CD  1 
ATOM   1043 O OE1 . GLN B 2 23  ? -12.977 -8.118  -4.824  1.00 48.31 ? 25  GLN B OE1 1 
ATOM   1044 N NE2 . GLN B 2 23  ? -11.766 -9.233  -6.351  1.00 44.78 ? 25  GLN B NE2 1 
ATOM   1045 N N   . THR B 2 24  ? -14.301 -10.161 -1.328  1.00 60.15 ? 26  THR B N   1 
ATOM   1046 C CA  . THR B 2 24  ? -15.727 -10.489 -1.367  1.00 62.01 ? 26  THR B CA  1 
ATOM   1047 C C   . THR B 2 24  ? -16.586 -9.508  -2.169  1.00 62.19 ? 26  THR B C   1 
ATOM   1048 O O   . THR B 2 24  ? -17.809 -9.633  -2.176  1.00 63.14 ? 26  THR B O   1 
ATOM   1049 C CB  . THR B 2 24  ? -16.328 -10.570 0.053   1.00 62.93 ? 26  THR B CB  1 
ATOM   1050 O OG1 . THR B 2 24  ? -16.157 -9.312  0.720   1.00 64.44 ? 26  THR B OG1 1 
ATOM   1051 C CG2 . THR B 2 24  ? -15.651 -11.666 0.855   1.00 64.00 ? 26  THR B CG2 1 
ATOM   1052 N N   . ASN B 2 25  ? -15.963 -8.545  -2.844  1.00 61.54 ? 27  ASN B N   1 
ATOM   1053 C CA  . ASN B 2 25  ? -16.724 -7.561  -3.613  1.00 61.92 ? 27  ASN B CA  1 
ATOM   1054 C C   . ASN B 2 25  ? -16.571 -7.647  -5.132  1.00 60.98 ? 27  ASN B C   1 
ATOM   1055 O O   . ASN B 2 25  ? -17.005 -6.754  -5.861  1.00 62.13 ? 27  ASN B O   1 
ATOM   1056 C CB  . ASN B 2 25  ? -16.386 -6.148  -3.132  1.00 63.84 ? 27  ASN B CB  1 
ATOM   1057 C CG  . ASN B 2 25  ? -17.009 -5.826  -1.777  1.00 66.91 ? 27  ASN B CG  1 
ATOM   1058 O OD1 . ASN B 2 25  ? -16.837 -4.727  -1.248  1.00 69.03 ? 27  ASN B OD1 1 
ATOM   1059 N ND2 . ASN B 2 25  ? -17.741 -6.784  -1.213  1.00 67.75 ? 27  ASN B ND2 1 
ATOM   1060 N N   . ASN B 2 26  ? -15.949 -8.724  -5.591  1.00 58.68 ? 28  ASN B N   1 
ATOM   1061 C CA  . ASN B 2 26  ? -15.747 -8.995  -7.013  1.00 57.47 ? 28  ASN B CA  1 
ATOM   1062 C C   . ASN B 2 26  ? -15.076 -7.953  -7.903  1.00 54.64 ? 28  ASN B C   1 
ATOM   1063 O O   . ASN B 2 26  ? -15.406 -7.858  -9.082  1.00 53.45 ? 28  ASN B O   1 
ATOM   1064 C CB  . ASN B 2 26  ? -17.077 -9.400  -7.658  1.00 59.43 ? 28  ASN B CB  1 
ATOM   1065 C CG  . ASN B 2 26  ? -17.692 -10.627 -7.005  1.00 63.07 ? 28  ASN B CG  1 
ATOM   1066 O OD1 . ASN B 2 26  ? -18.411 -10.523 -6.006  1.00 63.50 ? 28  ASN B OD1 1 
ATOM   1067 N ND2 . ASN B 2 26  ? -17.396 -11.802 -7.559  1.00 63.77 ? 28  ASN B ND2 1 
ATOM   1068 N N   . HIS B 2 27  ? -14.133 -7.181  -7.368  1.00 52.14 ? 29  HIS B N   1 
ATOM   1069 C CA  . HIS B 2 27  ? -13.437 -6.198  -8.200  1.00 50.19 ? 29  HIS B CA  1 
ATOM   1070 C C   . HIS B 2 27  ? -12.604 -6.986  -9.206  1.00 47.43 ? 29  HIS B C   1 
ATOM   1071 O O   . HIS B 2 27  ? -12.236 -8.123  -8.939  1.00 48.72 ? 29  HIS B O   1 
ATOM   1072 C CB  . HIS B 2 27  ? -12.511 -5.310  -7.356  1.00 49.33 ? 29  HIS B CB  1 
ATOM   1073 C CG  . HIS B 2 27  ? -13.224 -4.512  -6.311  1.00 49.92 ? 29  HIS B CG  1 
ATOM   1074 N ND1 . HIS B 2 27  ? -14.122 -3.511  -6.614  1.00 49.27 ? 29  HIS B ND1 1 
ATOM   1075 C CD2 . HIS B 2 27  ? -13.197 -4.592  -4.959  1.00 51.00 ? 29  HIS B CD2 1 
ATOM   1076 C CE1 . HIS B 2 27  ? -14.619 -3.011  -5.496  1.00 48.37 ? 29  HIS B CE1 1 
ATOM   1077 N NE2 . HIS B 2 27  ? -14.075 -3.650  -4.478  1.00 50.56 ? 29  HIS B NE2 1 
ATOM   1078 N N   . ASN B 2 28  ? -12.314 -6.398  -10.358 1.00 46.14 ? 30  ASN B N   1 
ATOM   1079 C CA  . ASN B 2 28  ? -11.508 -7.076  -11.368 1.00 45.38 ? 30  ASN B CA  1 
ATOM   1080 C C   . ASN B 2 28  ? -10.021 -7.058  -11.010 1.00 45.83 ? 30  ASN B C   1 
ATOM   1081 O O   . ASN B 2 28  ? -9.273  -7.917  -11.458 1.00 46.53 ? 30  ASN B O   1 
ATOM   1082 C CB  . ASN B 2 28  ? -11.657 -6.407  -12.745 1.00 43.25 ? 30  ASN B CB  1 
ATOM   1083 C CG  . ASN B 2 28  ? -13.059 -6.556  -13.340 1.00 42.92 ? 30  ASN B CG  1 
ATOM   1084 O OD1 . ASN B 2 28  ? -13.569 -7.665  -13.510 1.00 39.47 ? 30  ASN B OD1 1 
ATOM   1085 N ND2 . ASN B 2 28  ? -13.672 -5.428  -13.678 1.00 37.32 ? 30  ASN B ND2 1 
ATOM   1086 N N   . ASN B 2 29  ? -9.595  -6.077  -10.218 1.00 44.97 ? 31  ASN B N   1 
ATOM   1087 C CA  . ASN B 2 29  ? -8.178  -5.947  -9.873  1.00 45.28 ? 31  ASN B CA  1 
ATOM   1088 C C   . ASN B 2 29  ? -7.747  -6.386  -8.484  1.00 44.10 ? 31  ASN B C   1 
ATOM   1089 O O   . ASN B 2 29  ? -8.332  -5.987  -7.476  1.00 42.78 ? 31  ASN B O   1 
ATOM   1090 C CB  . ASN B 2 29  ? -7.715  -4.494  -10.064 1.00 45.08 ? 31  ASN B CB  1 
ATOM   1091 C CG  . ASN B 2 29  ? -7.486  -4.132  -11.517 1.00 44.15 ? 31  ASN B CG  1 
ATOM   1092 O OD1 . ASN B 2 29  ? -7.767  -4.917  -12.420 1.00 42.61 ? 31  ASN B OD1 1 
ATOM   1093 N ND2 . ASN B 2 29  ? -6.974  -2.925  -11.749 1.00 41.63 ? 31  ASN B ND2 1 
ATOM   1094 N N   . MET B 2 30  ? -6.693  -7.195  -8.447  1.00 44.75 ? 32  MET B N   1 
ATOM   1095 C CA  . MET B 2 30  ? -6.127  -7.660  -7.183  1.00 43.22 ? 32  MET B CA  1 
ATOM   1096 C C   . MET B 2 30  ? -4.618  -7.473  -7.239  1.00 41.08 ? 32  MET B C   1 
ATOM   1097 O O   . MET B 2 30  ? -4.001  -7.641  -8.286  1.00 39.25 ? 32  MET B O   1 
ATOM   1098 C CB  . MET B 2 30  ? -6.510  -9.118  -6.925  1.00 45.77 ? 32  MET B CB  1 
ATOM   1099 C CG  . MET B 2 30  ? -7.973  -9.246  -6.513  1.00 47.88 ? 32  MET B CG  1 
ATOM   1100 S SD  . MET B 2 30  ? -8.523  -10.888 -6.034  1.00 50.03 ? 32  MET B SD  1 
ATOM   1101 C CE  . MET B 2 30  ? -8.230  -10.840 -4.246  1.00 51.57 ? 32  MET B CE  1 
ATOM   1102 N N   . TYR B 2 31  ? -4.029  -7.102  -6.108  1.00 39.80 ? 33  TYR B N   1 
ATOM   1103 C CA  . TYR B 2 31  ? -2.594  -6.844  -6.049  1.00 38.17 ? 33  TYR B CA  1 
ATOM   1104 C C   . TYR B 2 31  ? -1.904  -7.501  -4.849  1.00 37.03 ? 33  TYR B C   1 
ATOM   1105 O O   . TYR B 2 31  ? -2.489  -7.586  -3.758  1.00 39.23 ? 33  TYR B O   1 
ATOM   1106 C CB  . TYR B 2 31  ? -2.344  -5.327  -5.957  1.00 39.79 ? 33  TYR B CB  1 
ATOM   1107 C CG  . TYR B 2 31  ? -3.089  -4.473  -6.961  1.00 40.59 ? 33  TYR B CG  1 
ATOM   1108 C CD1 . TYR B 2 31  ? -4.463  -4.246  -6.837  1.00 40.30 ? 33  TYR B CD1 1 
ATOM   1109 C CD2 . TYR B 2 31  ? -2.416  -3.875  -8.028  1.00 41.27 ? 33  TYR B CD2 1 
ATOM   1110 C CE1 . TYR B 2 31  ? -5.150  -3.443  -7.747  1.00 39.75 ? 33  TYR B CE1 1 
ATOM   1111 C CE2 . TYR B 2 31  ? -3.091  -3.071  -8.947  1.00 41.56 ? 33  TYR B CE2 1 
ATOM   1112 C CZ  . TYR B 2 31  ? -4.457  -2.863  -8.803  1.00 42.30 ? 33  TYR B CZ  1 
ATOM   1113 O OH  . TYR B 2 31  ? -5.129  -2.107  -9.738  1.00 41.59 ? 33  TYR B OH  1 
ATOM   1114 N N   . TRP B 2 32  ? -0.661  -7.944  -5.058  1.00 35.51 ? 34  TRP B N   1 
ATOM   1115 C CA  . TRP B 2 32  ? 0.166   -8.545  -3.996  1.00 32.28 ? 34  TRP B CA  1 
ATOM   1116 C C   . TRP B 2 32  ? 1.364   -7.637  -3.734  1.00 31.61 ? 34  TRP B C   1 
ATOM   1117 O O   . TRP B 2 32  ? 2.192   -7.406  -4.629  1.00 29.82 ? 34  TRP B O   1 
ATOM   1118 C CB  . TRP B 2 32  ? 0.692   -9.955  -4.381  1.00 29.87 ? 34  TRP B CB  1 
ATOM   1119 C CG  . TRP B 2 32  ? -0.183  -11.098 -3.906  1.00 28.11 ? 34  TRP B CG  1 
ATOM   1120 C CD1 . TRP B 2 32  ? -0.936  -11.944 -4.686  1.00 29.13 ? 34  TRP B CD1 1 
ATOM   1121 C CD2 . TRP B 2 32  ? -0.476  -11.447 -2.546  1.00 29.55 ? 34  TRP B CD2 1 
ATOM   1122 N NE1 . TRP B 2 32  ? -1.691  -12.776 -3.896  1.00 27.41 ? 34  TRP B NE1 1 
ATOM   1123 C CE2 . TRP B 2 32  ? -1.428  -12.494 -2.578  1.00 29.58 ? 34  TRP B CE2 1 
ATOM   1124 C CE3 . TRP B 2 32  ? -0.030  -10.972 -1.300  1.00 30.85 ? 34  TRP B CE3 1 
ATOM   1125 C CZ2 . TRP B 2 32  ? -1.944  -13.072 -1.410  1.00 28.72 ? 34  TRP B CZ2 1 
ATOM   1126 C CZ3 . TRP B 2 32  ? -0.550  -11.549 -0.137  1.00 30.94 ? 34  TRP B CZ3 1 
ATOM   1127 C CH2 . TRP B 2 32  ? -1.497  -12.587 -0.206  1.00 30.18 ? 34  TRP B CH2 1 
ATOM   1128 N N   . TYR B 2 33  ? 1.459   -7.127  -2.509  1.00 30.40 ? 35  TYR B N   1 
ATOM   1129 C CA  . TYR B 2 33  ? 2.572   -6.260  -2.126  1.00 33.05 ? 35  TYR B CA  1 
ATOM   1130 C C   . TYR B 2 33  ? 3.348   -6.827  -0.941  1.00 33.19 ? 35  TYR B C   1 
ATOM   1131 O O   . TYR B 2 33  ? 2.812   -7.575  -0.127  1.00 34.39 ? 35  TYR B O   1 
ATOM   1132 C CB  . TYR B 2 33  ? 2.098   -4.864  -1.658  1.00 33.14 ? 35  TYR B CB  1 
ATOM   1133 C CG  . TYR B 2 33  ? 1.517   -3.925  -2.692  1.00 37.99 ? 35  TYR B CG  1 
ATOM   1134 C CD1 . TYR B 2 33  ? 0.175   -4.024  -3.076  1.00 38.59 ? 35  TYR B CD1 1 
ATOM   1135 C CD2 . TYR B 2 33  ? 2.292   -2.897  -3.254  1.00 36.37 ? 35  TYR B CD2 1 
ATOM   1136 C CE1 . TYR B 2 33  ? -0.388  -3.125  -3.989  1.00 38.87 ? 35  TYR B CE1 1 
ATOM   1137 C CE2 . TYR B 2 33  ? 1.737   -1.991  -4.177  1.00 36.57 ? 35  TYR B CE2 1 
ATOM   1138 C CZ  . TYR B 2 33  ? 0.390   -2.116  -4.537  1.00 41.10 ? 35  TYR B CZ  1 
ATOM   1139 O OH  . TYR B 2 33  ? -0.197  -1.253  -5.446  1.00 44.78 ? 35  TYR B OH  1 
ATOM   1140 N N   . ARG B 2 34  ? 4.610   -6.446  -0.849  1.00 33.20 ? 36  ARG B N   1 
ATOM   1141 C CA  . ARG B 2 34  ? 5.420   -6.795  0.303   1.00 34.56 ? 36  ARG B CA  1 
ATOM   1142 C C   . ARG B 2 34  ? 5.825   -5.439  0.877   1.00 36.69 ? 36  ARG B C   1 
ATOM   1143 O O   . ARG B 2 34  ? 6.081   -4.480  0.140   1.00 36.68 ? 36  ARG B O   1 
ATOM   1144 C CB  . ARG B 2 34  ? 6.654   -7.622  -0.061  1.00 32.90 ? 36  ARG B CB  1 
ATOM   1145 C CG  . ARG B 2 34  ? 7.549   -7.072  -1.145  1.00 32.96 ? 36  ARG B CG  1 
ATOM   1146 C CD  . ARG B 2 34  ? 8.785   -7.963  -1.236  1.00 32.77 ? 36  ARG B CD  1 
ATOM   1147 N NE  . ARG B 2 34  ? 9.506   -7.957  0.035   1.00 33.81 ? 36  ARG B NE  1 
ATOM   1148 C CZ  . ARG B 2 34  ? 10.622  -8.632  0.287   1.00 32.78 ? 36  ARG B CZ  1 
ATOM   1149 N NH1 . ARG B 2 34  ? 11.163  -9.392  -0.649  1.00 31.17 ? 36  ARG B NH1 1 
ATOM   1150 N NH2 . ARG B 2 34  ? 11.216  -8.516  1.472   1.00 30.86 ? 36  ARG B NH2 1 
ATOM   1151 N N   . GLN B 2 35  ? 5.827   -5.353  2.198   1.00 38.49 ? 37  GLN B N   1 
ATOM   1152 C CA  . GLN B 2 35  ? 6.180   -4.126  2.876   1.00 40.47 ? 37  GLN B CA  1 
ATOM   1153 C C   . GLN B 2 35  ? 7.490   -4.321  3.639   1.00 40.17 ? 37  GLN B C   1 
ATOM   1154 O O   . GLN B 2 35  ? 7.586   -5.183  4.508   1.00 39.47 ? 37  GLN B O   1 
ATOM   1155 C CB  . GLN B 2 35  ? 5.062   -3.730  3.839   1.00 40.27 ? 37  GLN B CB  1 
ATOM   1156 C CG  . GLN B 2 35  ? 5.415   -2.538  4.689   1.00 46.03 ? 37  GLN B CG  1 
ATOM   1157 C CD  . GLN B 2 35  ? 4.855   -2.643  6.081   1.00 51.91 ? 37  GLN B CD  1 
ATOM   1158 O OE1 . GLN B 2 35  ? 3.641   -2.615  6.283   1.00 55.34 ? 37  GLN B OE1 1 
ATOM   1159 N NE2 . GLN B 2 35  ? 5.740   -2.778  7.061   1.00 54.87 ? 37  GLN B NE2 1 
ATOM   1160 N N   . ASP B 2 36  ? 8.483   -3.501  3.304   1.00 41.65 ? 38  ASP B N   1 
ATOM   1161 C CA  . ASP B 2 36  ? 9.810   -3.539  3.921   1.00 41.77 ? 38  ASP B CA  1 
ATOM   1162 C C   . ASP B 2 36  ? 10.239  -2.140  4.362   1.00 44.61 ? 38  ASP B C   1 
ATOM   1163 O O   . ASP B 2 36  ? 10.009  -1.155  3.658   1.00 44.48 ? 38  ASP B O   1 
ATOM   1164 C CB  . ASP B 2 36  ? 10.821  -4.078  2.920   1.00 36.91 ? 38  ASP B CB  1 
ATOM   1165 C CG  . ASP B 2 36  ? 10.495  -5.484  2.477   1.00 38.76 ? 38  ASP B CG  1 
ATOM   1166 O OD1 . ASP B 2 36  ? 10.711  -6.420  3.284   1.00 36.23 ? 38  ASP B OD1 1 
ATOM   1167 O OD2 . ASP B 2 36  ? 10.015  -5.654  1.329   1.00 35.14 ? 38  ASP B OD2 1 
ATOM   1168 N N   . THR B 2 37  ? 10.859  -2.050  5.531   1.00 48.33 ? 39  THR B N   1 
ATOM   1169 C CA  . THR B 2 37  ? 11.310  -0.762  6.034   1.00 51.88 ? 39  THR B CA  1 
ATOM   1170 C C   . THR B 2 37  ? 12.292  -0.136  5.035   1.00 51.61 ? 39  THR B C   1 
ATOM   1171 O O   . THR B 2 37  ? 13.186  -0.810  4.515   1.00 53.85 ? 39  THR B O   1 
ATOM   1172 C CB  . THR B 2 37  ? 11.985  -0.916  7.414   1.00 54.93 ? 39  THR B CB  1 
ATOM   1173 O OG1 . THR B 2 37  ? 13.130  -1.778  7.306   1.00 56.16 ? 39  THR B OG1 1 
ATOM   1174 C CG2 . THR B 2 37  ? 10.993  -1.515  8.419   1.00 56.11 ? 39  THR B CG2 1 
ATOM   1175 N N   . GLY B 2 38  ? 12.109  1.151   4.760   1.00 51.35 ? 40  GLY B N   1 
ATOM   1176 C CA  . GLY B 2 38  ? 12.969  1.839   3.817   1.00 49.58 ? 40  GLY B CA  1 
ATOM   1177 C C   . GLY B 2 38  ? 12.468  1.715   2.391   1.00 48.47 ? 40  GLY B C   1 
ATOM   1178 O O   . GLY B 2 38  ? 12.976  2.372   1.489   1.00 48.71 ? 40  GLY B O   1 
ATOM   1179 N N   . HIS B 2 39  ? 11.461  0.872   2.190   1.00 48.41 ? 41  HIS B N   1 
ATOM   1180 C CA  . HIS B 2 39  ? 10.886  0.637   0.866   1.00 47.20 ? 41  HIS B CA  1 
ATOM   1181 C C   . HIS B 2 39  ? 9.364   0.801   0.877   1.00 46.06 ? 41  HIS B C   1 
ATOM   1182 O O   . HIS B 2 39  ? 8.736   0.948   -0.169  1.00 46.06 ? 41  HIS B O   1 
ATOM   1183 C CB  . HIS B 2 39  ? 11.215  -0.785  0.403   1.00 47.65 ? 41  HIS B CB  1 
ATOM   1184 C CG  . HIS B 2 39  ? 12.665  -1.020  0.113   1.00 48.93 ? 41  HIS B CG  1 
ATOM   1185 N ND1 . HIS B 2 39  ? 13.266  -0.609  -1.055  1.00 49.33 ? 41  HIS B ND1 1 
ATOM   1186 C CD2 . HIS B 2 39  ? 13.628  -1.645  0.831   1.00 50.46 ? 41  HIS B CD2 1 
ATOM   1187 C CE1 . HIS B 2 39  ? 14.536  -0.973  -1.047  1.00 49.14 ? 41  HIS B CE1 1 
ATOM   1188 N NE2 . HIS B 2 39  ? 14.782  -1.604  0.087   1.00 49.51 ? 41  HIS B NE2 1 
ATOM   1189 N N   . GLY B 2 40  ? 8.770   0.769   2.062   1.00 45.59 ? 42  GLY B N   1 
ATOM   1190 C CA  . GLY B 2 40  ? 7.325   0.875   2.141   1.00 45.28 ? 42  GLY B CA  1 
ATOM   1191 C C   . GLY B 2 40  ? 6.716   -0.331  1.445   1.00 44.07 ? 42  GLY B C   1 
ATOM   1192 O O   . GLY B 2 40  ? 7.128   -1.474  1.696   1.00 42.79 ? 42  GLY B O   1 
ATOM   1193 N N   . LEU B 2 41  ? 5.760   -0.083  0.553   1.00 42.18 ? 43  LEU B N   1 
ATOM   1194 C CA  . LEU B 2 41  ? 5.086   -1.159  -0.172  1.00 41.20 ? 43  LEU B CA  1 
ATOM   1195 C C   . LEU B 2 41  ? 5.471   -1.244  -1.646  1.00 40.21 ? 43  LEU B C   1 
ATOM   1196 O O   . LEU B 2 41  ? 5.337   -0.272  -2.388  1.00 40.45 ? 43  LEU B O   1 
ATOM   1197 C CB  . LEU B 2 41  ? 3.567   -0.990  -0.072  1.00 40.54 ? 43  LEU B CB  1 
ATOM   1198 C CG  . LEU B 2 41  ? 2.907   -1.037  1.308   1.00 41.12 ? 43  LEU B CG  1 
ATOM   1199 C CD1 . LEU B 2 41  ? 1.569   -0.306  1.249   1.00 41.06 ? 43  LEU B CD1 1 
ATOM   1200 C CD2 . LEU B 2 41  ? 2.709   -2.468  1.735   1.00 37.82 ? 43  LEU B CD2 1 
ATOM   1201 N N   . ARG B 2 42  ? 5.938   -2.419  -2.066  1.00 39.07 ? 44  ARG B N   1 
ATOM   1202 C CA  . ARG B 2 42  ? 6.312   -2.650  -3.457  1.00 37.56 ? 44  ARG B CA  1 
ATOM   1203 C C   . ARG B 2 42  ? 5.430   -3.749  -4.055  1.00 36.02 ? 44  ARG B C   1 
ATOM   1204 O O   . ARG B 2 42  ? 5.174   -4.771  -3.413  1.00 35.32 ? 44  ARG B O   1 
ATOM   1205 C CB  . ARG B 2 42  ? 7.785   -3.060  -3.569  1.00 37.93 ? 44  ARG B CB  1 
ATOM   1206 C CG  . ARG B 2 42  ? 8.768   -1.975  -3.139  1.00 41.47 ? 44  ARG B CG  1 
ATOM   1207 C CD  . ARG B 2 42  ? 9.787   -2.547  -2.164  1.00 43.80 ? 44  ARG B CD  1 
ATOM   1208 N NE  . ARG B 2 42  ? 10.996  -3.028  -2.816  1.00 45.19 ? 44  ARG B NE  1 
ATOM   1209 C CZ  . ARG B 2 42  ? 11.875  -3.849  -2.246  1.00 42.99 ? 44  ARG B CZ  1 
ATOM   1210 N NH1 . ARG B 2 42  ? 11.672  -4.296  -1.011  1.00 39.45 ? 44  ARG B NH1 1 
ATOM   1211 N NH2 . ARG B 2 42  ? 12.974  -4.192  -2.905  1.00 38.99 ? 44  ARG B NH2 1 
ATOM   1212 N N   . LEU B 2 43  ? 4.976   -3.523  -5.284  1.00 35.35 ? 45  LEU B N   1 
ATOM   1213 C CA  . LEU B 2 43  ? 4.125   -4.465  -6.005  1.00 35.14 ? 45  LEU B CA  1 
ATOM   1214 C C   . LEU B 2 43  ? 4.936   -5.655  -6.516  1.00 35.28 ? 45  LEU B C   1 
ATOM   1215 O O   . LEU B 2 43  ? 5.971   -5.483  -7.157  1.00 37.75 ? 45  LEU B O   1 
ATOM   1216 C CB  . LEU B 2 43  ? 3.449   -3.763  -7.197  1.00 32.65 ? 45  LEU B CB  1 
ATOM   1217 C CG  . LEU B 2 43  ? 2.478   -4.611  -8.034  1.00 33.63 ? 45  LEU B CG  1 
ATOM   1218 C CD1 . LEU B 2 43  ? 1.248   -4.975  -7.183  1.00 28.83 ? 45  LEU B CD1 1 
ATOM   1219 C CD2 . LEU B 2 43  ? 2.070   -3.846  -9.294  1.00 34.17 ? 45  LEU B CD2 1 
ATOM   1220 N N   . ILE B 2 44  ? 4.459   -6.857  -6.240  1.00 36.15 ? 46  ILE B N   1 
ATOM   1221 C CA  . ILE B 2 44  ? 5.150   -8.073  -6.681  1.00 34.89 ? 46  ILE B CA  1 
ATOM   1222 C C   . ILE B 2 44  ? 4.445   -8.599  -7.911  1.00 32.69 ? 46  ILE B C   1 
ATOM   1223 O O   . ILE B 2 44  ? 5.049   -8.821  -8.946  1.00 30.25 ? 46  ILE B O   1 
ATOM   1224 C CB  . ILE B 2 44  ? 5.117   -9.146  -5.583  1.00 33.60 ? 46  ILE B CB  1 
ATOM   1225 C CG1 . ILE B 2 44  ? 5.843   -8.614  -4.345  1.00 32.65 ? 46  ILE B CG1 1 
ATOM   1226 C CG2 . ILE B 2 44  ? 5.757   -10.447 -6.093  1.00 34.18 ? 46  ILE B CG2 1 
ATOM   1227 C CD1 . ILE B 2 44  ? 5.545   -9.369  -3.102  1.00 29.95 ? 46  ILE B CD1 1 
ATOM   1228 N N   . TYR B 2 45  ? 3.143   -8.786  -7.769  1.00 32.98 ? 47  TYR B N   1 
ATOM   1229 C CA  . TYR B 2 45  ? 2.298   -9.260  -8.848  1.00 35.43 ? 47  TYR B CA  1 
ATOM   1230 C C   . TYR B 2 45  ? 0.933   -8.638  -8.678  1.00 35.92 ? 47  TYR B C   1 
ATOM   1231 O O   . TYR B 2 45  ? 0.532   -8.246  -7.562  1.00 33.13 ? 47  TYR B O   1 
ATOM   1232 C CB  . TYR B 2 45  ? 2.122   -10.784 -8.808  1.00 36.88 ? 47  TYR B CB  1 
ATOM   1233 C CG  . TYR B 2 45  ? 3.051   -11.553 -9.720  1.00 41.04 ? 47  TYR B CG  1 
ATOM   1234 C CD1 . TYR B 2 45  ? 4.262   -12.060 -9.250  1.00 42.65 ? 47  TYR B CD1 1 
ATOM   1235 C CD2 . TYR B 2 45  ? 2.716   -11.775 -11.062 1.00 41.89 ? 47  TYR B CD2 1 
ATOM   1236 C CE1 . TYR B 2 45  ? 5.121   -12.772 -10.089 1.00 43.92 ? 47  TYR B CE1 1 
ATOM   1237 C CE2 . TYR B 2 45  ? 3.567   -12.484 -11.912 1.00 43.81 ? 47  TYR B CE2 1 
ATOM   1238 C CZ  . TYR B 2 45  ? 4.769   -12.981 -11.415 1.00 45.77 ? 47  TYR B CZ  1 
ATOM   1239 O OH  . TYR B 2 45  ? 5.622   -13.683 -12.243 1.00 47.41 ? 47  TYR B OH  1 
ATOM   1240 N N   . TYR B 2 46  ? 0.225   -8.520  -9.789  1.00 35.95 ? 48  TYR B N   1 
ATOM   1241 C CA  . TYR B 2 46  ? -1.124  -8.018  -9.721  1.00 39.83 ? 48  TYR B CA  1 
ATOM   1242 C C   . TYR B 2 46  ? -1.973  -8.675  -10.798 1.00 41.14 ? 48  TYR B C   1 
ATOM   1243 O O   . TYR B 2 46  ? -1.455  -9.303  -11.734 1.00 39.18 ? 48  TYR B O   1 
ATOM   1244 C CB  . TYR B 2 46  ? -1.155  -6.488  -9.810  1.00 42.29 ? 48  TYR B CB  1 
ATOM   1245 C CG  . TYR B 2 46  ? -0.826  -5.890  -11.144 1.00 44.33 ? 48  TYR B CG  1 
ATOM   1246 C CD1 . TYR B 2 46  ? 0.414   -6.091  -11.742 1.00 46.48 ? 48  TYR B CD1 1 
ATOM   1247 C CD2 . TYR B 2 46  ? -1.746  -5.062  -11.786 1.00 47.23 ? 48  TYR B CD2 1 
ATOM   1248 C CE1 . TYR B 2 46  ? 0.734   -5.472  -12.949 1.00 50.06 ? 48  TYR B CE1 1 
ATOM   1249 C CE2 . TYR B 2 46  ? -1.443  -4.441  -12.985 1.00 49.11 ? 48  TYR B CE2 1 
ATOM   1250 C CZ  . TYR B 2 46  ? -0.206  -4.644  -13.562 1.00 50.08 ? 48  TYR B CZ  1 
ATOM   1251 O OH  . TYR B 2 46  ? 0.088   -3.999  -14.738 1.00 51.22 ? 48  TYR B OH  1 
ATOM   1252 N N   . SER B 2 47  ? -3.283  -8.552  -10.646 1.00 41.66 ? 49  SER B N   1 
ATOM   1253 C CA  . SER B 2 47  ? -4.204  -9.160  -11.592 1.00 42.74 ? 49  SER B CA  1 
ATOM   1254 C C   . SER B 2 47  ? -5.309  -8.223  -12.070 1.00 40.58 ? 49  SER B C   1 
ATOM   1255 O O   . SER B 2 47  ? -6.019  -7.620  -11.262 1.00 40.01 ? 49  SER B O   1 
ATOM   1256 C CB  . SER B 2 47  ? -4.833  -10.410 -10.958 1.00 40.62 ? 49  SER B CB  1 
ATOM   1257 O OG  . SER B 2 47  ? -5.837  -10.945 -11.797 1.00 43.09 ? 49  SER B OG  1 
ATOM   1258 N N   . TYR B 2 48  ? -5.450  -8.122  -13.389 1.00 42.23 ? 50  TYR B N   1 
ATOM   1259 C CA  . TYR B 2 48  ? -6.492  -7.289  -13.997 1.00 45.98 ? 50  TYR B CA  1 
ATOM   1260 C C   . TYR B 2 48  ? -7.861  -7.969  -13.918 1.00 47.61 ? 50  TYR B C   1 
ATOM   1261 O O   . TYR B 2 48  ? -8.893  -7.304  -13.976 1.00 49.12 ? 50  TYR B O   1 
ATOM   1262 C CB  . TYR B 2 48  ? -6.169  -6.993  -15.471 1.00 43.22 ? 50  TYR B CB  1 
ATOM   1263 C CG  . TYR B 2 48  ? -5.165  -5.887  -15.670 1.00 42.18 ? 50  TYR B CG  1 
ATOM   1264 C CD1 . TYR B 2 48  ? -5.341  -4.638  -15.061 1.00 42.55 ? 50  TYR B CD1 1 
ATOM   1265 C CD2 . TYR B 2 48  ? -4.035  -6.081  -16.463 1.00 42.91 ? 50  TYR B CD2 1 
ATOM   1266 C CE1 . TYR B 2 48  ? -4.405  -3.608  -15.236 1.00 41.14 ? 50  TYR B CE1 1 
ATOM   1267 C CE2 . TYR B 2 48  ? -3.096  -5.064  -16.643 1.00 42.29 ? 50  TYR B CE2 1 
ATOM   1268 C CZ  . TYR B 2 48  ? -3.289  -3.832  -16.025 1.00 41.11 ? 50  TYR B CZ  1 
ATOM   1269 O OH  . TYR B 2 48  ? -2.355  -2.838  -16.203 1.00 41.35 ? 50  TYR B OH  1 
ATOM   1270 N N   . GLY B 2 49  ? -7.861  -9.295  -13.787 1.00 48.68 ? 51  GLY B N   1 
ATOM   1271 C CA  . GLY B 2 49  ? -9.108  -10.037 -13.713 1.00 48.19 ? 51  GLY B CA  1 
ATOM   1272 C C   . GLY B 2 49  ? -8.917  -11.547 -13.769 1.00 48.77 ? 51  GLY B C   1 
ATOM   1273 O O   . GLY B 2 49  ? -7.850  -12.038 -14.155 1.00 48.22 ? 51  GLY B O   1 
ATOM   1274 N N   . ALA B 2 50  ? -9.963  -12.276 -13.384 1.00 47.22 ? 52  ALA B N   1 
ATOM   1275 C CA  . ALA B 2 50  ? -9.963  -13.736 -13.364 1.00 46.77 ? 52  ALA B CA  1 
ATOM   1276 C C   . ALA B 2 50  ? -9.251  -14.397 -14.534 1.00 46.49 ? 52  ALA B C   1 
ATOM   1277 O O   . ALA B 2 50  ? -9.462  -14.030 -15.688 1.00 47.43 ? 52  ALA B O   1 
ATOM   1278 C CB  . ALA B 2 50  ? -11.386 -14.246 -13.288 1.00 45.89 ? 52  ALA B CB  1 
ATOM   1279 N N   . GLY B 2 51  ? -8.402  -15.373 -14.222 1.00 46.26 ? 53  GLY B N   1 
ATOM   1280 C CA  . GLY B 2 51  ? -7.686  -16.110 -15.253 1.00 44.81 ? 53  GLY B CA  1 
ATOM   1281 C C   . GLY B 2 51  ? -6.468  -15.444 -15.858 1.00 45.13 ? 53  GLY B C   1 
ATOM   1282 O O   . GLY B 2 51  ? -5.868  -15.990 -16.782 1.00 46.03 ? 53  GLY B O   1 
ATOM   1283 N N   . SER B 2 52  ? -6.093  -14.274 -15.348 1.00 45.59 ? 54  SER B N   1 
ATOM   1284 C CA  . SER B 2 52  ? -4.932  -13.562 -15.873 1.00 46.00 ? 54  SER B CA  1 
ATOM   1285 C C   . SER B 2 52  ? -4.018  -13.094 -14.744 1.00 46.74 ? 54  SER B C   1 
ATOM   1286 O O   . SER B 2 52  ? -4.453  -12.889 -13.611 1.00 48.85 ? 54  SER B O   1 
ATOM   1287 C CB  . SER B 2 52  ? -5.371  -12.352 -16.698 1.00 44.24 ? 54  SER B CB  1 
ATOM   1288 O OG  . SER B 2 52  ? -5.988  -11.392 -15.860 1.00 46.53 ? 54  SER B OG  1 
ATOM   1289 N N   . THR B 2 53  ? -2.751  -12.895 -15.077 1.00 47.09 ? 55  THR B N   1 
ATOM   1290 C CA  . THR B 2 53  ? -1.776  -12.478 -14.094 1.00 48.27 ? 55  THR B CA  1 
ATOM   1291 C C   . THR B 2 53  ? -0.729  -11.548 -14.705 1.00 48.70 ? 55  THR B C   1 
ATOM   1292 O O   . THR B 2 53  ? -0.293  -11.749 -15.836 1.00 50.16 ? 55  THR B O   1 
ATOM   1293 C CB  . THR B 2 53  ? -1.100  -13.736 -13.482 1.00 49.10 ? 55  THR B CB  1 
ATOM   1294 O OG1 . THR B 2 53  ? -1.197  -13.675 -12.052 1.00 48.78 ? 55  THR B OG1 1 
ATOM   1295 C CG2 . THR B 2 53  ? 0.364   -13.860 -13.932 1.00 46.93 ? 55  THR B CG2 1 
ATOM   1296 N N   . GLU B 2 54  ? -0.320  -10.535 -13.949 1.00 49.49 ? 56  GLU B N   1 
ATOM   1297 C CA  . GLU B 2 54  ? 0.679   -9.590  -14.428 1.00 50.78 ? 56  GLU B CA  1 
ATOM   1298 C C   . GLU B 2 54  ? 1.804   -9.335  -13.425 1.00 49.68 ? 56  GLU B C   1 
ATOM   1299 O O   . GLU B 2 54  ? 1.563   -9.143  -12.231 1.00 49.30 ? 56  GLU B O   1 
ATOM   1300 C CB  . GLU B 2 54  ? 0.011   -8.254  -14.794 1.00 52.74 ? 56  GLU B CB  1 
ATOM   1301 C CG  . GLU B 2 54  ? -0.734  -8.264  -16.131 1.00 58.04 ? 56  GLU B CG  1 
ATOM   1302 C CD  . GLU B 2 54  ? 0.197   -8.471  -17.318 1.00 58.51 ? 56  GLU B CD  1 
ATOM   1303 O OE1 . GLU B 2 54  ? 1.195   -7.719  -17.430 1.00 59.56 ? 56  GLU B OE1 1 
ATOM   1304 O OE2 . GLU B 2 54  ? -0.068  -9.382  -18.137 1.00 59.27 ? 56  GLU B OE2 1 
ATOM   1305 N N   . LYS B 2 55  ? 3.034   -9.326  -13.928 1.00 48.10 ? 57  LYS B N   1 
ATOM   1306 C CA  . LYS B 2 55  ? 4.200   -9.074  -13.092 1.00 49.53 ? 57  LYS B CA  1 
ATOM   1307 C C   . LYS B 2 55  ? 4.176   -7.649  -12.551 1.00 49.21 ? 57  LYS B C   1 
ATOM   1308 O O   . LYS B 2 55  ? 3.808   -6.701  -13.257 1.00 49.00 ? 57  LYS B O   1 
ATOM   1309 C CB  . LYS B 2 55  ? 5.498   -9.272  -13.886 1.00 49.10 ? 57  LYS B CB  1 
ATOM   1310 C CG  . LYS B 2 55  ? 5.870   -10.712 -14.163 1.00 50.21 ? 57  LYS B CG  1 
ATOM   1311 C CD  . LYS B 2 55  ? 7.185   -10.773 -14.915 1.00 52.51 ? 57  LYS B CD  1 
ATOM   1312 C CE  . LYS B 2 55  ? 7.548   -12.192 -15.301 1.00 55.88 ? 57  LYS B CE  1 
ATOM   1313 N NZ  . LYS B 2 55  ? 8.711   -12.215 -16.236 1.00 58.75 ? 57  LYS B NZ  1 
ATOM   1314 N N   . GLY B 2 56  ? 4.560   -7.512  -11.290 1.00 47.13 ? 58  GLY B N   1 
ATOM   1315 C CA  . GLY B 2 56  ? 4.612   -6.208  -10.670 1.00 44.96 ? 58  GLY B CA  1 
ATOM   1316 C C   . GLY B 2 56  ? 6.016   -5.680  -10.885 1.00 44.28 ? 58  GLY B C   1 
ATOM   1317 O O   . GLY B 2 56  ? 6.701   -6.088  -11.830 1.00 41.84 ? 58  GLY B O   1 
ATOM   1318 N N   . ASP B 2 57  ? 6.449   -4.786  -10.003 1.00 45.33 ? 59  ASP B N   1 
ATOM   1319 C CA  . ASP B 2 57  ? 7.780   -4.205  -10.093 1.00 47.45 ? 59  ASP B CA  1 
ATOM   1320 C C   . ASP B 2 57  ? 8.887   -5.150  -9.608  1.00 48.09 ? 59  ASP B C   1 
ATOM   1321 O O   . ASP B 2 57  ? 9.993   -5.120  -10.140 1.00 48.98 ? 59  ASP B O   1 
ATOM   1322 C CB  . ASP B 2 57  ? 7.814   -2.884  -9.321  1.00 49.73 ? 59  ASP B CB  1 
ATOM   1323 C CG  . ASP B 2 57  ? 6.849   -1.853  -9.900  1.00 53.40 ? 59  ASP B CG  1 
ATOM   1324 O OD1 . ASP B 2 57  ? 6.993   -1.513  -11.099 1.00 53.43 ? 59  ASP B OD1 1 
ATOM   1325 O OD2 . ASP B 2 57  ? 5.944   -1.392  -9.165  1.00 53.54 ? 59  ASP B OD2 1 
ATOM   1326 N N   . ILE B 2 58  ? 8.598   -5.991  -8.613  1.00 46.81 ? 60  ILE B N   1 
ATOM   1327 C CA  . ILE B 2 58  ? 9.602   -6.934  -8.108  1.00 45.83 ? 60  ILE B CA  1 
ATOM   1328 C C   . ILE B 2 58  ? 9.041   -8.351  -8.014  1.00 45.93 ? 60  ILE B C   1 
ATOM   1329 O O   . ILE B 2 58  ? 8.862   -8.890  -6.927  1.00 44.71 ? 60  ILE B O   1 
ATOM   1330 C CB  . ILE B 2 58  ? 10.140  -6.511  -6.719  1.00 44.47 ? 60  ILE B CB  1 
ATOM   1331 C CG1 . ILE B 2 58  ? 8.994   -6.407  -5.708  1.00 43.06 ? 60  ILE B CG1 1 
ATOM   1332 C CG2 . ILE B 2 58  ? 10.864  -5.180  -6.838  1.00 43.37 ? 60  ILE B CG2 1 
ATOM   1333 C CD1 . ILE B 2 58  ? 9.457   -6.212  -4.276  1.00 40.32 ? 60  ILE B CD1 1 
ATOM   1334 N N   . PRO B 2 59  ? 8.767   -8.976  -9.171  1.00 45.95 ? 61  PRO B N   1 
ATOM   1335 C CA  . PRO B 2 59  ? 8.219   -10.331 -9.261  1.00 45.48 ? 61  PRO B CA  1 
ATOM   1336 C C   . PRO B 2 59  ? 9.188   -11.498 -9.058  1.00 44.41 ? 61  PRO B C   1 
ATOM   1337 O O   . PRO B 2 59  ? 8.749   -12.599 -8.765  1.00 44.55 ? 61  PRO B O   1 
ATOM   1338 C CB  . PRO B 2 59  ? 7.601   -10.344 -10.651 1.00 45.59 ? 61  PRO B CB  1 
ATOM   1339 C CG  . PRO B 2 59  ? 8.607   -9.559  -11.430 1.00 46.39 ? 61  PRO B CG  1 
ATOM   1340 C CD  . PRO B 2 59  ? 8.886   -8.376  -10.513 1.00 45.77 ? 61  PRO B CD  1 
ATOM   1341 N N   . ASP B 2 60  ? 10.487  -11.272 -9.217  1.00 45.98 ? 62  ASP B N   1 
ATOM   1342 C CA  . ASP B 2 60  ? 11.469  -12.353 -9.063  1.00 47.46 ? 62  ASP B CA  1 
ATOM   1343 C C   . ASP B 2 60  ? 11.310  -13.158 -7.769  1.00 46.80 ? 62  ASP B C   1 
ATOM   1344 O O   . ASP B 2 60  ? 11.245  -12.592 -6.669  1.00 45.80 ? 62  ASP B O   1 
ATOM   1345 C CB  . ASP B 2 60  ? 12.893  -11.794 -9.132  1.00 52.20 ? 62  ASP B CB  1 
ATOM   1346 C CG  . ASP B 2 60  ? 13.139  -10.991 -10.392 1.00 57.08 ? 62  ASP B CG  1 
ATOM   1347 O OD1 . ASP B 2 60  ? 13.115  -11.584 -11.494 1.00 59.45 ? 62  ASP B OD1 1 
ATOM   1348 O OD2 . ASP B 2 60  ? 13.344  -9.762  -10.279 1.00 61.14 ? 62  ASP B OD2 1 
ATOM   1349 N N   . GLY B 2 61  ? 11.250  -14.479 -7.919  1.00 43.04 ? 63  GLY B N   1 
ATOM   1350 C CA  . GLY B 2 61  ? 11.107  -15.367 -6.783  1.00 40.33 ? 63  GLY B CA  1 
ATOM   1351 C C   . GLY B 2 61  ? 9.650   -15.666 -6.498  1.00 41.50 ? 63  GLY B C   1 
ATOM   1352 O O   . GLY B 2 61  ? 9.322   -16.476 -5.638  1.00 40.39 ? 63  GLY B O   1 
ATOM   1353 N N   . TYR B 2 62  ? 8.759   -15.016 -7.228  1.00 39.87 ? 65  TYR B N   1 
ATOM   1354 C CA  . TYR B 2 62  ? 7.350   -15.244 -7.001  1.00 39.83 ? 65  TYR B CA  1 
ATOM   1355 C C   . TYR B 2 62  ? 6.611   -15.622 -8.262  1.00 40.33 ? 65  TYR B C   1 
ATOM   1356 O O   . TYR B 2 62  ? 7.131   -15.529 -9.372  1.00 41.23 ? 65  TYR B O   1 
ATOM   1357 C CB  . TYR B 2 62  ? 6.686   -13.992 -6.419  1.00 35.99 ? 65  TYR B CB  1 
ATOM   1358 C CG  . TYR B 2 62  ? 7.368   -13.406 -5.203  1.00 33.47 ? 65  TYR B CG  1 
ATOM   1359 C CD1 . TYR B 2 62  ? 8.472   -12.554 -5.338  1.00 31.37 ? 65  TYR B CD1 1 
ATOM   1360 C CD2 . TYR B 2 62  ? 6.891   -13.673 -3.918  1.00 31.83 ? 65  TYR B CD2 1 
ATOM   1361 C CE1 . TYR B 2 62  ? 9.077   -11.986 -4.228  1.00 29.85 ? 65  TYR B CE1 1 
ATOM   1362 C CE2 . TYR B 2 62  ? 7.492   -13.104 -2.791  1.00 29.80 ? 65  TYR B CE2 1 
ATOM   1363 C CZ  . TYR B 2 62  ? 8.584   -12.266 -2.956  1.00 30.34 ? 65  TYR B CZ  1 
ATOM   1364 O OH  . TYR B 2 62  ? 9.197   -11.726 -1.861  1.00 28.58 ? 65  TYR B OH  1 
ATOM   1365 N N   . LYS B 2 63  ? 5.384   -16.065 -8.057  1.00 39.91 ? 66  LYS B N   1 
ATOM   1366 C CA  . LYS B 2 63  ? 4.489   -16.408 -9.136  1.00 43.59 ? 66  LYS B CA  1 
ATOM   1367 C C   . LYS B 2 63  ? 3.144   -16.233 -8.446  1.00 42.24 ? 66  LYS B C   1 
ATOM   1368 O O   . LYS B 2 63  ? 3.061   -16.325 -7.216  1.00 41.03 ? 66  LYS B O   1 
ATOM   1369 C CB  . LYS B 2 63  ? 4.708   -17.852 -9.620  1.00 48.01 ? 66  LYS B CB  1 
ATOM   1370 C CG  . LYS B 2 63  ? 3.908   -18.922 -8.906  1.00 53.43 ? 66  LYS B CG  1 
ATOM   1371 C CD  . LYS B 2 63  ? 4.295   -20.314 -9.422  1.00 58.73 ? 66  LYS B CD  1 
ATOM   1372 C CE  . LYS B 2 63  ? 3.443   -21.416 -8.785  1.00 60.68 ? 66  LYS B CE  1 
ATOM   1373 N NZ  . LYS B 2 63  ? 3.914   -22.786 -9.148  1.00 64.03 ? 66  LYS B NZ  1 
ATOM   1374 N N   . ALA B 2 64  ? 2.110   -15.936 -9.222  1.00 39.18 ? 67  ALA B N   1 
ATOM   1375 C CA  . ALA B 2 64  ? 0.786   -15.731 -8.668  1.00 38.60 ? 67  ALA B CA  1 
ATOM   1376 C C   . ALA B 2 64  ? -0.230  -16.416 -9.556  1.00 37.30 ? 67  ALA B C   1 
ATOM   1377 O O   . ALA B 2 64  ? 0.051   -16.728 -10.715 1.00 37.21 ? 67  ALA B O   1 
ATOM   1378 C CB  . ALA B 2 64  ? 0.481   -14.224 -8.576  1.00 39.04 ? 67  ALA B CB  1 
ATOM   1379 N N   . SER B 2 65  ? -1.418  -16.641 -9.013  1.00 36.71 ? 68  SER B N   1 
ATOM   1380 C CA  . SER B 2 65  ? -2.464  -17.291 -9.771  1.00 39.36 ? 68  SER B CA  1 
ATOM   1381 C C   . SER B 2 65  ? -3.819  -16.674 -9.442  1.00 39.96 ? 68  SER B C   1 
ATOM   1382 O O   . SER B 2 65  ? -4.132  -16.410 -8.279  1.00 38.47 ? 68  SER B O   1 
ATOM   1383 C CB  . SER B 2 65  ? -2.462  -18.794 -9.468  1.00 40.60 ? 68  SER B CB  1 
ATOM   1384 O OG  . SER B 2 65  ? -3.242  -19.511 -10.408 1.00 42.47 ? 68  SER B OG  1 
ATOM   1385 N N   . ARG B 2 66  ? -4.612  -16.434 -10.482 1.00 41.73 ? 69  ARG B N   1 
ATOM   1386 C CA  . ARG B 2 66  ? -5.938  -15.832 -10.326 1.00 45.79 ? 69  ARG B CA  1 
ATOM   1387 C C   . ARG B 2 66  ? -6.973  -16.769 -10.948 1.00 49.13 ? 69  ARG B C   1 
ATOM   1388 O O   . ARG B 2 66  ? -7.586  -16.442 -11.964 1.00 50.11 ? 69  ARG B O   1 
ATOM   1389 C CB  . ARG B 2 66  ? -5.979  -14.459 -11.030 1.00 43.73 ? 69  ARG B CB  1 
ATOM   1390 C CG  . ARG B 2 66  ? -7.263  -13.643 -10.824 1.00 40.76 ? 69  ARG B CG  1 
ATOM   1391 C CD  . ARG B 2 66  ? -7.376  -13.129 -9.396  1.00 42.09 ? 69  ARG B CD  1 
ATOM   1392 N NE  . ARG B 2 66  ? -8.624  -12.413 -9.141  1.00 40.40 ? 69  ARG B NE  1 
ATOM   1393 C CZ  . ARG B 2 66  ? -8.931  -11.216 -9.642  1.00 41.03 ? 69  ARG B CZ  1 
ATOM   1394 N NH1 . ARG B 2 66  ? -8.077  -10.576 -10.434 1.00 38.39 ? 69  ARG B NH1 1 
ATOM   1395 N NH2 . ARG B 2 66  ? -10.103 -10.663 -9.351  1.00 40.40 ? 69  ARG B NH2 1 
ATOM   1396 N N   . PRO B 2 67  ? -7.187  -17.949 -10.335 1.00 51.53 ? 70  PRO B N   1 
ATOM   1397 C CA  . PRO B 2 67  ? -8.157  -18.918 -10.860 1.00 52.07 ? 70  PRO B CA  1 
ATOM   1398 C C   . PRO B 2 67  ? -9.579  -18.347 -10.958 1.00 51.92 ? 70  PRO B C   1 
ATOM   1399 O O   . PRO B 2 67  ? -10.349 -18.709 -11.843 1.00 51.82 ? 70  PRO B O   1 
ATOM   1400 C CB  . PRO B 2 67  ? -8.052  -20.071 -9.859  1.00 51.59 ? 70  PRO B CB  1 
ATOM   1401 C CG  . PRO B 2 67  ? -7.790  -19.349 -8.561  1.00 50.04 ? 70  PRO B CG  1 
ATOM   1402 C CD  . PRO B 2 67  ? -6.728  -18.349 -8.987  1.00 51.48 ? 70  PRO B CD  1 
ATOM   1403 N N   . SER B 2 68  ? -9.918  -17.453 -10.041 1.00 52.76 ? 71  SER B N   1 
ATOM   1404 C CA  . SER B 2 68  ? -11.240 -16.844 -10.032 1.00 52.51 ? 71  SER B CA  1 
ATOM   1405 C C   . SER B 2 68  ? -11.188 -15.331 -9.789  1.00 53.13 ? 71  SER B C   1 
ATOM   1406 O O   . SER B 2 68  ? -10.117 -14.714 -9.762  1.00 53.00 ? 71  SER B O   1 
ATOM   1407 C CB  . SER B 2 68  ? -12.104 -17.510 -8.962  1.00 52.43 ? 71  SER B CB  1 
ATOM   1408 O OG  . SER B 2 68  ? -11.460 -17.458 -7.703  1.00 52.34 ? 71  SER B OG  1 
ATOM   1409 N N   . GLN B 2 69  ? -12.361 -14.739 -9.616  1.00 51.30 ? 72  GLN B N   1 
ATOM   1410 C CA  . GLN B 2 69  ? -12.461 -13.313 -9.381  1.00 50.77 ? 72  GLN B CA  1 
ATOM   1411 C C   . GLN B 2 69  ? -12.170 -12.996 -7.915  1.00 49.91 ? 72  GLN B C   1 
ATOM   1412 O O   . GLN B 2 69  ? -11.531 -11.992 -7.601  1.00 49.68 ? 72  GLN B O   1 
ATOM   1413 C CB  . GLN B 2 69  ? -13.869 -12.828 -9.746  1.00 49.11 ? 72  GLN B CB  1 
ATOM   1414 C CG  . GLN B 2 69  ? -14.058 -11.311 -9.732  1.00 46.85 ? 72  GLN B CG  1 
ATOM   1415 C CD  . GLN B 2 69  ? -13.708 -10.642 -11.055 1.00 46.86 ? 72  GLN B CD  1 
ATOM   1416 O OE1 . GLN B 2 69  ? -13.942 -9.442  -11.230 1.00 49.68 ? 72  GLN B OE1 1 
ATOM   1417 N NE2 . GLN B 2 69  ? -13.150 -11.407 -11.989 1.00 43.84 ? 72  GLN B NE2 1 
ATOM   1418 N N   . GLU B 2 70  ? -12.633 -13.864 -7.024  1.00 48.59 ? 73  GLU B N   1 
ATOM   1419 C CA  . GLU B 2 70  ? -12.447 -13.657 -5.592  1.00 50.42 ? 73  GLU B CA  1 
ATOM   1420 C C   . GLU B 2 70  ? -11.082 -14.097 -5.035  1.00 48.29 ? 73  GLU B C   1 
ATOM   1421 O O   . GLU B 2 70  ? -10.653 -13.598 -3.996  1.00 47.60 ? 73  GLU B O   1 
ATOM   1422 C CB  . GLU B 2 70  ? -13.567 -14.372 -4.821  1.00 53.83 ? 73  GLU B CB  1 
ATOM   1423 C CG  . GLU B 2 70  ? -14.978 -14.022 -5.303  1.00 60.15 ? 73  GLU B CG  1 
ATOM   1424 C CD  . GLU B 2 70  ? -15.527 -12.728 -4.707  1.00 64.90 ? 73  GLU B CD  1 
ATOM   1425 O OE1 . GLU B 2 70  ? -16.214 -12.798 -3.658  1.00 66.04 ? 73  GLU B OE1 1 
ATOM   1426 O OE2 . GLU B 2 70  ? -15.268 -11.638 -5.281  1.00 65.96 ? 73  GLU B OE2 1 
ATOM   1427 N N   . ASN B 2 71  ? -10.392 -15.005 -5.723  1.00 46.02 ? 74  ASN B N   1 
ATOM   1428 C CA  . ASN B 2 71  ? -9.116  -15.501 -5.214  1.00 45.54 ? 74  ASN B CA  1 
ATOM   1429 C C   . ASN B 2 71  ? -7.886  -15.242 -6.064  1.00 41.98 ? 74  ASN B C   1 
ATOM   1430 O O   . ASN B 2 71  ? -7.866  -15.474 -7.266  1.00 39.84 ? 74  ASN B O   1 
ATOM   1431 C CB  . ASN B 2 71  ? -9.218  -16.998 -4.901  1.00 47.65 ? 74  ASN B CB  1 
ATOM   1432 C CG  . ASN B 2 71  ? -10.315 -17.300 -3.899  1.00 52.81 ? 74  ASN B CG  1 
ATOM   1433 O OD1 . ASN B 2 71  ? -10.306 -16.797 -2.765  1.00 54.02 ? 74  ASN B OD1 1 
ATOM   1434 N ND2 . ASN B 2 71  ? -11.280 -18.119 -4.312  1.00 55.87 ? 74  ASN B ND2 1 
ATOM   1435 N N   . PHE B 2 72  ? -6.852  -14.780 -5.379  1.00 38.33 ? 75  PHE B N   1 
ATOM   1436 C CA  . PHE B 2 72  ? -5.583  -14.430 -5.975  1.00 38.16 ? 75  PHE B CA  1 
ATOM   1437 C C   . PHE B 2 72  ? -4.532  -14.946 -4.996  1.00 37.16 ? 75  PHE B C   1 
ATOM   1438 O O   . PHE B 2 72  ? -4.549  -14.591 -3.824  1.00 37.82 ? 75  PHE B O   1 
ATOM   1439 C CB  . PHE B 2 72  ? -5.525  -12.902 -6.092  1.00 34.57 ? 75  PHE B CB  1 
ATOM   1440 C CG  . PHE B 2 72  ? -4.303  -12.373 -6.773  1.00 30.28 ? 75  PHE B CG  1 
ATOM   1441 C CD1 . PHE B 2 72  ? -3.765  -13.018 -7.876  1.00 28.45 ? 75  PHE B CD1 1 
ATOM   1442 C CD2 . PHE B 2 72  ? -3.743  -11.159 -6.358  1.00 31.29 ? 75  PHE B CD2 1 
ATOM   1443 C CE1 . PHE B 2 72  ? -2.690  -12.468 -8.565  1.00 29.97 ? 75  PHE B CE1 1 
ATOM   1444 C CE2 . PHE B 2 72  ? -2.671  -10.600 -7.044  1.00 29.72 ? 75  PHE B CE2 1 
ATOM   1445 C CZ  . PHE B 2 72  ? -2.142  -11.256 -8.152  1.00 27.09 ? 75  PHE B CZ  1 
ATOM   1446 N N   . SER B 2 73  ? -3.632  -15.800 -5.456  1.00 36.68 ? 76  SER B N   1 
ATOM   1447 C CA  . SER B 2 73  ? -2.637  -16.311 -4.535  1.00 36.29 ? 76  SER B CA  1 
ATOM   1448 C C   . SER B 2 73  ? -1.228  -16.024 -5.017  1.00 34.25 ? 76  SER B C   1 
ATOM   1449 O O   . SER B 2 73  ? -0.980  -15.874 -6.219  1.00 33.29 ? 76  SER B O   1 
ATOM   1450 C CB  . SER B 2 73  ? -2.834  -17.817 -4.297  1.00 34.60 ? 76  SER B CB  1 
ATOM   1451 O OG  . SER B 2 73  ? -2.419  -18.576 -5.414  1.00 38.36 ? 76  SER B OG  1 
ATOM   1452 N N   . LEU B 2 74  ? -0.323  -15.918 -4.050  1.00 32.39 ? 77  LEU B N   1 
ATOM   1453 C CA  . LEU B 2 74  ? 1.083   -15.651 -4.301  1.00 32.98 ? 77  LEU B CA  1 
ATOM   1454 C C   . LEU B 2 74  ? 1.912   -16.845 -3.807  1.00 34.77 ? 77  LEU B C   1 
ATOM   1455 O O   . LEU B 2 74  ? 1.754   -17.306 -2.678  1.00 35.52 ? 77  LEU B O   1 
ATOM   1456 C CB  . LEU B 2 74  ? 1.508   -14.373 -3.562  1.00 30.16 ? 77  LEU B CB  1 
ATOM   1457 C CG  . LEU B 2 74  ? 2.951   -13.924 -3.799  1.00 29.69 ? 77  LEU B CG  1 
ATOM   1458 C CD1 . LEU B 2 74  ? 3.096   -13.475 -5.251  1.00 30.94 ? 77  LEU B CD1 1 
ATOM   1459 C CD2 . LEU B 2 74  ? 3.317   -12.803 -2.833  1.00 24.55 ? 77  LEU B CD2 1 
ATOM   1460 N N   . THR B 2 75  ? 2.804   -17.337 -4.652  1.00 36.71 ? 78  THR B N   1 
ATOM   1461 C CA  . THR B 2 75  ? 3.617   -18.481 -4.275  1.00 38.18 ? 78  THR B CA  1 
ATOM   1462 C C   . THR B 2 75  ? 5.118   -18.263 -4.372  1.00 38.29 ? 78  THR B C   1 
ATOM   1463 O O   . THR B 2 75  ? 5.623   -17.754 -5.372  1.00 38.27 ? 78  THR B O   1 
ATOM   1464 C CB  . THR B 2 75  ? 3.268   -19.717 -5.139  1.00 38.92 ? 78  THR B CB  1 
ATOM   1465 O OG1 . THR B 2 75  ? 1.882   -20.035 -4.977  1.00 37.71 ? 78  THR B OG1 1 
ATOM   1466 C CG2 . THR B 2 75  ? 4.120   -20.920 -4.721  1.00 38.39 ? 78  THR B CG2 1 
ATOM   1467 N N   . LEU B 2 76  ? 5.822   -18.660 -3.319  1.00 39.76 ? 79  LEU B N   1 
ATOM   1468 C CA  . LEU B 2 76  ? 7.274   -18.569 -3.285  1.00 42.19 ? 79  LEU B CA  1 
ATOM   1469 C C   . LEU B 2 76  ? 7.737   -20.020 -3.480  1.00 45.20 ? 79  LEU B C   1 
ATOM   1470 O O   . LEU B 2 76  ? 7.736   -20.815 -2.535  1.00 45.71 ? 79  LEU B O   1 
ATOM   1471 C CB  . LEU B 2 76  ? 7.743   -18.020 -1.930  1.00 40.32 ? 79  LEU B CB  1 
ATOM   1472 C CG  . LEU B 2 76  ? 7.442   -16.551 -1.620  1.00 41.22 ? 79  LEU B CG  1 
ATOM   1473 C CD1 . LEU B 2 76  ? 5.941   -16.319 -1.522  1.00 41.40 ? 79  LEU B CD1 1 
ATOM   1474 C CD2 . LEU B 2 76  ? 8.109   -16.167 -0.320  1.00 40.65 ? 79  LEU B CD2 1 
ATOM   1475 N N   . GLU B 2 77  ? 8.106   -20.359 -4.712  1.00 45.86 ? 80  GLU B N   1 
ATOM   1476 C CA  . GLU B 2 77  ? 8.540   -21.716 -5.060  1.00 49.65 ? 80  GLU B CA  1 
ATOM   1477 C C   . GLU B 2 77  ? 9.651   -22.268 -4.160  1.00 48.16 ? 80  GLU B C   1 
ATOM   1478 O O   . GLU B 2 77  ? 9.579   -23.404 -3.702  1.00 49.70 ? 80  GLU B O   1 
ATOM   1479 C CB  . GLU B 2 77  ? 8.992   -21.758 -6.521  1.00 53.38 ? 80  GLU B CB  1 
ATOM   1480 C CG  . GLU B 2 77  ? 9.177   -23.163 -7.083  1.00 59.12 ? 80  GLU B CG  1 
ATOM   1481 C CD  . GLU B 2 77  ? 7.913   -24.012 -7.009  1.00 62.85 ? 80  GLU B CD  1 
ATOM   1482 O OE1 . GLU B 2 77  ? 6.792   -23.442 -7.043  1.00 63.90 ? 80  GLU B OE1 1 
ATOM   1483 O OE2 . GLU B 2 77  ? 8.045   -25.256 -6.934  1.00 63.91 ? 80  GLU B OE2 1 
ATOM   1484 N N   . SER B 2 78  ? 10.682  -21.467 -3.923  1.00 46.24 ? 81  SER B N   1 
ATOM   1485 C CA  . SER B 2 78  ? 11.779  -21.873 -3.054  1.00 43.58 ? 81  SER B CA  1 
ATOM   1486 C C   . SER B 2 78  ? 12.170  -20.656 -2.232  1.00 40.13 ? 81  SER B C   1 
ATOM   1487 O O   . SER B 2 78  ? 12.961  -19.830 -2.670  1.00 39.66 ? 81  SER B O   1 
ATOM   1488 C CB  . SER B 2 78  ? 12.982  -22.368 -3.869  1.00 43.33 ? 81  SER B CB  1 
ATOM   1489 O OG  . SER B 2 78  ? 13.983  -22.903 -3.015  1.00 41.78 ? 81  SER B OG  1 
ATOM   1490 N N   . ALA B 2 79  ? 11.612  -20.563 -1.030  1.00 38.95 ? 82  ALA B N   1 
ATOM   1491 C CA  . ALA B 2 79  ? 11.863  -19.430 -0.144  1.00 38.41 ? 82  ALA B CA  1 
ATOM   1492 C C   . ALA B 2 79  ? 13.319  -19.137 0.192   1.00 37.92 ? 82  ALA B C   1 
ATOM   1493 O O   . ALA B 2 79  ? 14.108  -20.027 0.504   1.00 39.76 ? 82  ALA B O   1 
ATOM   1494 C CB  . ALA B 2 79  ? 11.059  -19.594 1.153   1.00 36.54 ? 82  ALA B CB  1 
ATOM   1495 N N   . THR B 2 80  ? 13.654  -17.859 0.132   1.00 38.71 ? 83  THR B N   1 
ATOM   1496 C CA  . THR B 2 80  ? 14.982  -17.379 0.444   1.00 38.33 ? 83  THR B CA  1 
ATOM   1497 C C   . THR B 2 80  ? 14.823  -16.341 1.549   1.00 36.86 ? 83  THR B C   1 
ATOM   1498 O O   . THR B 2 80  ? 13.793  -15.660 1.627   1.00 35.30 ? 83  THR B O   1 
ATOM   1499 C CB  . THR B 2 80  ? 15.634  -16.718 -0.781  1.00 40.07 ? 83  THR B CB  1 
ATOM   1500 O OG1 . THR B 2 80  ? 14.855  -15.582 -1.182  1.00 43.02 ? 83  THR B OG1 1 
ATOM   1501 C CG2 . THR B 2 80  ? 15.704  -17.707 -1.940  1.00 40.40 ? 83  THR B CG2 1 
ATOM   1502 N N   . PRO B 2 81  ? 15.845  -16.203 2.414   1.00 36.69 ? 84  PRO B N   1 
ATOM   1503 C CA  . PRO B 2 81  ? 15.839  -15.252 3.530   1.00 35.35 ? 84  PRO B CA  1 
ATOM   1504 C C   . PRO B 2 81  ? 15.388  -13.839 3.160   1.00 34.88 ? 84  PRO B C   1 
ATOM   1505 O O   . PRO B 2 81  ? 14.726  -13.178 3.959   1.00 35.28 ? 84  PRO B O   1 
ATOM   1506 C CB  . PRO B 2 81  ? 17.289  -15.293 4.025   1.00 34.57 ? 84  PRO B CB  1 
ATOM   1507 C CG  . PRO B 2 81  ? 17.671  -16.722 3.783   1.00 33.94 ? 84  PRO B CG  1 
ATOM   1508 C CD  . PRO B 2 81  ? 17.106  -16.977 2.395   1.00 35.85 ? 84  PRO B CD  1 
ATOM   1509 N N   . SER B 2 82  ? 15.736  -13.379 1.960   1.00 32.40 ? 85  SER B N   1 
ATOM   1510 C CA  . SER B 2 82  ? 15.354  -12.035 1.513   1.00 32.57 ? 85  SER B CA  1 
ATOM   1511 C C   . SER B 2 82  ? 13.828  -11.854 1.373   1.00 33.04 ? 85  SER B C   1 
ATOM   1512 O O   . SER B 2 82  ? 13.333  -10.721 1.339   1.00 32.79 ? 85  SER B O   1 
ATOM   1513 C CB  . SER B 2 82  ? 16.006  -11.720 0.168   1.00 32.48 ? 85  SER B CB  1 
ATOM   1514 O OG  . SER B 2 82  ? 15.499  -12.581 -0.835  1.00 35.75 ? 85  SER B OG  1 
ATOM   1515 N N   . GLN B 2 83  ? 13.091  -12.960 1.289   1.00 29.65 ? 86  GLN B N   1 
ATOM   1516 C CA  . GLN B 2 83  ? 11.647  -12.886 1.151   1.00 29.62 ? 86  GLN B CA  1 
ATOM   1517 C C   . GLN B 2 83  ? 10.957  -12.702 2.491   1.00 29.09 ? 86  GLN B C   1 
ATOM   1518 O O   . GLN B 2 83  ? 9.743   -12.759 2.594   1.00 29.24 ? 86  GLN B O   1 
ATOM   1519 C CB  . GLN B 2 83  ? 11.120  -14.124 0.426   1.00 28.39 ? 86  GLN B CB  1 
ATOM   1520 C CG  . GLN B 2 83  ? 11.532  -14.156 -1.045  1.00 28.87 ? 86  GLN B CG  1 
ATOM   1521 C CD  . GLN B 2 83  ? 11.020  -15.388 -1.776  1.00 31.90 ? 86  GLN B CD  1 
ATOM   1522 O OE1 . GLN B 2 83  ? 11.377  -16.515 -1.432  1.00 32.17 ? 86  GLN B OE1 1 
ATOM   1523 N NE2 . GLN B 2 83  ? 10.173  -15.177 -2.791  1.00 31.75 ? 86  GLN B NE2 1 
ATOM   1524 N N   . THR B 2 84  ? 11.759  -12.498 3.526   1.00 30.01 ? 87  THR B N   1 
ATOM   1525 C CA  . THR B 2 84  ? 11.245  -12.257 4.859   1.00 29.27 ? 87  THR B CA  1 
ATOM   1526 C C   . THR B 2 84  ? 10.665  -10.875 5.228   1.00 32.37 ? 87  THR B C   1 
ATOM   1527 O O   . THR B 2 84  ? 11.418  -9.949  5.573   1.00 31.26 ? 87  THR B O   1 
ATOM   1528 C CB  . THR B 2 84  ? 12.393  -12.318 5.921   1.00 27.34 ? 87  THR B CB  1 
ATOM   1529 O OG1 . THR B 2 84  ? 12.760  -13.685 6.163   1.00 28.33 ? 87  THR B OG1 1 
ATOM   1530 C CG2 . THR B 2 84  ? 11.975  -11.651 7.216   1.00 25.89 ? 87  THR B CG2 1 
ATOM   1531 N N   . SER B 2 85  ? 9.369   -10.700 5.026   1.00 31.47 ? 88  SER B N   1 
ATOM   1532 C CA  . SER B 2 85  ? 8.699   -9.408  5.152   1.00 33.12 ? 88  SER B CA  1 
ATOM   1533 C C   . SER B 2 85  ? 7.214   -9.635  5.407   1.00 31.04 ? 88  SER B C   1 
ATOM   1534 O O   . SER B 2 85  ? 6.799   -10.740 5.777   1.00 30.14 ? 88  SER B O   1 
ATOM   1535 C CB  . SER B 2 85  ? 8.871   -8.633  3.839   1.00 32.62 ? 88  SER B CB  1 
ATOM   1536 O OG  . SER B 2 85  ? 7.981   -9.084  2.850   1.00 37.57 ? 88  SER B OG  1 
ATOM   1537 N N   . VAL B 2 86  ? 6.430   -8.585  5.212   1.00 28.25 ? 89  VAL B N   1 
ATOM   1538 C CA  . VAL B 2 86  ? 4.993   -8.669  5.390   1.00 29.24 ? 89  VAL B CA  1 
ATOM   1539 C C   . VAL B 2 86  ? 4.369   -8.486  4.022   1.00 30.09 ? 89  VAL B C   1 
ATOM   1540 O O   . VAL B 2 86  ? 4.657   -7.517  3.321   1.00 33.65 ? 89  VAL B O   1 
ATOM   1541 C CB  . VAL B 2 86  ? 4.449   -7.590  6.372   1.00 26.44 ? 89  VAL B CB  1 
ATOM   1542 C CG1 . VAL B 2 86  ? 2.995   -7.909  6.716   1.00 28.66 ? 89  VAL B CG1 1 
ATOM   1543 C CG2 . VAL B 2 86  ? 5.276   -7.566  7.649   1.00 24.60 ? 89  VAL B CG2 1 
ATOM   1544 N N   . TYR B 2 87  ? 3.528   -9.445  3.648   1.00 31.27 ? 90  TYR B N   1 
ATOM   1545 C CA  . TYR B 2 87  ? 2.850   -9.458  2.370   1.00 31.15 ? 90  TYR B CA  1 
ATOM   1546 C C   . TYR B 2 87  ? 1.423   -8.978  2.508   1.00 33.29 ? 90  TYR B C   1 
ATOM   1547 O O   . TYR B 2 87  ? 0.681   -9.405  3.402   1.00 34.60 ? 90  TYR B O   1 
ATOM   1548 C CB  . TYR B 2 87  ? 2.867   -10.870 1.765   1.00 26.41 ? 90  TYR B CB  1 
ATOM   1549 C CG  . TYR B 2 87  ? 4.258   -11.306 1.414   1.00 27.37 ? 90  TYR B CG  1 
ATOM   1550 C CD1 . TYR B 2 87  ? 5.161   -11.687 2.418   1.00 25.63 ? 90  TYR B CD1 1 
ATOM   1551 C CD2 . TYR B 2 87  ? 4.706   -11.280 0.092   1.00 23.51 ? 90  TYR B CD2 1 
ATOM   1552 C CE1 . TYR B 2 87  ? 6.478   -12.024 2.115   1.00 28.40 ? 90  TYR B CE1 1 
ATOM   1553 C CE2 . TYR B 2 87  ? 6.015   -11.619 -0.227  1.00 24.15 ? 90  TYR B CE2 1 
ATOM   1554 C CZ  . TYR B 2 87  ? 6.901   -11.987 0.791   1.00 28.07 ? 90  TYR B CZ  1 
ATOM   1555 O OH  . TYR B 2 87  ? 8.209   -12.278 0.502   1.00 25.96 ? 90  TYR B OH  1 
ATOM   1556 N N   . PHE B 2 88  ? 1.045   -8.078  1.616   1.00 32.92 ? 91  PHE B N   1 
ATOM   1557 C CA  . PHE B 2 88  ? -0.297  -7.543  1.653   1.00 32.96 ? 91  PHE B CA  1 
ATOM   1558 C C   . PHE B 2 88  ? -0.976  -7.721  0.328   1.00 33.62 ? 91  PHE B C   1 
ATOM   1559 O O   . PHE B 2 88  ? -0.436  -7.388  -0.724  1.00 31.15 ? 91  PHE B O   1 
ATOM   1560 C CB  . PHE B 2 88  ? -0.279  -6.058  2.017   1.00 32.30 ? 91  PHE B CB  1 
ATOM   1561 C CG  . PHE B 2 88  ? -0.027  -5.792  3.469   1.00 30.16 ? 91  PHE B CG  1 
ATOM   1562 C CD1 . PHE B 2 88  ? -1.016  -6.027  4.413   1.00 29.47 ? 91  PHE B CD1 1 
ATOM   1563 C CD2 . PHE B 2 88  ? 1.200   -5.288  3.890   1.00 32.36 ? 91  PHE B CD2 1 
ATOM   1564 C CE1 . PHE B 2 88  ? -0.791  -5.763  5.765   1.00 30.34 ? 91  PHE B CE1 1 
ATOM   1565 C CE2 . PHE B 2 88  ? 1.439   -5.019  5.241   1.00 32.43 ? 91  PHE B CE2 1 
ATOM   1566 C CZ  . PHE B 2 88  ? 0.441   -5.257  6.180   1.00 31.84 ? 91  PHE B CZ  1 
ATOM   1567 N N   . CYS B 2 89  ? -2.169  -8.283  0.397   1.00 36.00 ? 92  CYS B N   1 
ATOM   1568 C CA  . CYS B 2 89  ? -2.988  -8.463  -0.787  1.00 40.68 ? 92  CYS B CA  1 
ATOM   1569 C C   . CYS B 2 89  ? -4.049  -7.360  -0.799  1.00 38.33 ? 92  CYS B C   1 
ATOM   1570 O O   . CYS B 2 89  ? -4.503  -6.913  0.256   1.00 37.77 ? 92  CYS B O   1 
ATOM   1571 C CB  . CYS B 2 89  ? -3.687  -9.810  -0.742  1.00 42.07 ? 92  CYS B CB  1 
ATOM   1572 S SG  . CYS B 2 89  ? -4.837  -10.045 -2.128  1.00 52.29 ? 92  CYS B SG  1 
ATOM   1573 N N   . ALA B 2 90  ? -4.451  -6.923  -1.985  1.00 41.60 ? 93  ALA B N   1 
ATOM   1574 C CA  . ALA B 2 90  ? -5.489  -5.888  -2.083  1.00 43.38 ? 93  ALA B CA  1 
ATOM   1575 C C   . ALA B 2 90  ? -6.285  -5.947  -3.387  1.00 43.05 ? 93  ALA B C   1 
ATOM   1576 O O   . ALA B 2 90  ? -5.775  -6.351  -4.434  1.00 42.48 ? 93  ALA B O   1 
ATOM   1577 C CB  . ALA B 2 90  ? -4.871  -4.491  -1.913  1.00 41.42 ? 93  ALA B CB  1 
ATOM   1578 N N   . SER B 2 91  ? -7.547  -5.550  -3.309  1.00 45.02 ? 94  SER B N   1 
ATOM   1579 C CA  . SER B 2 91  ? -8.402  -5.515  -4.491  1.00 47.02 ? 94  SER B CA  1 
ATOM   1580 C C   . SER B 2 91  ? -8.624  -4.049  -4.852  1.00 48.39 ? 94  SER B C   1 
ATOM   1581 O O   . SER B 2 91  ? -8.729  -3.185  -3.974  1.00 45.48 ? 94  SER B O   1 
ATOM   1582 C CB  . SER B 2 91  ? -9.737  -6.181  -4.204  1.00 47.22 ? 94  SER B CB  1 
ATOM   1583 O OG  . SER B 2 91  ? -10.321 -5.585  -3.070  1.00 47.22 ? 94  SER B OG  1 
ATOM   1584 N N   . GLY B 2 92  ? -8.695  -3.772  -6.147  1.00 50.97 ? 95  GLY B N   1 
ATOM   1585 C CA  . GLY B 2 92  ? -8.885  -2.403  -6.586  1.00 55.08 ? 95  GLY B CA  1 
ATOM   1586 C C   . GLY B 2 92  ? -10.309 -1.974  -6.882  1.00 56.91 ? 95  GLY B C   1 
ATOM   1587 O O   . GLY B 2 92  ? -10.975 -2.561  -7.737  1.00 55.62 ? 95  GLY B O   1 
ATOM   1588 N N   . ASP B 2 93  ? -10.762 -0.936  -6.176  1.00 60.14 ? 96  ASP B N   1 
ATOM   1589 C CA  . ASP B 2 93  ? -12.103 -0.373  -6.361  1.00 61.83 ? 96  ASP B CA  1 
ATOM   1590 C C   . ASP B 2 93  ? -12.061 0.707   -7.442  1.00 62.51 ? 96  ASP B C   1 
ATOM   1591 O O   . ASP B 2 93  ? -11.694 1.854   -7.171  1.00 63.53 ? 96  ASP B O   1 
ATOM   1592 C CB  . ASP B 2 93  ? -12.619 0.236   -5.060  1.00 63.13 ? 96  ASP B CB  1 
ATOM   1593 C CG  . ASP B 2 93  ? -13.877 1.066   -5.266  1.00 65.49 ? 96  ASP B CG  1 
ATOM   1594 O OD1 . ASP B 2 93  ? -14.888 0.512   -5.754  1.00 65.57 ? 96  ASP B OD1 1 
ATOM   1595 O OD2 . ASP B 2 93  ? -13.852 2.273   -4.943  1.00 66.89 ? 96  ASP B OD2 1 
ATOM   1596 N N   . ALA B 2 94  ? -12.445 0.330   -8.659  1.00 62.23 ? 97  ALA B N   1 
ATOM   1597 C CA  . ALA B 2 94  ? -12.426 1.229   -9.804  1.00 62.75 ? 97  ALA B CA  1 
ATOM   1598 C C   . ALA B 2 94  ? -13.274 2.492   -9.667  1.00 63.68 ? 97  ALA B C   1 
ATOM   1599 O O   . ALA B 2 94  ? -12.966 3.513   -10.277 1.00 63.94 ? 97  ALA B O   1 
ATOM   1600 C CB  . ALA B 2 94  ? -12.834 0.466   -11.056 1.00 63.23 ? 97  ALA B CB  1 
ATOM   1601 N N   . SER B 2 95  ? -14.333 2.428   -8.869  1.00 64.65 ? 98  SER B N   1 
ATOM   1602 C CA  . SER B 2 95  ? -15.217 3.576   -8.675  1.00 65.39 ? 98  SER B CA  1 
ATOM   1603 C C   . SER B 2 95  ? -14.589 4.674   -7.814  1.00 65.39 ? 98  SER B C   1 
ATOM   1604 O O   . SER B 2 95  ? -15.180 5.746   -7.631  1.00 64.74 ? 98  SER B O   1 
ATOM   1605 C CB  . SER B 2 95  ? -16.529 3.122   -8.032  1.00 65.63 ? 98  SER B CB  1 
ATOM   1606 O OG  . SER B 2 95  ? -17.175 2.160   -8.844  1.00 68.58 ? 98  SER B OG  1 
ATOM   1607 N N   . GLY B 2 96  ? -13.397 4.405   -7.286  1.00 64.40 ? 99  GLY B N   1 
ATOM   1608 C CA  . GLY B 2 96  ? -12.729 5.384   -6.447  1.00 63.72 ? 99  GLY B CA  1 
ATOM   1609 C C   . GLY B 2 96  ? -11.296 5.663   -6.860  1.00 63.17 ? 99  GLY B C   1 
ATOM   1610 O O   . GLY B 2 96  ? -10.432 5.874   -6.002  1.00 62.26 ? 99  GLY B O   1 
ATOM   1611 N N   . ALA B 2 97  ? -11.051 5.682   -8.170  1.00 61.85 ? 100 ALA B N   1 
ATOM   1612 C CA  . ALA B 2 97  ? -9.714  5.925   -8.713  1.00 62.49 ? 100 ALA B CA  1 
ATOM   1613 C C   . ALA B 2 97  ? -8.808  4.779   -8.283  1.00 62.49 ? 100 ALA B C   1 
ATOM   1614 O O   . ALA B 2 97  ? -7.634  4.969   -7.967  1.00 62.50 ? 100 ALA B O   1 
ATOM   1615 C CB  . ALA B 2 97  ? -9.159  7.267   -8.210  1.00 62.08 ? 100 ALA B CB  1 
ATOM   1616 N N   . GLU B 2 98  ? -9.383  3.583   -8.267  1.00 61.47 ? 104 GLU B N   1 
ATOM   1617 C CA  . GLU B 2 98  ? -8.672  2.381   -7.888  1.00 60.35 ? 104 GLU B CA  1 
ATOM   1618 C C   . GLU B 2 98  ? -8.214  2.424   -6.430  1.00 58.81 ? 104 GLU B C   1 
ATOM   1619 O O   . GLU B 2 98  ? -7.100  2.011   -6.099  1.00 57.61 ? 104 GLU B O   1 
ATOM   1620 C CB  . GLU B 2 98  ? -7.483  2.155   -8.822  1.00 60.96 ? 104 GLU B CB  1 
ATOM   1621 C CG  . GLU B 2 98  ? -7.330  0.714   -9.248  1.00 63.48 ? 104 GLU B CG  1 
ATOM   1622 C CD  . GLU B 2 98  ? -8.546  0.194   -9.999  1.00 64.51 ? 104 GLU B CD  1 
ATOM   1623 O OE1 . GLU B 2 98  ? -8.710  0.528   -11.193 1.00 64.13 ? 104 GLU B OE1 1 
ATOM   1624 O OE2 . GLU B 2 98  ? -9.346  -0.547  -9.388  1.00 65.96 ? 104 GLU B OE2 1 
ATOM   1625 N N   . THR B 2 99  ? -9.079  2.930   -5.558  1.00 56.43 ? 105 THR B N   1 
ATOM   1626 C CA  . THR B 2 99  ? -8.756  2.966   -4.142  1.00 56.12 ? 105 THR B CA  1 
ATOM   1627 C C   . THR B 2 99  ? -8.676  1.513   -3.671  1.00 55.40 ? 105 THR B C   1 
ATOM   1628 O O   . THR B 2 99  ? -9.589  0.717   -3.899  1.00 55.64 ? 105 THR B O   1 
ATOM   1629 C CB  . THR B 2 99  ? -9.821  3.716   -3.336  1.00 56.46 ? 105 THR B CB  1 
ATOM   1630 O OG1 . THR B 2 99  ? -9.837  3.210   -1.994  1.00 59.15 ? 105 THR B OG1 1 
ATOM   1631 C CG2 . THR B 2 99  ? -11.181 3.550   -3.966  1.00 58.98 ? 105 THR B CG2 1 
ATOM   1632 N N   . LEU B 2 100 ? -7.577  1.176   -3.007  1.00 53.20 ? 106 LEU B N   1 
ATOM   1633 C CA  . LEU B 2 100 ? -7.335  -0.187  -2.549  1.00 50.58 ? 106 LEU B CA  1 
ATOM   1634 C C   . LEU B 2 100 ? -7.769  -0.537  -1.139  1.00 50.10 ? 106 LEU B C   1 
ATOM   1635 O O   . LEU B 2 100 ? -7.790  0.307   -0.243  1.00 47.77 ? 106 LEU B O   1 
ATOM   1636 C CB  . LEU B 2 100 ? -5.839  -0.496  -2.641  1.00 48.24 ? 106 LEU B CB  1 
ATOM   1637 C CG  . LEU B 2 100 ? -5.123  -0.324  -3.980  1.00 48.98 ? 106 LEU B CG  1 
ATOM   1638 C CD1 . LEU B 2 100 ? -3.644  -0.653  -3.811  1.00 47.55 ? 106 LEU B CD1 1 
ATOM   1639 C CD2 . LEU B 2 100 ? -5.755  -1.217  -5.026  1.00 46.50 ? 106 LEU B CD2 1 
ATOM   1640 N N   . TYR B 2 101 ? -8.142  -1.795  -0.950  1.00 50.07 ? 107 TYR B N   1 
ATOM   1641 C CA  . TYR B 2 101 ? -8.443  -2.249  0.390   1.00 53.53 ? 107 TYR B CA  1 
ATOM   1642 C C   . TYR B 2 101 ? -7.684  -3.552  0.605   1.00 51.29 ? 107 TYR B C   1 
ATOM   1643 O O   . TYR B 2 101 ? -7.901  -4.575  -0.051  1.00 50.52 ? 107 TYR B O   1 
ATOM   1644 C CB  . TYR B 2 101 ? -9.952  -2.353  0.692   1.00 59.25 ? 107 TYR B CB  1 
ATOM   1645 C CG  . TYR B 2 101 ? -10.808 -3.233  -0.172  1.00 65.03 ? 107 TYR B CG  1 
ATOM   1646 C CD1 . TYR B 2 101 ? -11.115 -2.882  -1.490  1.00 67.83 ? 107 TYR B CD1 1 
ATOM   1647 C CD2 . TYR B 2 101 ? -11.408 -4.373  0.368   1.00 67.79 ? 107 TYR B CD2 1 
ATOM   1648 C CE1 . TYR B 2 101 ? -12.015 -3.649  -2.244  1.00 70.60 ? 107 TYR B CE1 1 
ATOM   1649 C CE2 . TYR B 2 101 ? -12.303 -5.146  -0.372  1.00 70.24 ? 107 TYR B CE2 1 
ATOM   1650 C CZ  . TYR B 2 101 ? -12.606 -4.783  -1.672  1.00 70.29 ? 107 TYR B CZ  1 
ATOM   1651 O OH  . TYR B 2 101 ? -13.500 -5.560  -2.374  1.00 70.46 ? 107 TYR B OH  1 
ATOM   1652 N N   . PHE B 2 102 ? -6.729  -3.440  1.515   1.00 49.40 ? 108 PHE B N   1 
ATOM   1653 C CA  . PHE B 2 102 ? -5.810  -4.501  1.880   1.00 45.37 ? 108 PHE B CA  1 
ATOM   1654 C C   . PHE B 2 102 ? -6.334  -5.504  2.889   1.00 44.25 ? 108 PHE B C   1 
ATOM   1655 O O   . PHE B 2 102 ? -7.190  -5.191  3.710   1.00 41.88 ? 108 PHE B O   1 
ATOM   1656 C CB  . PHE B 2 102 ? -4.533  -3.866  2.451   1.00 42.59 ? 108 PHE B CB  1 
ATOM   1657 C CG  . PHE B 2 102 ? -3.735  -3.086  1.447   1.00 43.42 ? 108 PHE B CG  1 
ATOM   1658 C CD1 . PHE B 2 102 ? -2.744  -3.710  0.688   1.00 41.42 ? 108 PHE B CD1 1 
ATOM   1659 C CD2 . PHE B 2 102 ? -3.972  -1.729  1.252   1.00 43.28 ? 108 PHE B CD2 1 
ATOM   1660 C CE1 . PHE B 2 102 ? -2.008  -3.000  -0.246  1.00 41.36 ? 108 PHE B CE1 1 
ATOM   1661 C CE2 . PHE B 2 102 ? -3.234  -1.007  0.313   1.00 43.73 ? 108 PHE B CE2 1 
ATOM   1662 C CZ  . PHE B 2 102 ? -2.252  -1.641  -0.437  1.00 41.28 ? 108 PHE B CZ  1 
ATOM   1663 N N   . GLY B 2 103 ? -5.782  -6.712  2.832   1.00 43.61 ? 109 GLY B N   1 
ATOM   1664 C CA  . GLY B 2 103 ? -6.147  -7.726  3.796   1.00 42.00 ? 109 GLY B CA  1 
ATOM   1665 C C   . GLY B 2 103 ? -5.295  -7.420  5.015   1.00 41.08 ? 109 GLY B C   1 
ATOM   1666 O O   . GLY B 2 103 ? -4.516  -6.465  4.984   1.00 39.70 ? 109 GLY B O   1 
ATOM   1667 N N   . PRO B 2 104 ? -5.412  -8.198  6.101   1.00 41.81 ? 110 PRO B N   1 
ATOM   1668 C CA  . PRO B 2 104 ? -4.620  -7.963  7.311   1.00 43.15 ? 110 PRO B CA  1 
ATOM   1669 C C   . PRO B 2 104 ? -3.121  -8.123  7.010   1.00 42.75 ? 110 PRO B C   1 
ATOM   1670 O O   . PRO B 2 104 ? -2.291  -7.436  7.601   1.00 43.18 ? 110 PRO B O   1 
ATOM   1671 C CB  . PRO B 2 104 ? -5.329  -8.822  8.349   1.00 43.40 ? 110 PRO B CB  1 
ATOM   1672 C CG  . PRO B 2 104 ? -5.734  -10.026 7.526   1.00 45.70 ? 110 PRO B CG  1 
ATOM   1673 C CD  . PRO B 2 104 ? -6.294  -9.372  6.269   1.00 46.28 ? 110 PRO B CD  1 
ATOM   1674 N N   . GLY B 2 105 ? -2.789  -9.039  6.100   1.00 42.08 ? 111 GLY B N   1 
ATOM   1675 C CA  . GLY B 2 105 ? -1.405  -9.253  5.708   1.00 39.94 ? 111 GLY B CA  1 
ATOM   1676 C C   . GLY B 2 105 ? -0.845  -10.584 6.203   1.00 39.44 ? 111 GLY B C   1 
ATOM   1677 O O   . GLY B 2 105 ? -1.361  -11.204 7.131   1.00 36.86 ? 111 GLY B O   1 
ATOM   1678 N N   . THR B 2 106 ? 0.230   -11.029 5.559   1.00 38.49 ? 112 THR B N   1 
ATOM   1679 C CA  . THR B 2 106 ? 0.893   -12.257 5.968   1.00 37.93 ? 112 THR B CA  1 
ATOM   1680 C C   . THR B 2 106 ? 2.334   -11.952 6.378   1.00 37.06 ? 112 THR B C   1 
ATOM   1681 O O   . THR B 2 106 ? 3.146   -11.511 5.554   1.00 34.34 ? 112 THR B O   1 
ATOM   1682 C CB  . THR B 2 106 ? 0.940   -13.324 4.840   1.00 38.87 ? 112 THR B CB  1 
ATOM   1683 O OG1 . THR B 2 106 ? -0.385  -13.740 4.505   1.00 39.19 ? 112 THR B OG1 1 
ATOM   1684 C CG2 . THR B 2 106 ? 1.750   -14.550 5.309   1.00 38.36 ? 112 THR B CG2 1 
ATOM   1685 N N   . ARG B 2 107 ? 2.636   -12.173 7.654   1.00 35.57 ? 113 ARG B N   1 
ATOM   1686 C CA  . ARG B 2 107 ? 3.986   -11.978 8.169   1.00 36.59 ? 113 ARG B CA  1 
ATOM   1687 C C   . ARG B 2 107 ? 4.742   -13.271 7.880   1.00 35.78 ? 113 ARG B C   1 
ATOM   1688 O O   . ARG B 2 107 ? 4.485   -14.298 8.499   1.00 35.11 ? 113 ARG B O   1 
ATOM   1689 C CB  . ARG B 2 107 ? 3.966   -11.742 9.670   1.00 39.12 ? 113 ARG B CB  1 
ATOM   1690 C CG  . ARG B 2 107 ? 3.152   -10.544 10.074  1.00 48.11 ? 113 ARG B CG  1 
ATOM   1691 C CD  . ARG B 2 107 ? 2.831   -10.573 11.551  1.00 54.34 ? 113 ARG B CD  1 
ATOM   1692 N NE  . ARG B 2 107 ? 1.857   -9.547  11.903  1.00 61.68 ? 113 ARG B NE  1 
ATOM   1693 C CZ  . ARG B 2 107 ? 0.651   -9.442  11.349  1.00 64.06 ? 113 ARG B CZ  1 
ATOM   1694 N NH1 . ARG B 2 107 ? 0.266   -10.303 10.410  1.00 62.24 ? 113 ARG B NH1 1 
ATOM   1695 N NH2 . ARG B 2 107 ? -0.172  -8.475  11.738  1.00 64.33 ? 113 ARG B NH2 1 
ATOM   1696 N N   . LEU B 2 108 ? 5.646   -13.220 6.912   1.00 35.35 ? 114 LEU B N   1 
ATOM   1697 C CA  . LEU B 2 108 ? 6.434   -14.381 6.541   1.00 33.17 ? 114 LEU B CA  1 
ATOM   1698 C C   . LEU B 2 108 ? 7.898   -14.193 6.922   1.00 33.10 ? 114 LEU B C   1 
ATOM   1699 O O   . LEU B 2 108 ? 8.503   -13.159 6.652   1.00 32.81 ? 114 LEU B O   1 
ATOM   1700 C CB  . LEU B 2 108 ? 6.347   -14.624 5.041   1.00 34.44 ? 114 LEU B CB  1 
ATOM   1701 C CG  . LEU B 2 108 ? 7.300   -15.694 4.502   1.00 34.32 ? 114 LEU B CG  1 
ATOM   1702 C CD1 . LEU B 2 108 ? 6.774   -17.075 4.869   1.00 33.85 ? 114 LEU B CD1 1 
ATOM   1703 C CD2 . LEU B 2 108 ? 7.413   -15.562 2.998   1.00 34.93 ? 114 LEU B CD2 1 
ATOM   1704 N N   . THR B 2 109 ? 8.454   -15.203 7.574   1.00 33.61 ? 115 THR B N   1 
ATOM   1705 C CA  . THR B 2 109 ? 9.841   -15.185 7.979   1.00 30.79 ? 115 THR B CA  1 
ATOM   1706 C C   . THR B 2 109 ? 10.482  -16.417 7.348   1.00 31.95 ? 115 THR B C   1 
ATOM   1707 O O   . THR B 2 109 ? 9.949   -17.529 7.436   1.00 28.63 ? 115 THR B O   1 
ATOM   1708 C CB  . THR B 2 109 ? 9.972   -15.242 9.526   1.00 33.22 ? 115 THR B CB  1 
ATOM   1709 O OG1 . THR B 2 109 ? 9.408   -14.054 10.100  1.00 30.16 ? 115 THR B OG1 1 
ATOM   1710 C CG2 . THR B 2 109 ? 11.451  -15.368 9.941   1.00 30.66 ? 115 THR B CG2 1 
ATOM   1711 N N   . VAL B 2 110 ? 11.608  -16.216 6.678   1.00 31.43 ? 116 VAL B N   1 
ATOM   1712 C CA  . VAL B 2 110 ? 12.291  -17.333 6.049   1.00 31.90 ? 116 VAL B CA  1 
ATOM   1713 C C   . VAL B 2 110 ? 13.577  -17.614 6.841   1.00 34.56 ? 116 VAL B C   1 
ATOM   1714 O O   . VAL B 2 110 ? 14.475  -16.775 6.902   1.00 34.95 ? 116 VAL B O   1 
ATOM   1715 C CB  . VAL B 2 110 ? 12.619  -17.032 4.563   1.00 32.68 ? 116 VAL B CB  1 
ATOM   1716 C CG1 . VAL B 2 110 ? 13.213  -18.285 3.885   1.00 30.83 ? 116 VAL B CG1 1 
ATOM   1717 C CG2 . VAL B 2 110 ? 11.331  -16.566 3.811   1.00 28.31 ? 116 VAL B CG2 1 
ATOM   1718 N N   . LEU B 2 111 ? 13.633  -18.796 7.452   1.00 35.20 ? 117 LEU B N   1 
ATOM   1719 C CA  . LEU B 2 111 ? 14.773  -19.242 8.257   1.00 40.34 ? 117 LEU B CA  1 
ATOM   1720 C C   . LEU B 2 111 ? 15.855  -19.896 7.396   1.00 43.86 ? 117 LEU B C   1 
ATOM   1721 O O   . LEU B 2 111 ? 15.907  -21.149 7.361   1.00 45.45 ? 117 LEU B O   1 
ATOM   1722 C CB  . LEU B 2 111 ? 14.300  -20.246 9.321   1.00 40.97 ? 117 LEU B CB  1 
ATOM   1723 C CG  . LEU B 2 111 ? 14.624  -19.942 10.785  1.00 41.03 ? 117 LEU B CG  1 
ATOM   1724 C CD1 . LEU B 2 111 ? 16.131  -19.978 11.021  1.00 39.33 ? 117 LEU B CD1 1 
ATOM   1725 C CD2 . LEU B 2 111 ? 14.054  -18.582 11.132  1.00 40.75 ? 117 LEU B CD2 1 
ATOM   1726 O OXT . LEU B 2 111 ? 16.630  -19.153 6.749   1.00 46.33 ? 117 LEU B OXT 1 
HETATM 1727 O O   . HOH C 3 .   ? -4.088  7.909   -14.034 1.00 50.15 ? 117 HOH A O   1 
HETATM 1728 O O   . HOH C 3 .   ? 7.648   12.151  4.156   1.00 35.61 ? 118 HOH A O   1 
HETATM 1729 O O   . HOH C 3 .   ? -5.099  3.660   -4.220  1.00 37.16 ? 119 HOH A O   1 
HETATM 1730 O O   . HOH C 3 .   ? 0.026   19.473  -0.174  1.00 32.06 ? 120 HOH A O   1 
HETATM 1731 O O   . HOH C 3 .   ? -7.728  -1.593  3.852   1.00 43.58 ? 121 HOH A O   1 
HETATM 1732 O O   . HOH C 3 .   ? 8.056   4.868   -4.751  1.00 37.86 ? 122 HOH A O   1 
HETATM 1733 O O   . HOH C 3 .   ? 3.329   25.428  -6.456  1.00 45.96 ? 123 HOH A O   1 
HETATM 1734 O O   . HOH C 3 .   ? 5.408   1.650   -10.145 1.00 48.20 ? 124 HOH A O   1 
HETATM 1735 O O   . HOH C 3 .   ? 8.936   14.005  0.262   1.00 39.44 ? 125 HOH A O   1 
HETATM 1736 O O   . HOH C 3 .   ? 1.888   3.927   -10.329 1.00 46.96 ? 126 HOH A O   1 
HETATM 1737 O O   . HOH D 3 .   ? 8.656   -3.427  0.194   1.00 30.68 ? 118 HOH B O   1 
HETATM 1738 O O   . HOH D 3 .   ? -10.035 -1.552  -12.118 1.00 37.34 ? 119 HOH B O   1 
HETATM 1739 O O   . HOH D 3 .   ? 17.116  -16.925 7.710   1.00 26.98 ? 120 HOH B O   1 
HETATM 1740 O O   . HOH D 3 .   ? 13.635  -8.892  4.085   1.00 41.61 ? 121 HOH B O   1 
HETATM 1741 O O   . HOH D 3 .   ? 8.744   -23.991 8.113   1.00 34.97 ? 122 HOH B O   1 
HETATM 1742 O O   . HOH D 3 .   ? 14.155  -7.187  -3.165  1.00 47.79 ? 123 HOH B O   1 
HETATM 1743 O O   . HOH D 3 .   ? 5.585   -14.760 12.407  1.00 47.86 ? 124 HOH B O   1 
HETATM 1744 O O   . HOH D 3 .   ? 9.410   -27.051 5.737   1.00 32.85 ? 125 HOH B O   1 
HETATM 1745 O O   . HOH D 3 .   ? -0.009  -8.080  9.289   1.00 42.27 ? 126 HOH B O   1 
HETATM 1746 O O   . HOH D 3 .   ? 0.051   -18.892 -6.827  1.00 38.69 ? 127 HOH B O   1 
HETATM 1747 O O   . HOH D 3 .   ? 7.035   -14.775 10.314  1.00 32.00 ? 128 HOH B O   1 
HETATM 1748 O O   . HOH D 3 .   ? 11.309  -9.743  -5.895  1.00 39.29 ? 129 HOH B O   1 
HETATM 1749 O O   . HOH D 3 .   ? 9.319   1.787   -3.134  1.00 53.39 ? 130 HOH B O   1 
HETATM 1750 O O   . HOH D 3 .   ? -1.273  -17.629 11.440  1.00 43.22 ? 131 HOH B O   1 
HETATM 1751 O O   . HOH D 3 .   ? 5.990   -1.009  -6.536  1.00 37.94 ? 132 HOH B O   1 
# 
